data_7TDO
#
_entry.id   7TDO
#
_cell.length_a   1.00
_cell.length_b   1.00
_cell.length_c   1.00
_cell.angle_alpha   90.00
_cell.angle_beta   90.00
_cell.angle_gamma   90.00
#
_symmetry.space_group_name_H-M   'P 1'
#
loop_
_entity.id
_entity.type
_entity.pdbx_description
1 polymer 'ATP-dependent zinc metalloprotease FtsH'
2 non-polymer "ADENOSINE-5'-DIPHOSPHATE"
#
_entity_poly.entity_id   1
_entity_poly.type   'polypeptide(L)'
_entity_poly.pdbx_seq_one_letter_code
;SNAMNRSNIWNLLFTILIIVTLFWLARFFYVENSPVSKLSYTSFVQMVEDERSVVSEVVIRDDGVLRVYTKDGRVYEVDA
PWAVNDSQLIEKLVSKGIKVSGERSGSSSFWINVLGTLIPTILFIVVWLFIMRSLSGRNNQAFTFTKSRATMYKPSGNKR
VTFKDVGGAEEAIEELKEVVEFLKDPSKFNRIGARMPKGILLVGPPGTGKTLLARAVAGEANVPFFHISGSDFVELFVGV
GAARVRDLFAQAKAHAPCIVFIDEIDAVGRHRGAGLGGGHDEREQTLNQLLVEMDGFDSKEGIIVMAATNRPDILDPALL
RPGRFDKKIVVDPPDMLGRKKILEIHTRNKPLAEDVNLEIIAKRTPGFVGADLENLVNEAALLAAREGRDKITMKDFEEA
IDRVIAGPARKSKLISPKEKRIIAYYEAGHAVVSTVVPNGEPVHRISIIPRGYKALGYTLHLPEEDKYLVSRNELLDKLT
ALLGGRAAEEVVFGDVTSGAANDIERATEIARNMVCQLGMSEELGPLAWGKEEQEVFLGKEITRLRNYSEEVASKIDEEV
KKIVTNCYERAKEIIRKYRKQLDNIVEILLEKETIEGDELRRILSEEFEKVVE
;
_entity_poly.pdbx_strand_id   A,B,C,D,E,F
#
# COMPACT_ATOMS: atom_id res chain seq x y z
N VAL A 161 21.75 1.72 50.19
CA VAL A 161 20.96 2.10 49.03
C VAL A 161 19.52 2.38 49.44
N THR A 162 19.33 3.04 50.57
CA THR A 162 18.00 3.37 51.04
C THR A 162 17.37 4.44 50.14
N PHE A 163 16.14 4.83 50.48
CA PHE A 163 15.42 5.81 49.68
C PHE A 163 16.09 7.18 49.66
N LYS A 164 17.01 7.46 50.60
CA LYS A 164 17.73 8.72 50.59
C LYS A 164 18.71 8.83 49.43
N ASP A 165 18.98 7.73 48.72
CA ASP A 165 19.90 7.73 47.59
C ASP A 165 19.18 7.81 46.26
N VAL A 166 17.86 8.00 46.26
CA VAL A 166 17.08 8.13 45.05
C VAL A 166 16.28 9.43 45.14
N GLY A 167 16.42 10.28 44.14
CA GLY A 167 15.72 11.55 44.11
C GLY A 167 15.06 11.78 42.77
N GLY A 168 14.04 12.63 42.79
CA GLY A 168 13.34 13.02 41.58
C GLY A 168 12.06 12.26 41.28
N ALA A 169 11.62 11.37 42.17
CA ALA A 169 10.38 10.63 41.96
C ALA A 169 9.75 10.41 43.33
N GLU A 170 8.85 11.31 43.71
CA GLU A 170 8.18 11.23 45.01
C GLU A 170 6.85 10.50 44.96
N GLU A 171 6.43 10.05 43.78
CA GLU A 171 5.20 9.28 43.65
C GLU A 171 5.43 7.80 43.50
N ALA A 172 6.65 7.38 43.16
CA ALA A 172 7.02 5.98 43.15
C ALA A 172 7.69 5.56 44.45
N ILE A 173 7.81 6.47 45.41
CA ILE A 173 8.37 6.17 46.73
C ILE A 173 7.29 6.12 47.80
N GLU A 174 6.47 7.17 47.89
CA GLU A 174 5.38 7.19 48.86
C GLU A 174 4.38 6.08 48.58
N GLU A 175 4.07 5.86 47.30
CA GLU A 175 3.17 4.77 46.92
C GLU A 175 3.80 3.40 47.16
N LEU A 176 5.13 3.31 47.17
CA LEU A 176 5.83 2.03 47.26
C LEU A 176 6.56 1.92 48.60
N LYS A 177 5.90 2.34 49.68
CA LYS A 177 6.45 2.19 51.02
C LYS A 177 5.75 1.13 51.84
N GLU A 178 4.45 0.90 51.63
CA GLU A 178 3.76 -0.15 52.36
C GLU A 178 4.28 -1.55 52.00
N VAL A 179 4.87 -1.70 50.80
CA VAL A 179 5.48 -2.96 50.44
C VAL A 179 6.60 -3.31 51.42
N VAL A 180 7.38 -2.30 51.82
CA VAL A 180 8.36 -2.50 52.87
C VAL A 180 7.65 -2.84 54.18
N GLU A 181 6.58 -2.11 54.49
CA GLU A 181 5.80 -2.40 55.69
C GLU A 181 5.16 -3.78 55.64
N PHE A 182 4.64 -4.18 54.47
CA PHE A 182 4.02 -5.50 54.33
C PHE A 182 5.02 -6.61 54.61
N LEU A 183 6.31 -6.38 54.36
CA LEU A 183 7.35 -7.35 54.67
C LEU A 183 7.78 -7.29 56.12
N LYS A 184 7.17 -6.44 56.94
CA LYS A 184 7.46 -6.34 58.37
C LYS A 184 6.35 -6.91 59.24
N ASP A 185 5.11 -6.46 59.04
CA ASP A 185 3.96 -6.91 59.83
C ASP A 185 2.84 -7.30 58.88
N PRO A 186 2.89 -8.51 58.32
CA PRO A 186 1.85 -8.92 57.37
C PRO A 186 0.52 -9.24 58.03
N SER A 187 0.44 -9.08 59.36
CA SER A 187 -0.80 -9.37 60.07
C SER A 187 -1.85 -8.29 59.86
N LYS A 188 -1.43 -7.05 59.58
CA LYS A 188 -2.39 -5.97 59.41
C LYS A 188 -3.23 -6.15 58.16
N PHE A 189 -2.68 -6.78 57.12
CA PHE A 189 -3.36 -6.90 55.84
C PHE A 189 -4.22 -8.15 55.73
N ASN A 190 -4.25 -8.99 56.77
CA ASN A 190 -5.10 -10.17 56.77
C ASN A 190 -6.33 -10.04 57.67
N ARG A 191 -6.33 -9.08 58.59
CA ARG A 191 -7.49 -8.88 59.44
C ARG A 191 -8.68 -8.30 58.66
N ILE A 192 -8.42 -7.71 57.50
CA ILE A 192 -9.46 -7.08 56.70
C ILE A 192 -9.76 -7.86 55.44
N GLY A 193 -8.72 -8.38 54.77
CA GLY A 193 -8.92 -9.14 53.55
C GLY A 193 -8.05 -8.69 52.41
N ALA A 194 -7.02 -7.89 52.71
CA ALA A 194 -6.12 -7.40 51.69
C ALA A 194 -5.38 -8.56 51.03
N ARG A 195 -5.16 -8.43 49.71
CA ARG A 195 -4.58 -9.50 48.91
C ARG A 195 -3.41 -8.92 48.09
N MET A 196 -2.47 -8.28 48.80
CA MET A 196 -1.29 -7.61 48.24
C MET A 196 -0.73 -8.35 47.04
N PRO A 197 -0.59 -7.69 45.90
CA PRO A 197 -0.31 -8.39 44.65
C PRO A 197 1.05 -9.08 44.66
N LYS A 198 1.12 -10.16 43.89
CA LYS A 198 2.35 -10.92 43.72
C LYS A 198 3.34 -10.26 42.77
N GLY A 199 2.86 -9.53 41.78
CA GLY A 199 3.71 -8.91 40.78
C GLY A 199 3.49 -7.41 40.69
N ILE A 200 4.56 -6.67 40.44
CA ILE A 200 4.53 -5.22 40.31
C ILE A 200 5.20 -4.85 38.99
N LEU A 201 4.52 -4.04 38.19
CA LEU A 201 4.96 -3.70 36.85
C LEU A 201 5.35 -2.22 36.80
N LEU A 202 6.65 -1.96 36.64
CA LEU A 202 7.16 -0.59 36.52
C LEU A 202 7.21 -0.19 35.05
N VAL A 203 6.57 0.92 34.71
CA VAL A 203 6.50 1.39 33.32
C VAL A 203 6.95 2.84 33.26
N GLY A 204 7.69 3.18 32.21
CA GLY A 204 8.15 4.52 31.99
C GLY A 204 9.15 4.61 30.85
N PRO A 205 9.53 5.83 30.48
CA PRO A 205 10.53 6.00 29.43
C PRO A 205 11.83 5.33 29.82
N PRO A 206 12.60 4.84 28.85
CA PRO A 206 13.86 4.17 29.17
C PRO A 206 14.87 5.12 29.79
N GLY A 207 15.69 4.57 30.68
CA GLY A 207 16.69 5.37 31.37
C GLY A 207 16.16 6.22 32.49
N THR A 208 14.88 6.07 32.84
CA THR A 208 14.30 6.90 33.91
C THR A 208 14.86 6.53 35.27
N GLY A 209 15.22 5.26 35.47
CA GLY A 209 15.71 4.80 36.76
C GLY A 209 14.83 3.75 37.40
N LYS A 210 14.18 2.94 36.56
CA LYS A 210 13.30 1.88 37.07
C LYS A 210 14.09 0.85 37.86
N THR A 211 15.26 0.45 37.36
CA THR A 211 16.03 -0.60 38.01
C THR A 211 16.51 -0.18 39.39
N LEU A 212 16.84 1.10 39.56
CA LEU A 212 17.38 1.56 40.84
C LEU A 212 16.36 1.44 41.96
N LEU A 213 15.07 1.61 41.64
CA LEU A 213 14.05 1.57 42.68
C LEU A 213 13.94 0.18 43.30
N ALA A 214 14.03 -0.88 42.48
CA ALA A 214 13.97 -2.23 43.02
C ALA A 214 15.13 -2.51 43.96
N ARG A 215 16.34 -2.10 43.58
CA ARG A 215 17.48 -2.26 44.46
C ARG A 215 17.30 -1.47 45.74
N ALA A 216 16.73 -0.26 45.63
CA ALA A 216 16.51 0.56 46.82
C ALA A 216 15.54 -0.10 47.79
N VAL A 217 14.43 -0.63 47.27
CA VAL A 217 13.46 -1.25 48.16
C VAL A 217 14.01 -2.56 48.72
N ALA A 218 14.80 -3.30 47.94
CA ALA A 218 15.44 -4.50 48.46
C ALA A 218 16.40 -4.18 49.60
N GLY A 219 17.17 -3.09 49.45
CA GLY A 219 18.09 -2.70 50.50
C GLY A 219 17.45 -1.97 51.67
N GLU A 220 16.21 -1.52 51.52
CA GLU A 220 15.55 -0.79 52.60
C GLU A 220 15.42 -1.68 53.84
N ALA A 221 14.91 -2.90 53.65
CA ALA A 221 14.89 -3.92 54.69
C ALA A 221 15.78 -5.07 54.24
N ASN A 222 16.72 -5.46 55.10
CA ASN A 222 17.76 -6.41 54.71
C ASN A 222 17.15 -7.71 54.19
N VAL A 223 17.24 -7.92 52.88
CA VAL A 223 16.55 -9.02 52.20
C VAL A 223 17.38 -9.41 50.98
N PRO A 224 17.52 -10.70 50.68
CA PRO A 224 18.22 -11.12 49.46
C PRO A 224 17.56 -10.53 48.22
N PHE A 225 18.37 -10.23 47.21
CA PHE A 225 17.90 -9.68 45.95
C PHE A 225 18.44 -10.54 44.81
N PHE A 226 17.54 -11.02 43.94
CA PHE A 226 17.92 -11.81 42.78
C PHE A 226 17.48 -11.09 41.52
N HIS A 227 18.45 -10.60 40.74
CA HIS A 227 18.18 -9.87 39.51
C HIS A 227 18.37 -10.80 38.32
N ILE A 228 17.38 -10.79 37.42
CA ILE A 228 17.43 -11.57 36.19
C ILE A 228 16.94 -10.68 35.06
N SER A 229 17.66 -10.68 33.94
CA SER A 229 17.31 -9.86 32.79
C SER A 229 16.62 -10.71 31.73
N GLY A 230 15.51 -10.18 31.20
CA GLY A 230 14.82 -10.87 30.12
C GLY A 230 15.57 -10.85 28.80
N SER A 231 16.52 -9.92 28.65
CA SER A 231 17.37 -9.94 27.46
C SER A 231 18.27 -11.16 27.45
N ASP A 232 18.63 -11.69 28.62
CA ASP A 232 19.40 -12.91 28.68
C ASP A 232 18.60 -14.10 28.15
N PHE A 233 17.29 -14.11 28.35
CA PHE A 233 16.45 -15.17 27.82
C PHE A 233 16.40 -15.16 26.29
N VAL A 234 16.79 -14.05 25.67
CA VAL A 234 16.78 -13.97 24.21
C VAL A 234 17.94 -14.78 23.65
N GLU A 235 17.66 -15.59 22.63
CA GLU A 235 18.63 -16.40 21.91
C GLU A 235 19.25 -17.49 22.78
N LEU A 236 18.70 -17.76 23.96
CA LEU A 236 19.17 -18.87 24.77
C LEU A 236 18.73 -20.20 24.16
N PHE A 237 19.46 -21.25 24.50
CA PHE A 237 19.13 -22.58 24.00
C PHE A 237 17.79 -23.03 24.56
N VAL A 238 17.14 -23.93 23.83
CA VAL A 238 15.79 -24.38 24.20
C VAL A 238 15.84 -25.06 25.56
N GLY A 239 15.02 -24.58 26.49
CA GLY A 239 14.93 -25.15 27.82
C GLY A 239 15.84 -24.53 28.85
N VAL A 240 16.86 -23.78 28.43
CA VAL A 240 17.78 -23.16 29.38
C VAL A 240 17.04 -22.13 30.23
N GLY A 241 16.20 -21.31 29.61
CA GLY A 241 15.46 -20.31 30.36
C GLY A 241 14.52 -20.93 31.39
N ALA A 242 13.82 -21.99 31.01
CA ALA A 242 12.93 -22.66 31.96
C ALA A 242 13.70 -23.23 33.13
N ALA A 243 14.85 -23.84 32.87
CA ALA A 243 15.68 -24.36 33.95
C ALA A 243 16.18 -23.25 34.86
N ARG A 244 16.59 -22.12 34.28
CA ARG A 244 17.03 -20.98 35.08
C ARG A 244 15.91 -20.47 35.97
N VAL A 245 14.70 -20.36 35.41
CA VAL A 245 13.55 -19.89 36.19
C VAL A 245 13.24 -20.85 37.33
N ARG A 246 13.24 -22.15 37.04
CA ARG A 246 12.95 -23.14 38.08
C ARG A 246 13.99 -23.10 39.18
N ASP A 247 15.27 -22.99 38.81
CA ASP A 247 16.32 -22.90 39.82
C ASP A 247 16.21 -21.60 40.61
N LEU A 248 15.78 -20.52 39.96
CA LEU A 248 15.60 -19.24 40.67
C LEU A 248 14.54 -19.37 41.76
N PHE A 249 13.36 -19.86 41.41
CA PHE A 249 12.35 -20.03 42.45
C PHE A 249 12.72 -21.10 43.46
N ALA A 250 13.48 -22.13 43.05
CA ALA A 250 13.95 -23.11 44.03
C ALA A 250 14.85 -22.47 45.06
N GLN A 251 15.77 -21.61 44.62
CA GLN A 251 16.60 -20.87 45.56
C GLN A 251 15.77 -19.92 46.41
N ALA A 252 14.81 -19.23 45.79
CA ALA A 252 14.04 -18.22 46.51
C ALA A 252 13.20 -18.84 47.62
N LYS A 253 12.56 -19.98 47.34
CA LYS A 253 11.68 -20.59 48.33
C LYS A 253 12.45 -21.11 49.54
N ALA A 254 13.75 -21.35 49.40
CA ALA A 254 14.53 -21.87 50.52
C ALA A 254 14.83 -20.81 51.57
N HIS A 255 14.82 -19.54 51.17
CA HIS A 255 15.24 -18.45 52.05
C HIS A 255 14.04 -17.76 52.68
N ALA A 256 14.33 -16.71 53.46
CA ALA A 256 13.33 -15.84 54.05
C ALA A 256 12.61 -15.08 52.93
N PRO A 257 11.56 -14.28 53.28
CA PRO A 257 10.93 -13.44 52.26
C PRO A 257 11.94 -12.64 51.44
N CYS A 258 12.00 -12.93 50.15
CA CYS A 258 13.04 -12.44 49.26
C CYS A 258 12.46 -11.49 48.22
N ILE A 259 13.35 -10.89 47.42
CA ILE A 259 12.98 -9.98 46.35
C ILE A 259 13.59 -10.50 45.06
N VAL A 260 12.75 -10.69 44.05
CA VAL A 260 13.18 -11.16 42.74
C VAL A 260 12.77 -10.14 41.69
N PHE A 261 13.73 -9.69 40.89
CA PHE A 261 13.50 -8.71 39.85
C PHE A 261 13.71 -9.35 38.48
N ILE A 262 12.76 -9.12 37.58
CA ILE A 262 12.86 -9.54 36.19
C ILE A 262 12.83 -8.30 35.32
N ASP A 263 13.82 -8.15 34.45
CA ASP A 263 13.98 -6.96 33.64
C ASP A 263 13.64 -7.27 32.19
N GLU A 264 13.17 -6.24 31.47
CA GLU A 264 12.98 -6.28 30.03
C GLU A 264 12.02 -7.40 29.64
N ILE A 265 10.80 -7.34 30.17
CA ILE A 265 9.81 -8.38 29.95
C ILE A 265 9.03 -8.19 28.64
N ASP A 266 9.17 -7.04 27.99
CA ASP A 266 8.46 -6.80 26.74
C ASP A 266 8.92 -7.74 25.64
N ALA A 267 10.22 -8.03 25.58
CA ALA A 267 10.75 -8.89 24.53
C ALA A 267 10.27 -10.33 24.69
N VAL A 268 10.27 -10.84 25.92
CA VAL A 268 9.83 -12.22 26.16
C VAL A 268 8.35 -12.39 25.82
N GLY A 269 7.52 -11.45 26.27
CA GLY A 269 6.10 -11.51 26.02
C GLY A 269 5.65 -10.63 24.87
N GLU A 284 8.88 -18.19 23.93
CA GLU A 284 7.50 -18.63 24.06
C GLU A 284 7.39 -19.76 25.07
N GLN A 285 8.31 -20.73 24.99
CA GLN A 285 8.30 -21.85 25.91
C GLN A 285 8.52 -21.39 27.35
N THR A 286 9.48 -20.48 27.56
CA THR A 286 9.73 -19.98 28.91
C THR A 286 8.57 -19.12 29.41
N LEU A 287 7.82 -18.50 28.49
CA LEU A 287 6.68 -17.68 28.90
C LEU A 287 5.63 -18.52 29.61
N ASN A 288 5.20 -19.62 28.99
CA ASN A 288 4.15 -20.43 29.58
C ASN A 288 4.61 -21.07 30.90
N GLN A 289 5.88 -21.46 30.96
CA GLN A 289 6.42 -22.01 32.21
C GLN A 289 6.40 -20.98 33.32
N LEU A 290 6.64 -19.71 32.99
CA LEU A 290 6.62 -18.66 34.00
C LEU A 290 5.23 -18.48 34.60
N LEU A 291 4.20 -18.45 33.74
CA LEU A 291 2.83 -18.23 34.23
C LEU A 291 2.40 -19.34 35.19
N VAL A 292 2.69 -20.59 34.85
CA VAL A 292 2.28 -21.71 35.70
C VAL A 292 3.03 -21.69 37.01
N GLU A 293 4.35 -21.48 36.96
CA GLU A 293 5.16 -21.51 38.17
C GLU A 293 4.83 -20.35 39.10
N MET A 294 4.51 -19.18 38.52
CA MET A 294 4.10 -18.05 39.34
C MET A 294 2.83 -18.36 40.11
N ASP A 295 1.85 -19.00 39.45
CA ASP A 295 0.60 -19.35 40.12
C ASP A 295 0.80 -20.41 41.19
N GLY A 296 1.93 -21.12 41.19
CA GLY A 296 2.16 -22.19 42.13
C GLY A 296 2.29 -21.73 43.57
N PHE A 297 3.28 -20.89 43.84
CA PHE A 297 3.56 -20.46 45.20
C PHE A 297 2.48 -19.49 45.68
N ASP A 298 2.50 -19.20 46.97
CA ASP A 298 1.53 -18.33 47.61
C ASP A 298 2.14 -16.98 47.92
N SER A 299 1.29 -15.95 47.96
CA SER A 299 1.76 -14.60 48.24
C SER A 299 2.12 -14.39 49.70
N LYS A 300 1.65 -15.26 50.59
CA LYS A 300 1.95 -15.13 52.01
C LYS A 300 3.33 -15.66 52.39
N GLU A 301 3.99 -16.38 51.49
CA GLU A 301 5.34 -16.88 51.79
C GLU A 301 6.33 -15.73 51.91
N GLY A 302 6.18 -14.70 51.08
CA GLY A 302 7.09 -13.57 51.11
C GLY A 302 7.83 -13.40 49.79
N ILE A 303 7.21 -13.84 48.70
CA ILE A 303 7.79 -13.76 47.37
C ILE A 303 7.21 -12.55 46.66
N ILE A 304 8.07 -11.67 46.17
CA ILE A 304 7.67 -10.47 45.45
C ILE A 304 8.36 -10.46 44.11
N VAL A 305 7.61 -10.21 43.05
CA VAL A 305 8.12 -10.20 41.68
C VAL A 305 7.92 -8.79 41.12
N MET A 306 9.00 -8.20 40.63
CA MET A 306 8.97 -6.85 40.05
C MET A 306 9.37 -6.93 38.59
N ALA A 307 8.53 -6.41 37.71
CA ALA A 307 8.77 -6.39 36.27
C ALA A 307 8.91 -4.96 35.79
N ALA A 308 9.84 -4.74 34.86
CA ALA A 308 10.13 -3.41 34.34
C ALA A 308 10.13 -3.48 32.82
N THR A 309 9.13 -2.88 32.18
CA THR A 309 9.01 -2.85 30.73
C THR A 309 9.11 -1.42 30.23
N ASN A 310 9.66 -1.27 29.03
CA ASN A 310 9.74 0.03 28.37
C ASN A 310 8.56 0.32 27.46
N ARG A 311 7.65 -0.64 27.29
CA ARG A 311 6.51 -0.48 26.41
C ARG A 311 5.30 -1.17 27.04
N PRO A 312 4.18 -0.47 27.20
CA PRO A 312 2.99 -1.07 27.81
C PRO A 312 2.00 -1.69 26.84
N ASP A 313 2.25 -1.61 25.54
CA ASP A 313 1.30 -2.08 24.53
C ASP A 313 1.68 -3.43 23.93
N ILE A 314 2.97 -3.66 23.66
CA ILE A 314 3.41 -4.92 23.06
C ILE A 314 3.43 -6.06 24.06
N LEU A 315 3.06 -5.81 25.31
CA LEU A 315 3.06 -6.86 26.32
C LEU A 315 1.99 -7.91 26.02
N ASP A 316 2.22 -9.11 26.52
CA ASP A 316 1.28 -10.21 26.33
C ASP A 316 -0.02 -9.90 27.09
N PRO A 317 -1.17 -9.88 26.41
CA PRO A 317 -2.42 -9.57 27.13
C PRO A 317 -2.75 -10.54 28.24
N ALA A 318 -2.32 -11.80 28.12
CA ALA A 318 -2.64 -12.79 29.15
C ALA A 318 -2.07 -12.41 30.51
N LEU A 319 -0.93 -11.71 30.53
CA LEU A 319 -0.32 -11.33 31.80
C LEU A 319 -1.14 -10.28 32.55
N LEU A 320 -2.08 -9.63 31.88
CA LEU A 320 -2.91 -8.61 32.52
C LEU A 320 -4.10 -9.19 33.27
N ARG A 321 -4.32 -10.50 33.18
CA ARG A 321 -5.42 -11.12 33.90
C ARG A 321 -5.16 -11.09 35.41
N PRO A 322 -6.22 -11.10 36.22
CA PRO A 322 -6.03 -11.07 37.68
C PRO A 322 -5.27 -12.30 38.16
N GLY A 323 -4.54 -12.12 39.27
CA GLY A 323 -3.62 -13.11 39.77
C GLY A 323 -2.23 -13.00 39.18
N ARG A 324 -2.13 -12.52 37.94
CA ARG A 324 -0.85 -12.22 37.30
C ARG A 324 -0.50 -10.76 37.58
N PHE A 325 0.46 -10.21 36.84
CA PHE A 325 0.82 -8.80 36.98
C PHE A 325 -0.40 -7.91 36.79
N ASP A 326 -0.81 -7.23 37.86
CA ASP A 326 -2.00 -6.38 37.82
C ASP A 326 -1.79 -4.98 38.39
N LYS A 327 -0.75 -4.76 39.20
CA LYS A 327 -0.48 -3.46 39.79
C LYS A 327 0.71 -2.84 39.07
N LYS A 328 0.52 -1.62 38.55
CA LYS A 328 1.53 -0.95 37.76
C LYS A 328 1.87 0.40 38.37
N ILE A 329 3.14 0.78 38.27
CA ILE A 329 3.66 2.03 38.78
C ILE A 329 4.31 2.78 37.61
N VAL A 330 3.91 4.03 37.41
CA VAL A 330 4.40 4.84 36.30
C VAL A 330 5.47 5.78 36.81
N VAL A 331 6.63 5.77 36.16
CA VAL A 331 7.72 6.69 36.46
C VAL A 331 7.78 7.73 35.36
N ASP A 332 8.12 8.96 35.72
CA ASP A 332 8.09 10.09 34.81
C ASP A 332 9.40 10.86 34.88
N PRO A 333 9.77 11.57 33.80
CA PRO A 333 10.97 12.38 33.84
C PRO A 333 10.84 13.48 34.88
N PRO A 334 11.96 13.86 35.52
CA PRO A 334 11.88 14.86 36.59
C PRO A 334 11.53 16.23 36.05
N ASP A 335 10.96 17.04 36.94
CA ASP A 335 10.70 18.45 36.65
C ASP A 335 11.91 19.28 37.08
N MET A 336 11.75 20.60 37.18
CA MET A 336 12.90 21.47 37.43
C MET A 336 13.57 21.14 38.77
N LEU A 337 12.78 20.91 39.81
CA LEU A 337 13.37 20.66 41.13
C LEU A 337 13.98 19.28 41.22
N GLY A 338 13.51 18.33 40.42
CA GLY A 338 14.07 16.98 40.47
C GLY A 338 15.51 16.93 39.98
N ARG A 339 15.81 17.67 38.91
CA ARG A 339 17.17 17.66 38.37
C ARG A 339 18.16 18.25 39.35
N LYS A 340 17.74 19.25 40.14
CA LYS A 340 18.60 19.77 41.20
C LYS A 340 18.96 18.69 42.20
N LYS A 341 17.96 17.90 42.61
CA LYS A 341 18.21 16.82 43.57
C LYS A 341 19.13 15.76 42.99
N ILE A 342 18.92 15.40 41.71
CA ILE A 342 19.79 14.41 41.09
C ILE A 342 21.22 14.90 41.03
N LEU A 343 21.42 16.16 40.64
CA LEU A 343 22.77 16.73 40.61
C LEU A 343 23.38 16.74 42.01
N GLU A 344 22.60 17.11 43.03
CA GLU A 344 23.10 17.08 44.39
C GLU A 344 23.54 15.68 44.79
N ILE A 345 22.79 14.66 44.37
CA ILE A 345 23.13 13.29 44.71
C ILE A 345 24.43 12.88 44.04
N HIS A 346 24.59 13.19 42.76
CA HIS A 346 25.70 12.66 41.99
C HIS A 346 27.00 13.43 42.12
N THR A 347 27.03 14.55 42.87
CA THR A 347 28.23 15.36 42.95
C THR A 347 28.83 15.41 44.35
N ARG A 348 28.38 14.54 45.26
CA ARG A 348 28.86 14.61 46.63
C ARG A 348 30.36 14.32 46.73
N ASN A 349 30.84 13.32 45.99
CA ASN A 349 32.23 12.92 46.11
C ASN A 349 33.19 13.89 45.43
N LYS A 350 32.82 14.39 44.25
CA LYS A 350 33.77 15.12 43.42
C LYS A 350 34.08 16.49 44.02
N PRO A 351 35.32 16.98 43.82
CA PRO A 351 35.71 18.26 44.42
C PRO A 351 35.32 19.47 43.60
N LEU A 352 34.08 19.95 43.76
CA LEU A 352 33.63 21.12 43.04
C LEU A 352 34.37 22.37 43.52
N ALA A 353 34.36 23.40 42.67
CA ALA A 353 34.98 24.68 43.01
C ALA A 353 34.02 25.48 43.88
N GLU A 354 34.33 26.77 44.09
CA GLU A 354 33.55 27.61 44.98
C GLU A 354 32.52 28.47 44.26
N ASP A 355 32.63 28.64 42.94
CA ASP A 355 31.70 29.47 42.19
C ASP A 355 30.66 28.67 41.42
N VAL A 356 30.62 27.36 41.59
CA VAL A 356 29.68 26.51 40.85
C VAL A 356 28.31 26.64 41.49
N ASN A 357 27.32 27.05 40.71
CA ASN A 357 25.93 27.16 41.15
C ASN A 357 25.13 26.07 40.46
N LEU A 358 24.51 25.19 41.25
CA LEU A 358 23.76 24.08 40.69
C LEU A 358 22.36 24.45 40.25
N GLU A 359 21.84 25.61 40.67
CA GLU A 359 20.52 26.02 40.22
C GLU A 359 20.55 26.50 38.77
N ILE A 360 21.61 27.21 38.38
CA ILE A 360 21.74 27.67 37.00
C ILE A 360 21.85 26.47 36.06
N ILE A 361 22.66 25.48 36.42
CA ILE A 361 22.81 24.30 35.59
C ILE A 361 21.55 23.44 35.62
N ALA A 362 20.70 23.62 36.63
CA ALA A 362 19.45 22.87 36.68
C ALA A 362 18.40 23.40 35.71
N LYS A 363 18.40 24.71 35.46
CA LYS A 363 17.40 25.31 34.58
C LYS A 363 17.78 25.28 33.11
N ARG A 364 19.03 24.98 32.78
CA ARG A 364 19.47 24.94 31.39
C ARG A 364 19.44 23.54 30.80
N THR A 365 18.84 22.58 31.48
CA THR A 365 18.83 21.19 31.03
C THR A 365 17.42 20.61 31.06
N PRO A 366 16.51 21.15 30.25
CA PRO A 366 15.14 20.61 30.21
C PRO A 366 15.06 19.37 29.35
N GLY A 367 14.25 18.42 29.79
CA GLY A 367 14.06 17.18 29.06
C GLY A 367 15.08 16.10 29.34
N PHE A 368 16.10 16.39 30.14
CA PHE A 368 17.10 15.37 30.46
C PHE A 368 16.53 14.38 31.46
N VAL A 369 16.68 13.09 31.16
CA VAL A 369 16.32 12.03 32.09
C VAL A 369 17.45 11.89 33.10
N GLY A 370 17.18 11.18 34.20
CA GLY A 370 18.15 11.11 35.28
C GLY A 370 19.47 10.46 34.91
N ALA A 371 19.50 9.70 33.82
CA ALA A 371 20.73 9.02 33.43
C ALA A 371 21.75 9.97 32.79
N ASP A 372 21.28 11.02 32.11
CA ASP A 372 22.18 11.88 31.35
C ASP A 372 22.96 12.84 32.24
N LEU A 373 22.45 13.18 33.42
CA LEU A 373 23.12 14.16 34.26
C LEU A 373 24.44 13.62 34.81
N GLU A 374 24.48 12.33 35.13
CA GLU A 374 25.73 11.72 35.58
C GLU A 374 26.77 11.73 34.46
N ASN A 375 26.32 11.46 33.22
CA ASN A 375 27.21 11.55 32.08
C ASN A 375 27.72 12.97 31.89
N LEU A 376 26.85 13.96 32.10
CA LEU A 376 27.27 15.36 32.02
C LEU A 376 28.36 15.67 33.06
N VAL A 377 28.17 15.19 34.28
CA VAL A 377 29.17 15.41 35.33
C VAL A 377 30.49 14.75 34.95
N ASN A 378 30.42 13.52 34.42
CA ASN A 378 31.64 12.83 34.01
C ASN A 378 32.35 13.57 32.88
N GLU A 379 31.61 14.09 31.91
CA GLU A 379 32.21 14.84 30.82
C GLU A 379 32.86 16.11 31.33
N ALA A 380 32.21 16.81 32.25
CA ALA A 380 32.81 17.99 32.86
C ALA A 380 34.10 17.63 33.58
N ALA A 381 34.11 16.49 34.27
CA ALA A 381 35.32 16.03 34.92
C ALA A 381 36.43 15.77 33.91
N LEU A 382 36.09 15.16 32.78
CA LEU A 382 37.09 14.91 31.73
C LEU A 382 37.69 16.22 31.23
N LEU A 383 36.83 17.19 30.91
CA LEU A 383 37.34 18.47 30.40
C LEU A 383 38.15 19.21 31.45
N ALA A 384 37.79 19.09 32.73
CA ALA A 384 38.60 19.68 33.77
C ALA A 384 39.96 18.99 33.88
N ALA A 385 39.98 17.67 33.69
CA ALA A 385 41.20 16.91 33.82
C ALA A 385 42.15 17.07 32.63
N ARG A 386 41.63 17.43 31.46
CA ARG A 386 42.49 17.53 30.28
C ARG A 386 43.60 18.54 30.49
N GLU A 387 43.27 19.73 31.01
CA GLU A 387 44.31 20.71 31.31
C GLU A 387 45.10 20.32 32.54
N GLY A 388 44.44 19.79 33.56
CA GLY A 388 45.10 19.36 34.77
C GLY A 388 44.95 20.34 35.91
N ARG A 389 44.01 20.07 36.81
CA ARG A 389 43.72 20.92 37.96
C ARG A 389 42.75 20.18 38.86
N ASP A 390 42.85 20.43 40.16
CA ASP A 390 42.17 19.63 41.16
C ASP A 390 40.74 20.09 41.44
N LYS A 391 40.23 21.08 40.73
CA LYS A 391 38.88 21.57 40.93
C LYS A 391 38.18 21.74 39.60
N ILE A 392 36.84 21.68 39.64
CA ILE A 392 36.00 21.85 38.46
C ILE A 392 35.29 23.18 38.61
N THR A 393 35.62 24.14 37.73
CA THR A 393 35.04 25.47 37.81
C THR A 393 33.75 25.53 37.00
N MET A 394 33.08 26.68 37.04
CA MET A 394 31.81 26.84 36.34
C MET A 394 31.99 26.76 34.83
N LYS A 395 33.08 27.32 34.31
CA LYS A 395 33.29 27.36 32.87
C LYS A 395 33.30 25.96 32.25
N ASP A 396 33.74 24.95 33.01
CA ASP A 396 33.74 23.59 32.50
C ASP A 396 32.32 23.04 32.40
N PHE A 397 31.49 23.33 33.40
CA PHE A 397 30.11 22.85 33.36
C PHE A 397 29.34 23.46 32.19
N GLU A 398 29.40 24.79 32.05
CA GLU A 398 28.62 25.46 31.02
C GLU A 398 29.05 25.02 29.62
N GLU A 399 30.36 24.88 29.40
CA GLU A 399 30.83 24.49 28.08
C GLU A 399 30.60 23.01 27.80
N ALA A 400 30.48 22.18 28.84
CA ALA A 400 30.23 20.76 28.64
C ALA A 400 28.78 20.49 28.24
N ILE A 401 27.85 21.36 28.63
CA ILE A 401 26.46 21.20 28.21
C ILE A 401 26.31 21.44 26.72
N ASP A 402 27.02 22.42 26.19
CA ASP A 402 26.90 22.76 24.77
C ASP A 402 27.35 21.62 23.88
N ARG A 403 28.44 20.95 24.24
CA ARG A 403 28.96 19.86 23.42
C ARG A 403 28.01 18.66 23.38
N VAL A 404 27.02 18.60 24.25
CA VAL A 404 26.05 17.51 24.21
C VAL A 404 24.87 17.87 23.33
N ILE A 405 24.43 19.13 23.35
CA ILE A 405 23.26 19.54 22.57
C ILE A 405 23.62 19.71 21.10
N ALA A 406 24.62 20.56 20.82
CA ALA A 406 24.96 20.91 19.45
C ALA A 406 26.17 20.13 18.94
N GLY A 407 27.31 20.27 19.62
CA GLY A 407 28.52 19.61 19.19
C GLY A 407 29.77 20.39 19.55
N PRO A 408 30.93 19.84 19.24
CA PRO A 408 32.18 20.54 19.55
C PRO A 408 32.38 21.75 18.65
N ALA A 409 33.11 22.73 19.16
CA ALA A 409 33.41 23.93 18.39
C ALA A 409 34.30 23.59 17.20
N ARG A 410 34.13 24.34 16.12
CA ARG A 410 34.85 24.11 14.87
C ARG A 410 35.63 25.36 14.52
N LYS A 411 36.86 25.45 15.01
CA LYS A 411 37.73 26.59 14.70
C LYS A 411 38.41 26.47 13.35
N SER A 412 38.33 25.30 12.70
CA SER A 412 38.95 25.15 11.38
C SER A 412 38.14 25.85 10.30
N LYS A 413 36.84 26.03 10.52
CA LYS A 413 35.99 26.69 9.54
C LYS A 413 36.40 28.14 9.36
N LEU A 414 36.45 28.59 8.11
CA LEU A 414 36.85 29.95 7.77
C LEU A 414 35.64 30.72 7.26
N ILE A 415 35.43 31.91 7.81
CA ILE A 415 34.31 32.77 7.44
C ILE A 415 34.88 34.07 6.88
N SER A 416 34.38 34.47 5.71
CA SER A 416 34.86 35.68 5.07
C SER A 416 34.57 36.90 5.95
N PRO A 417 35.47 37.89 5.98
CA PRO A 417 35.22 39.05 6.84
C PRO A 417 33.96 39.82 6.51
N LYS A 418 33.55 39.84 5.24
CA LYS A 418 32.32 40.52 4.84
C LYS A 418 31.09 39.64 5.02
N GLU A 419 31.26 38.39 5.46
CA GLU A 419 30.15 37.48 5.67
C GLU A 419 29.86 37.23 7.15
N LYS A 420 30.82 37.47 8.03
CA LYS A 420 30.58 37.37 9.47
C LYS A 420 30.07 38.67 10.05
N ARG A 421 30.03 39.76 9.27
CA ARG A 421 29.38 40.97 9.71
C ARG A 421 27.86 40.87 9.62
N ILE A 422 27.35 40.05 8.70
CA ILE A 422 25.92 39.83 8.61
C ILE A 422 25.42 39.03 9.80
N ILE A 423 26.18 38.01 10.21
CA ILE A 423 25.76 37.20 11.35
C ILE A 423 25.77 38.01 12.63
N ALA A 424 26.71 38.94 12.78
CA ALA A 424 26.74 39.79 13.96
C ALA A 424 25.50 40.68 14.06
N TYR A 425 24.91 41.06 12.93
CA TYR A 425 23.69 41.87 12.93
C TYR A 425 22.43 41.03 13.03
N TYR A 426 22.48 39.79 12.56
CA TYR A 426 21.31 38.93 12.63
C TYR A 426 21.06 38.42 14.05
N GLU A 427 22.11 38.27 14.85
CA GLU A 427 21.96 37.79 16.21
C GLU A 427 21.83 38.91 17.23
N ALA A 428 22.41 40.07 16.97
CA ALA A 428 22.24 41.22 17.86
C ALA A 428 20.88 41.88 17.70
N GLY A 429 20.10 41.49 16.69
CA GLY A 429 18.76 42.01 16.52
C GLY A 429 17.73 41.09 17.14
N HIS A 430 17.99 39.80 17.13
CA HIS A 430 17.09 38.84 17.76
C HIS A 430 17.11 38.97 19.28
N ALA A 431 18.15 39.57 19.85
CA ALA A 431 18.26 39.73 21.29
C ALA A 431 17.77 41.08 21.78
N VAL A 432 17.87 42.12 20.96
CA VAL A 432 17.31 43.41 21.33
C VAL A 432 15.79 43.36 21.32
N VAL A 433 15.20 42.73 20.30
CA VAL A 433 13.74 42.63 20.23
C VAL A 433 13.21 41.76 21.35
N SER A 434 13.89 40.66 21.66
CA SER A 434 13.42 39.73 22.68
C SER A 434 13.52 40.30 24.09
N THR A 435 14.16 41.45 24.27
CA THR A 435 14.25 42.11 25.57
C THR A 435 13.24 43.23 25.73
N VAL A 436 12.96 43.97 24.66
CA VAL A 436 12.07 45.13 24.75
C VAL A 436 10.63 44.69 24.99
N VAL A 437 10.17 43.65 24.31
CA VAL A 437 8.79 43.20 24.43
C VAL A 437 8.53 42.71 25.85
N PRO A 438 7.33 42.91 26.40
CA PRO A 438 7.09 42.58 27.81
C PRO A 438 7.24 41.12 28.16
N ASN A 439 6.50 40.25 27.47
CA ASN A 439 6.47 38.83 27.81
C ASN A 439 7.61 38.09 27.12
N GLY A 440 8.45 37.45 27.92
CA GLY A 440 9.56 36.69 27.37
C GLY A 440 10.46 36.19 28.49
N GLU A 441 11.48 35.44 28.09
CA GLU A 441 12.45 34.97 29.06
C GLU A 441 13.82 35.57 28.77
N PRO A 442 14.58 35.91 29.81
CA PRO A 442 15.82 36.66 29.61
C PRO A 442 16.88 35.86 28.86
N VAL A 443 17.78 36.59 28.22
CA VAL A 443 18.88 35.98 27.49
C VAL A 443 20.03 35.69 28.45
N HIS A 444 20.93 34.81 28.01
CA HIS A 444 22.08 34.40 28.81
C HIS A 444 23.40 34.80 28.17
N ARG A 445 23.62 34.44 26.91
CA ARG A 445 24.82 34.86 26.21
C ARG A 445 24.56 34.81 24.70
N ILE A 446 25.36 35.56 23.96
CA ILE A 446 25.31 35.59 22.50
C ILE A 446 26.69 35.24 21.97
N SER A 447 26.74 34.31 21.02
CA SER A 447 28.01 33.88 20.45
C SER A 447 27.85 33.64 18.96
N ILE A 448 28.94 33.82 18.22
CA ILE A 448 28.95 33.62 16.78
C ILE A 448 30.02 32.61 16.37
N ILE A 449 30.47 31.79 17.29
CA ILE A 449 31.42 30.72 16.97
C ILE A 449 30.67 29.57 16.31
N PRO A 450 31.10 29.11 15.13
CA PRO A 450 30.38 28.02 14.48
C PRO A 450 30.43 26.75 15.32
N ARG A 451 29.37 25.95 15.21
CA ARG A 451 29.24 24.75 16.03
C ARG A 451 28.34 23.76 15.33
N GLY A 452 28.77 22.50 15.31
CA GLY A 452 27.97 21.48 14.66
C GLY A 452 28.01 21.63 13.14
N TYR A 453 26.99 21.05 12.51
CA TYR A 453 26.84 21.11 11.05
C TYR A 453 25.68 22.03 10.70
N LYS A 454 25.94 22.98 9.80
CA LYS A 454 24.93 23.94 9.34
C LYS A 454 24.40 24.78 10.51
N ALA A 455 25.32 25.50 11.16
CA ALA A 455 24.96 26.45 12.20
C ALA A 455 26.05 27.52 12.25
N LEU A 456 25.63 28.77 12.47
CA LEU A 456 26.58 29.88 12.42
C LEU A 456 26.39 30.88 13.55
N GLY A 457 25.59 30.58 14.56
CA GLY A 457 25.37 31.49 15.66
C GLY A 457 24.11 31.16 16.42
N TYR A 458 24.11 31.35 17.73
CA TYR A 458 22.97 30.96 18.54
C TYR A 458 22.83 31.88 19.74
N THR A 459 21.61 31.92 20.29
CA THR A 459 21.30 32.67 21.49
C THR A 459 20.63 31.74 22.48
N LEU A 460 20.96 31.88 23.76
CA LEU A 460 20.47 30.99 24.80
C LEU A 460 19.60 31.76 25.78
N HIS A 461 18.53 31.12 26.23
CA HIS A 461 17.65 31.67 27.26
C HIS A 461 17.64 30.73 28.46
N LEU A 462 17.38 31.29 29.63
CA LEU A 462 17.18 30.50 30.84
C LEU A 462 15.82 30.82 31.45
N PRO A 463 14.95 29.83 31.62
CA PRO A 463 13.62 30.11 32.18
C PRO A 463 13.68 30.56 33.62
N GLU A 464 12.66 31.31 34.04
CA GLU A 464 12.55 31.74 35.42
C GLU A 464 11.81 30.73 36.29
N GLU A 465 10.88 29.98 35.71
CA GLU A 465 10.12 28.96 36.44
C GLU A 465 9.51 28.02 35.41
N ASP A 466 8.60 27.16 35.87
CA ASP A 466 7.94 26.19 35.01
C ASP A 466 6.47 26.55 34.89
N LYS A 467 5.97 26.62 33.65
CA LYS A 467 4.61 27.02 33.37
C LYS A 467 3.90 25.94 32.57
N TYR A 468 2.57 25.92 32.69
CA TYR A 468 1.75 24.93 31.99
C TYR A 468 0.64 25.54 31.15
N LEU A 469 0.30 26.81 31.33
CA LEU A 469 -0.72 27.49 30.54
C LEU A 469 -0.09 28.68 29.84
N VAL A 470 -0.40 28.83 28.55
CA VAL A 470 0.12 29.91 27.74
C VAL A 470 -1.03 30.80 27.29
N SER A 471 -0.89 32.10 27.51
CA SER A 471 -1.93 33.05 27.17
C SER A 471 -1.86 33.37 25.68
N ARG A 472 -2.62 34.39 25.25
CA ARG A 472 -2.53 34.83 23.86
C ARG A 472 -1.45 35.89 23.67
N ASN A 473 -1.39 36.86 24.58
CA ASN A 473 -0.37 37.90 24.49
C ASN A 473 1.04 37.34 24.67
N GLU A 474 1.17 36.15 25.27
CA GLU A 474 2.47 35.49 25.35
C GLU A 474 2.81 34.73 24.07
N LEU A 475 1.87 34.61 23.14
CA LEU A 475 2.14 34.00 21.85
C LEU A 475 2.35 35.02 20.74
N LEU A 476 1.86 36.25 20.92
CA LEU A 476 2.15 37.32 19.98
C LEU A 476 3.49 37.98 20.25
N ASP A 477 4.13 37.68 21.37
CA ASP A 477 5.46 38.20 21.67
C ASP A 477 6.56 37.18 21.48
N LYS A 478 6.22 35.89 21.46
CA LYS A 478 7.17 34.88 21.00
C LYS A 478 7.26 34.87 19.48
N LEU A 479 6.27 35.43 18.79
CA LEU A 479 6.28 35.51 17.34
C LEU A 479 6.98 36.75 16.83
N THR A 480 6.95 37.85 17.59
CA THR A 480 7.69 39.05 17.20
C THR A 480 9.19 38.83 17.33
N ALA A 481 9.62 38.07 18.34
CA ALA A 481 11.04 37.83 18.54
C ALA A 481 11.64 37.05 17.38
N LEU A 482 10.91 36.05 16.87
CA LEU A 482 11.43 35.24 15.77
C LEU A 482 11.65 36.08 14.52
N LEU A 483 10.77 37.05 14.27
CA LEU A 483 10.90 37.93 13.13
C LEU A 483 11.81 39.13 13.39
N GLY A 484 12.67 39.04 14.41
CA GLY A 484 13.56 40.14 14.72
C GLY A 484 14.82 40.12 13.90
N GLY A 485 15.34 38.93 13.60
CA GLY A 485 16.54 38.84 12.79
C GLY A 485 16.33 39.31 11.37
N ARG A 486 15.23 38.90 10.75
CA ARG A 486 14.94 39.32 9.38
C ARG A 486 14.68 40.81 9.30
N ALA A 487 14.14 41.41 10.37
CA ALA A 487 13.88 42.84 10.39
C ALA A 487 15.12 43.67 10.67
N ALA A 488 16.24 43.05 11.02
CA ALA A 488 17.49 43.78 11.23
C ALA A 488 18.33 43.86 9.98
N GLU A 489 18.29 42.84 9.12
CA GLU A 489 19.00 42.92 7.85
C GLU A 489 18.34 43.91 6.91
N GLU A 490 17.00 43.93 6.89
CA GLU A 490 16.28 44.78 5.95
C GLU A 490 16.50 46.26 6.25
N VAL A 491 16.49 46.63 7.53
CA VAL A 491 16.66 48.04 7.88
C VAL A 491 18.10 48.48 7.62
N VAL A 492 19.08 47.62 7.92
CA VAL A 492 20.47 48.02 7.82
C VAL A 492 20.97 47.92 6.38
N PHE A 493 20.96 46.70 5.83
CA PHE A 493 21.53 46.47 4.51
C PHE A 493 20.54 46.74 3.38
N GLY A 494 19.28 46.35 3.55
CA GLY A 494 18.29 46.48 2.51
C GLY A 494 18.19 45.31 1.57
N ASP A 495 19.06 44.31 1.71
CA ASP A 495 19.10 43.14 0.84
C ASP A 495 18.97 41.90 1.73
N VAL A 496 17.84 41.21 1.62
CA VAL A 496 17.56 40.07 2.49
C VAL A 496 18.35 38.86 2.02
N THR A 497 18.97 38.15 2.96
CA THR A 497 19.76 36.97 2.70
C THR A 497 18.91 35.72 2.90
N SER A 498 19.56 34.56 2.85
CA SER A 498 18.90 33.27 3.03
C SER A 498 19.13 32.68 4.40
N GLY A 499 19.69 33.45 5.35
CA GLY A 499 19.95 32.91 6.66
C GLY A 499 18.69 32.58 7.44
N ALA A 500 17.69 33.45 7.37
CA ALA A 500 16.47 33.29 8.17
C ALA A 500 15.44 32.48 7.38
N ALA A 501 15.77 31.20 7.20
CA ALA A 501 14.86 30.27 6.55
C ALA A 501 14.25 29.26 7.52
N ASN A 502 14.81 29.12 8.73
CA ASN A 502 14.24 28.28 9.76
C ASN A 502 13.43 29.05 10.79
N ASP A 503 13.68 30.36 10.92
CA ASP A 503 12.88 31.20 11.79
C ASP A 503 11.60 31.68 11.12
N ILE A 504 11.38 31.32 9.86
CA ILE A 504 10.16 31.68 9.14
C ILE A 504 9.25 30.46 9.15
N GLU A 505 9.83 29.26 9.09
CA GLU A 505 9.03 28.05 9.16
C GLU A 505 8.42 27.87 10.55
N ARG A 506 9.17 28.16 11.60
CA ARG A 506 8.66 28.00 12.95
C ARG A 506 7.78 29.15 13.40
N ALA A 507 7.80 30.27 12.69
CA ALA A 507 6.95 31.39 13.00
C ALA A 507 5.64 31.39 12.25
N THR A 508 5.41 30.40 11.37
CA THR A 508 4.17 30.30 10.63
C THR A 508 3.32 29.11 11.04
N GLU A 509 3.85 28.18 11.83
CA GLU A 509 3.02 27.16 12.46
C GLU A 509 2.56 27.56 13.86
N ILE A 510 3.18 28.57 14.45
CA ILE A 510 2.62 29.18 15.65
C ILE A 510 1.35 29.92 15.33
N ALA A 511 1.29 30.57 14.17
CA ALA A 511 0.12 31.33 13.75
C ALA A 511 -0.96 30.47 13.11
N ARG A 512 -0.67 29.20 12.80
CA ARG A 512 -1.68 28.28 12.29
C ARG A 512 -2.35 27.48 13.39
N ASN A 513 -1.94 27.67 14.65
CA ASN A 513 -2.63 27.09 15.78
C ASN A 513 -3.53 28.08 16.49
N MET A 514 -3.17 29.36 16.50
CA MET A 514 -4.03 30.38 17.09
C MET A 514 -5.34 30.51 16.33
N VAL A 515 -5.42 30.00 15.11
CA VAL A 515 -6.58 30.17 14.25
C VAL A 515 -7.37 28.88 14.12
N CYS A 516 -6.68 27.77 13.85
CA CYS A 516 -7.37 26.51 13.59
C CYS A 516 -7.80 25.82 14.89
N GLN A 517 -6.84 25.51 15.76
CA GLN A 517 -7.12 24.62 16.89
C GLN A 517 -7.52 25.39 18.15
N LEU A 518 -6.65 26.27 18.64
CA LEU A 518 -6.89 26.94 19.92
C LEU A 518 -8.04 27.93 19.86
N GLY A 519 -8.50 28.31 18.67
CA GLY A 519 -9.64 29.18 18.56
C GLY A 519 -9.46 30.57 19.12
N MET A 520 -8.34 31.22 18.82
CA MET A 520 -8.07 32.59 19.26
C MET A 520 -8.19 33.58 18.11
N SER A 521 -9.16 33.36 17.21
CA SER A 521 -9.43 34.27 16.10
C SER A 521 -10.82 34.85 16.27
N GLU A 522 -10.94 36.17 16.06
CA GLU A 522 -12.20 36.86 16.30
C GLU A 522 -13.15 36.78 15.11
N GLU A 523 -12.74 36.21 13.99
CA GLU A 523 -13.61 36.09 12.82
C GLU A 523 -14.17 34.69 12.64
N LEU A 524 -13.35 33.65 12.84
CA LEU A 524 -13.79 32.29 12.64
C LEU A 524 -14.47 31.67 13.87
N GLY A 525 -14.44 32.36 15.01
CA GLY A 525 -15.15 31.90 16.18
C GLY A 525 -14.45 30.78 16.90
N PRO A 526 -15.06 30.27 17.97
CA PRO A 526 -14.48 29.16 18.76
C PRO A 526 -14.80 27.79 18.17
N LEU A 527 -14.13 27.45 17.08
CA LEU A 527 -14.28 26.16 16.45
C LEU A 527 -12.91 25.55 16.19
N ALA A 528 -12.89 24.26 15.86
CA ALA A 528 -11.66 23.52 15.62
C ALA A 528 -11.70 22.94 14.22
N TRP A 529 -11.26 23.72 13.24
CA TRP A 529 -11.12 23.24 11.87
C TRP A 529 -9.89 22.36 11.77
N GLY A 530 -10.06 21.18 11.18
CA GLY A 530 -8.93 20.28 11.04
C GLY A 530 -9.27 18.82 11.29
N LYS A 531 -8.56 18.18 12.21
CA LYS A 531 -8.75 16.76 12.49
C LYS A 531 -10.18 16.46 12.96
N ARG A 544 -8.37 12.88 5.55
CA ARG A 544 -7.85 13.09 6.90
C ARG A 544 -7.12 14.43 7.00
N LEU A 545 -7.14 15.00 8.21
CA LEU A 545 -6.47 16.26 8.57
C LEU A 545 -7.10 17.47 7.88
N ARG A 546 -8.11 17.28 7.02
CA ARG A 546 -8.82 18.40 6.42
C ARG A 546 -10.21 17.92 6.04
N ASN A 547 -11.23 18.48 6.70
CA ASN A 547 -12.63 18.25 6.30
C ASN A 547 -13.37 19.57 6.43
N TYR A 548 -13.35 20.36 5.37
CA TYR A 548 -14.12 21.60 5.28
C TYR A 548 -14.08 22.08 3.85
N SER A 549 -14.88 23.11 3.56
CA SER A 549 -15.09 23.55 2.20
C SER A 549 -13.86 24.30 1.69
N GLU A 550 -14.00 24.83 0.48
CA GLU A 550 -12.99 25.70 -0.11
C GLU A 550 -13.24 27.16 0.20
N GLU A 551 -14.48 27.54 0.48
CA GLU A 551 -14.77 28.90 0.90
C GLU A 551 -14.20 29.19 2.29
N VAL A 552 -14.23 28.21 3.18
CA VAL A 552 -13.62 28.37 4.50
C VAL A 552 -12.11 28.39 4.38
N ALA A 553 -11.55 27.50 3.54
CA ALA A 553 -10.10 27.40 3.42
C ALA A 553 -9.46 28.67 2.87
N SER A 554 -10.25 29.55 2.26
CA SER A 554 -9.73 30.83 1.79
C SER A 554 -9.90 31.95 2.80
N LYS A 555 -10.48 31.65 3.97
CA LYS A 555 -10.56 32.63 5.04
C LYS A 555 -9.55 32.38 6.15
N ILE A 556 -9.01 31.16 6.24
CA ILE A 556 -7.94 30.90 7.19
C ILE A 556 -6.65 31.60 6.74
N ASP A 557 -6.39 31.60 5.43
CA ASP A 557 -5.19 32.25 4.92
C ASP A 557 -5.23 33.77 5.04
N GLU A 558 -6.39 34.40 4.82
CA GLU A 558 -6.50 35.83 5.00
C GLU A 558 -6.30 36.26 6.44
N GLU A 559 -6.43 35.34 7.40
CA GLU A 559 -6.15 35.61 8.80
C GLU A 559 -4.70 35.31 9.17
N VAL A 560 -4.16 34.20 8.66
CA VAL A 560 -2.76 33.87 8.91
C VAL A 560 -1.86 34.94 8.33
N LYS A 561 -2.13 35.37 7.10
CA LYS A 561 -1.32 36.41 6.47
C LYS A 561 -1.50 37.77 7.12
N LYS A 562 -2.54 37.94 7.94
CA LYS A 562 -2.74 39.21 8.63
C LYS A 562 -2.12 39.22 10.01
N ILE A 563 -2.09 38.07 10.69
CA ILE A 563 -1.43 38.01 12.00
C ILE A 563 0.08 38.20 11.84
N VAL A 564 0.69 37.48 10.89
CA VAL A 564 2.14 37.49 10.74
C VAL A 564 2.62 38.85 10.25
N THR A 565 1.93 39.42 9.26
CA THR A 565 2.35 40.70 8.71
C THR A 565 2.25 41.81 9.75
N ASN A 566 1.23 41.75 10.60
CA ASN A 566 1.05 42.80 11.61
C ASN A 566 2.18 42.80 12.62
N CYS A 567 2.72 41.63 12.96
CA CYS A 567 3.84 41.57 13.89
C CYS A 567 5.15 41.99 13.24
N TYR A 568 5.35 41.63 11.99
CA TYR A 568 6.58 41.98 11.28
C TYR A 568 6.72 43.48 11.07
N GLU A 569 5.62 44.22 11.07
CA GLU A 569 5.67 45.67 10.97
C GLU A 569 6.04 46.33 12.29
N ARG A 570 6.05 45.58 13.39
CA ARG A 570 6.35 46.10 14.71
C ARG A 570 7.77 45.81 15.16
N ALA A 571 8.32 44.67 14.76
CA ALA A 571 9.73 44.41 15.00
C ALA A 571 10.62 45.42 14.30
N LYS A 572 10.26 45.79 13.07
CA LYS A 572 11.00 46.83 12.37
C LYS A 572 10.91 48.16 13.10
N GLU A 573 9.75 48.45 13.69
CA GLU A 573 9.59 49.70 14.43
C GLU A 573 10.45 49.71 15.69
N ILE A 574 10.58 48.55 16.35
CA ILE A 574 11.42 48.48 17.55
C ILE A 574 12.87 48.78 17.21
N ILE A 575 13.37 48.23 16.10
CA ILE A 575 14.78 48.37 15.76
C ILE A 575 15.14 49.83 15.51
N ARG A 576 14.26 50.58 14.85
CA ARG A 576 14.58 51.94 14.45
C ARG A 576 14.85 52.84 15.66
N LYS A 577 14.20 52.57 16.80
CA LYS A 577 14.48 53.34 17.99
C LYS A 577 15.86 53.03 18.56
N TYR A 578 16.16 51.74 18.73
CA TYR A 578 17.44 51.32 19.31
C TYR A 578 18.40 50.93 18.20
N ARG A 579 18.87 51.94 17.47
CA ARG A 579 19.87 51.74 16.43
C ARG A 579 21.25 52.24 16.82
N LYS A 580 21.33 53.43 17.44
CA LYS A 580 22.62 53.89 17.94
C LYS A 580 23.19 52.96 18.98
N GLN A 581 22.33 52.29 19.74
CA GLN A 581 22.73 51.33 20.76
C GLN A 581 22.77 49.91 20.24
N LEU A 582 22.51 49.70 18.95
CA LEU A 582 22.66 48.38 18.35
C LEU A 582 24.03 48.19 17.72
N ASP A 583 24.68 49.27 17.31
CA ASP A 583 26.03 49.16 16.76
C ASP A 583 27.05 48.83 17.85
N ASN A 584 26.86 49.40 19.04
CA ASN A 584 27.79 49.14 20.13
C ASN A 584 27.83 47.66 20.49
N ILE A 585 26.66 47.01 20.49
CA ILE A 585 26.60 45.58 20.75
C ILE A 585 27.32 44.79 19.67
N VAL A 586 27.45 45.33 18.47
CA VAL A 586 28.06 44.58 17.38
C VAL A 586 29.57 44.67 17.44
N GLU A 587 30.12 45.88 17.57
CA GLU A 587 31.57 46.03 17.56
C GLU A 587 32.23 45.36 18.74
N ILE A 588 31.53 45.27 19.88
CA ILE A 588 32.02 44.45 20.98
C ILE A 588 31.97 42.98 20.62
N LEU A 589 30.95 42.56 19.88
CA LEU A 589 30.76 41.17 19.53
C LEU A 589 31.67 40.71 18.39
N LEU A 590 32.32 41.63 17.69
CA LEU A 590 33.18 41.27 16.56
C LEU A 590 34.61 40.99 16.96
N GLU A 591 34.99 41.23 18.21
CA GLU A 591 36.34 40.93 18.69
C GLU A 591 36.35 39.87 19.77
N LYS A 592 35.55 40.03 20.82
CA LYS A 592 35.49 39.03 21.88
C LYS A 592 34.71 37.78 21.46
N GLU A 593 33.86 37.90 20.44
CA GLU A 593 33.06 36.81 19.90
C GLU A 593 32.04 36.27 20.89
N THR A 594 31.79 36.96 22.00
CA THR A 594 30.82 36.52 22.98
C THR A 594 30.49 37.69 23.90
N ILE A 595 29.20 37.88 24.17
CA ILE A 595 28.75 38.92 25.09
C ILE A 595 27.78 38.30 26.08
N GLU A 596 27.78 38.81 27.30
CA GLU A 596 26.95 38.28 28.37
C GLU A 596 25.63 39.03 28.48
N GLY A 597 24.67 38.42 29.15
CA GLY A 597 23.35 39.02 29.26
C GLY A 597 23.35 40.30 30.07
N ASP A 598 24.10 40.32 31.18
CA ASP A 598 24.11 41.50 32.05
C ASP A 598 24.64 42.72 31.32
N GLU A 599 25.71 42.55 30.53
CA GLU A 599 26.24 43.67 29.76
C GLU A 599 25.23 44.16 28.73
N LEU A 600 24.53 43.24 28.08
CA LEU A 600 23.50 43.62 27.12
C LEU A 600 22.41 44.46 27.78
N ARG A 601 21.86 43.97 28.89
CA ARG A 601 20.78 44.69 29.56
C ARG A 601 21.27 45.98 30.21
N ARG A 602 22.57 46.09 30.50
CA ARG A 602 23.11 47.37 30.95
C ARG A 602 23.23 48.35 29.80
N ILE A 603 23.61 47.86 28.62
CA ILE A 603 23.79 48.73 27.47
C ILE A 603 22.45 49.27 26.98
N LEU A 604 21.43 48.40 26.91
CA LEU A 604 20.14 48.83 26.39
C LEU A 604 19.52 49.93 27.25
N SER A 605 19.55 49.75 28.57
CA SER A 605 19.00 50.74 29.50
C SER A 605 20.13 51.72 29.86
N GLU A 606 20.27 52.76 29.06
CA GLU A 606 21.32 53.75 29.27
C GLU A 606 21.14 54.48 30.60
N VAL B 161 53.38 6.36 11.39
CA VAL B 161 51.98 6.70 11.12
C VAL B 161 51.44 7.65 12.17
N THR B 162 52.26 8.62 12.57
CA THR B 162 51.85 9.59 13.55
C THR B 162 50.79 10.53 12.96
N PHE B 163 50.32 11.48 13.77
CA PHE B 163 49.28 12.40 13.33
C PHE B 163 49.73 13.31 12.19
N LYS B 164 51.04 13.42 11.93
CA LYS B 164 51.51 14.20 10.80
C LYS B 164 51.19 13.56 9.46
N ASP B 165 50.76 12.30 9.45
CA ASP B 165 50.42 11.61 8.22
C ASP B 165 48.93 11.59 7.95
N VAL B 166 48.14 12.31 8.75
CA VAL B 166 46.70 12.42 8.55
C VAL B 166 46.34 13.90 8.48
N GLY B 167 45.66 14.30 7.41
CA GLY B 167 45.26 15.68 7.24
C GLY B 167 43.80 15.78 6.84
N GLY B 168 43.23 16.95 7.12
CA GLY B 168 41.87 17.23 6.74
C GLY B 168 40.83 17.04 7.82
N ALA B 169 41.24 16.70 9.04
CA ALA B 169 40.28 16.53 10.15
C ALA B 169 40.98 16.99 11.43
N GLU B 170 40.77 18.25 11.78
CA GLU B 170 41.40 18.82 12.97
C GLU B 170 40.51 18.73 14.21
N GLU B 171 39.31 18.19 14.08
CA GLU B 171 38.42 18.02 15.24
C GLU B 171 38.40 16.59 15.74
N ALA B 172 38.84 15.63 14.94
CA ALA B 172 39.02 14.26 15.40
C ALA B 172 40.44 13.98 15.86
N ILE B 173 41.31 14.98 15.84
CA ILE B 173 42.68 14.86 16.32
C ILE B 173 42.87 15.57 17.65
N GLU B 174 42.48 16.85 17.73
CA GLU B 174 42.60 17.59 18.98
C GLU B 174 41.72 16.97 20.06
N GLU B 175 40.51 16.55 19.69
CA GLU B 175 39.63 15.88 20.63
C GLU B 175 40.14 14.50 21.03
N LEU B 176 40.95 13.86 20.19
CA LEU B 176 41.40 12.50 20.40
C LEU B 176 42.91 12.46 20.69
N LYS B 177 43.37 13.41 21.50
CA LYS B 177 44.77 13.42 21.94
C LYS B 177 44.96 13.03 23.39
N GLU B 178 43.99 13.31 24.26
CA GLU B 178 44.11 12.90 25.65
C GLU B 178 44.09 11.38 25.80
N VAL B 179 43.48 10.67 24.84
CA VAL B 179 43.52 9.21 24.87
C VAL B 179 44.96 8.72 24.82
N VAL B 180 45.79 9.37 23.99
CA VAL B 180 47.23 9.09 24.01
C VAL B 180 47.81 9.45 25.36
N GLU B 181 47.43 10.62 25.89
CA GLU B 181 47.91 11.03 27.21
C GLU B 181 47.42 10.09 28.31
N PHE B 182 46.17 9.64 28.22
CA PHE B 182 45.64 8.73 29.23
C PHE B 182 46.41 7.42 29.27
N LEU B 183 47.00 7.03 28.14
CA LEU B 183 47.85 5.84 28.10
C LEU B 183 49.27 6.11 28.56
N LYS B 184 49.57 7.32 29.00
CA LYS B 184 50.89 7.68 29.51
C LYS B 184 50.89 7.91 31.01
N ASP B 185 49.99 8.76 31.52
CA ASP B 185 49.90 9.08 32.95
C ASP B 185 48.46 8.94 33.38
N PRO B 186 47.99 7.72 33.67
CA PRO B 186 46.59 7.53 34.05
C PRO B 186 46.29 8.01 35.47
N SER B 187 47.32 8.55 36.16
CA SER B 187 47.11 9.01 37.52
C SER B 187 46.35 10.33 37.58
N LYS B 188 46.44 11.15 36.53
CA LYS B 188 45.76 12.44 36.54
C LYS B 188 44.24 12.28 36.53
N PHE B 189 43.74 11.22 35.91
CA PHE B 189 42.30 11.04 35.73
C PHE B 189 41.65 10.28 36.88
N ASN B 190 42.42 9.87 37.89
CA ASN B 190 41.85 9.21 39.05
C ASN B 190 41.83 10.08 40.30
N ARG B 191 42.60 11.17 40.32
CA ARG B 191 42.57 12.08 41.45
C ARG B 191 41.27 12.85 41.55
N ILE B 192 40.51 12.94 40.45
CA ILE B 192 39.27 13.69 40.40
C ILE B 192 38.05 12.78 40.32
N GLY B 193 38.14 11.71 39.52
CA GLY B 193 37.02 10.80 39.38
C GLY B 193 36.66 10.51 37.94
N ALA B 194 37.55 10.86 37.02
CA ALA B 194 37.30 10.62 35.61
C ALA B 194 37.18 9.11 35.33
N ARG B 195 36.28 8.77 34.40
CA ARG B 195 35.95 7.38 34.11
C ARG B 195 36.04 7.15 32.60
N MET B 196 37.19 7.51 32.03
CA MET B 196 37.48 7.45 30.60
C MET B 196 36.85 6.23 29.94
N PRO B 197 36.05 6.43 28.89
CA PRO B 197 35.20 5.34 28.38
C PRO B 197 36.01 4.18 27.82
N LYS B 198 35.39 3.01 27.89
CA LYS B 198 35.98 1.79 27.35
C LYS B 198 35.86 1.68 25.84
N GLY B 199 34.80 2.24 25.27
CA GLY B 199 34.55 2.13 23.84
C GLY B 199 34.40 3.49 23.19
N ILE B 200 34.89 3.61 21.96
CA ILE B 200 34.82 4.84 21.18
C ILE B 200 34.19 4.51 19.84
N LEU B 201 33.17 5.28 19.45
CA LEU B 201 32.38 5.01 18.25
C LEU B 201 32.65 6.10 17.22
N LEU B 202 33.31 5.74 16.12
CA LEU B 202 33.58 6.67 15.03
C LEU B 202 32.46 6.58 14.00
N VAL B 203 31.84 7.72 13.69
CA VAL B 203 30.72 7.77 12.76
C VAL B 203 30.99 8.81 11.69
N GLY B 204 30.62 8.50 10.45
CA GLY B 204 30.78 9.41 9.34
C GLY B 204 30.48 8.75 8.01
N PRO B 205 30.46 9.54 6.93
CA PRO B 205 30.24 8.97 5.61
C PRO B 205 31.32 7.95 5.28
N PRO B 206 30.99 6.93 4.49
CA PRO B 206 31.99 5.91 4.15
C PRO B 206 33.13 6.48 3.31
N GLY B 207 34.31 5.91 3.52
CA GLY B 207 35.50 6.38 2.82
C GLY B 207 36.10 7.65 3.35
N THR B 208 35.60 8.16 4.48
CA THR B 208 36.11 9.41 5.03
C THR B 208 37.53 9.23 5.58
N GLY B 209 37.85 8.04 6.08
CA GLY B 209 39.16 7.81 6.68
C GLY B 209 39.09 7.45 8.14
N LYS B 210 37.99 6.78 8.54
CA LYS B 210 37.84 6.37 9.93
C LYS B 210 38.90 5.38 10.35
N THR B 211 39.21 4.41 9.48
CA THR B 211 40.14 3.35 9.85
C THR B 211 41.55 3.90 10.06
N LEU B 212 41.94 4.91 9.28
CA LEU B 212 43.29 5.45 9.38
C LEU B 212 43.55 6.08 10.74
N LEU B 213 42.54 6.68 11.35
CA LEU B 213 42.73 7.37 12.62
C LEU B 213 43.11 6.38 13.73
N ALA B 214 42.47 5.21 13.75
CA ALA B 214 42.80 4.22 14.77
C ALA B 214 44.25 3.74 14.63
N ARG B 215 44.69 3.49 13.40
CA ARG B 215 46.08 3.11 13.19
C ARG B 215 47.01 4.24 13.61
N ALA B 216 46.64 5.49 13.33
CA ALA B 216 47.48 6.61 13.69
C ALA B 216 47.63 6.72 15.21
N VAL B 217 46.52 6.59 15.95
CA VAL B 217 46.62 6.70 17.40
C VAL B 217 47.35 5.50 17.99
N ALA B 218 47.18 4.32 17.40
CA ALA B 218 47.94 3.16 17.85
C ALA B 218 49.42 3.35 17.65
N GLY B 219 49.82 3.91 16.52
CA GLY B 219 51.23 4.16 16.26
C GLY B 219 51.80 5.38 16.96
N GLU B 220 50.94 6.27 17.47
CA GLU B 220 51.44 7.46 18.15
C GLU B 220 52.29 7.10 19.36
N ALA B 221 51.80 6.21 20.21
CA ALA B 221 52.57 5.63 21.30
C ALA B 221 52.70 4.14 21.03
N ASN B 222 53.94 3.64 21.06
CA ASN B 222 54.22 2.28 20.62
C ASN B 222 53.39 1.28 21.41
N VAL B 223 52.40 0.68 20.74
CA VAL B 223 51.40 -0.17 21.39
C VAL B 223 50.93 -1.20 20.37
N PRO B 224 50.72 -2.46 20.77
CA PRO B 224 50.16 -3.45 19.85
C PRO B 224 48.80 -3.01 19.33
N PHE B 225 48.50 -3.37 18.08
CA PHE B 225 47.23 -3.06 17.44
C PHE B 225 46.62 -4.33 16.90
N PHE B 226 45.37 -4.61 17.27
CA PHE B 226 44.65 -5.79 16.78
C PHE B 226 43.40 -5.33 16.04
N HIS B 227 43.40 -5.53 14.73
CA HIS B 227 42.29 -5.13 13.87
C HIS B 227 41.41 -6.34 13.57
N ILE B 228 40.10 -6.18 13.75
CA ILE B 228 39.13 -7.22 13.44
C ILE B 228 37.97 -6.55 12.71
N SER B 229 37.51 -7.17 11.62
CA SER B 229 36.42 -6.64 10.83
C SER B 229 35.12 -7.38 11.15
N GLY B 230 34.05 -6.61 11.34
CA GLY B 230 32.75 -7.21 11.57
C GLY B 230 32.16 -7.87 10.34
N SER B 231 32.64 -7.52 9.15
CA SER B 231 32.22 -8.22 7.94
C SER B 231 32.71 -9.65 7.95
N ASP B 232 33.84 -9.93 8.60
CA ASP B 232 34.31 -11.30 8.74
C ASP B 232 33.35 -12.13 9.58
N PHE B 233 32.72 -11.53 10.58
CA PHE B 233 31.74 -12.25 11.39
C PHE B 233 30.50 -12.64 10.60
N VAL B 234 30.28 -12.03 9.44
CA VAL B 234 29.13 -12.35 8.62
C VAL B 234 29.36 -13.70 7.94
N GLU B 235 28.34 -14.57 7.99
CA GLU B 235 28.33 -15.88 7.36
C GLU B 235 29.36 -16.84 7.95
N LEU B 236 29.95 -16.50 9.10
CA LEU B 236 30.83 -17.44 9.77
C LEU B 236 30.03 -18.57 10.41
N PHE B 237 30.70 -19.70 10.63
CA PHE B 237 30.05 -20.83 11.25
C PHE B 237 29.67 -20.52 12.69
N VAL B 238 28.66 -21.22 13.19
CA VAL B 238 28.13 -20.94 14.51
C VAL B 238 29.20 -21.16 15.56
N GLY B 239 29.46 -20.14 16.38
CA GLY B 239 30.43 -20.23 17.44
C GLY B 239 31.83 -19.79 17.07
N VAL B 240 32.15 -19.68 15.78
CA VAL B 240 33.49 -19.27 15.36
C VAL B 240 33.76 -17.82 15.80
N GLY B 241 32.77 -16.94 15.62
CA GLY B 241 32.97 -15.56 16.03
C GLY B 241 33.19 -15.40 17.51
N ALA B 242 32.43 -16.14 18.32
CA ALA B 242 32.61 -16.08 19.77
C ALA B 242 34.00 -16.57 20.17
N ALA B 243 34.46 -17.66 19.55
CA ALA B 243 35.80 -18.16 19.85
C ALA B 243 36.87 -17.14 19.44
N ARG B 244 36.69 -16.51 18.29
CA ARG B 244 37.64 -15.49 17.85
C ARG B 244 37.68 -14.32 18.83
N VAL B 245 36.52 -13.87 19.29
CA VAL B 245 36.46 -12.77 20.24
C VAL B 245 37.14 -13.14 21.56
N ARG B 246 36.85 -14.35 22.05
CA ARG B 246 37.46 -14.80 23.30
C ARG B 246 38.97 -14.89 23.18
N ASP B 247 39.46 -15.44 22.06
CA ASP B 247 40.90 -15.51 21.84
C ASP B 247 41.51 -14.12 21.70
N LEU B 248 40.77 -13.18 21.09
CA LEU B 248 41.28 -11.82 20.95
C LEU B 248 41.50 -11.18 22.32
N PHE B 249 40.48 -11.21 23.18
CA PHE B 249 40.68 -10.64 24.51
C PHE B 249 41.69 -11.44 25.34
N ALA B 250 41.77 -12.75 25.13
CA ALA B 250 42.79 -13.53 25.83
C ALA B 250 44.19 -13.07 25.46
N GLN B 251 44.43 -12.83 24.16
CA GLN B 251 45.71 -12.28 23.73
C GLN B 251 45.91 -10.87 24.27
N ALA B 252 44.87 -10.04 24.25
CA ALA B 252 45.01 -8.65 24.65
C ALA B 252 45.36 -8.52 26.13
N LYS B 253 44.70 -9.31 26.98
CA LYS B 253 44.93 -9.20 28.41
C LYS B 253 46.34 -9.63 28.81
N ALA B 254 47.01 -10.42 27.97
CA ALA B 254 48.35 -10.89 28.32
C ALA B 254 49.40 -9.80 28.14
N HIS B 255 49.13 -8.81 27.29
CA HIS B 255 50.12 -7.80 26.95
C HIS B 255 49.92 -6.53 27.75
N ALA B 256 50.76 -5.53 27.44
CA ALA B 256 50.66 -4.20 28.00
C ALA B 256 49.37 -3.53 27.51
N PRO B 257 49.03 -2.32 27.99
CA PRO B 257 47.87 -1.61 27.44
C PRO B 257 47.86 -1.57 25.92
N CYS B 258 46.86 -2.21 25.32
CA CYS B 258 46.81 -2.46 23.89
C CYS B 258 45.66 -1.70 23.25
N ILE B 259 45.60 -1.77 21.92
CA ILE B 259 44.56 -1.12 21.13
C ILE B 259 43.88 -2.20 20.29
N VAL B 260 42.56 -2.30 20.40
CA VAL B 260 41.76 -3.25 19.64
C VAL B 260 40.73 -2.47 18.83
N PHE B 261 40.69 -2.72 17.52
CA PHE B 261 39.75 -2.07 16.63
C PHE B 261 38.77 -3.09 16.08
N ILE B 262 37.49 -2.74 16.11
CA ILE B 262 36.42 -3.55 15.50
C ILE B 262 35.76 -2.70 14.43
N ASP B 263 35.69 -3.23 13.22
CA ASP B 263 35.18 -2.50 12.07
C ASP B 263 33.81 -3.03 11.67
N GLU B 264 33.01 -2.14 11.08
CA GLU B 264 31.74 -2.51 10.45
C GLU B 264 30.80 -3.17 11.46
N ILE B 265 30.48 -2.44 12.53
CA ILE B 265 29.66 -3.00 13.61
C ILE B 265 28.17 -2.88 13.33
N ASP B 266 27.78 -2.12 12.31
CA ASP B 266 26.36 -1.97 12.00
C ASP B 266 25.73 -3.28 11.57
N ALA B 267 26.46 -4.09 10.80
CA ALA B 267 25.91 -5.35 10.31
C ALA B 267 25.70 -6.34 11.44
N VAL B 268 26.65 -6.45 12.37
CA VAL B 268 26.53 -7.38 13.47
C VAL B 268 25.35 -7.00 14.38
N GLY B 269 25.25 -5.72 14.71
CA GLY B 269 24.18 -5.24 15.57
C GLY B 269 23.03 -4.62 14.81
N GLU B 284 23.95 -12.75 15.91
CA GLU B 284 23.20 -12.52 17.15
C GLU B 284 23.90 -13.17 18.34
N GLN B 285 24.36 -14.41 18.15
CA GLN B 285 25.03 -15.13 19.23
C GLN B 285 26.33 -14.42 19.62
N THR B 286 27.11 -13.97 18.63
CA THR B 286 28.35 -13.27 18.92
C THR B 286 28.07 -11.90 19.55
N LEU B 287 26.92 -11.30 19.25
CA LEU B 287 26.58 -10.01 19.83
C LEU B 287 26.48 -10.08 21.35
N ASN B 288 25.68 -11.03 21.86
CA ASN B 288 25.49 -11.14 23.29
C ASN B 288 26.78 -11.51 24.00
N GLN B 289 27.59 -12.36 23.39
CA GLN B 289 28.88 -12.72 23.98
C GLN B 289 29.80 -11.50 24.07
N LEU B 290 29.73 -10.59 23.09
CA LEU B 290 30.56 -9.40 23.12
C LEU B 290 30.19 -8.50 24.30
N LEU B 291 28.89 -8.28 24.51
CA LEU B 291 28.46 -7.39 25.59
C LEU B 291 28.92 -7.88 26.95
N VAL B 292 28.78 -9.18 27.21
CA VAL B 292 29.16 -9.74 28.50
C VAL B 292 30.66 -9.68 28.70
N GLU B 293 31.41 -10.06 27.67
CA GLU B 293 32.88 -10.09 27.79
C GLU B 293 33.45 -8.69 27.93
N MET B 294 32.84 -7.71 27.25
CA MET B 294 33.28 -6.32 27.39
C MET B 294 33.12 -5.85 28.83
N ASP B 295 31.98 -6.17 29.45
CA ASP B 295 31.74 -5.76 30.83
C ASP B 295 32.67 -6.46 31.82
N GLY B 296 33.32 -7.55 31.41
CA GLY B 296 34.17 -8.31 32.30
C GLY B 296 35.41 -7.57 32.76
N PHE B 297 36.26 -7.18 31.80
CA PHE B 297 37.53 -6.55 32.14
C PHE B 297 37.29 -5.12 32.63
N ASP B 298 38.34 -4.52 33.18
CA ASP B 298 38.29 -3.18 33.74
C ASP B 298 38.96 -2.18 32.81
N SER B 299 38.52 -0.93 32.90
CA SER B 299 39.07 0.12 32.04
C SER B 299 40.46 0.56 32.49
N LYS B 300 40.85 0.25 33.72
CA LYS B 300 42.16 0.64 34.22
C LYS B 300 43.27 -0.29 33.76
N GLU B 301 42.94 -1.45 33.19
CA GLU B 301 43.97 -2.35 32.70
C GLU B 301 44.72 -1.75 31.51
N GLY B 302 44.01 -1.03 30.65
CA GLY B 302 44.62 -0.43 29.48
C GLY B 302 44.04 -0.95 28.19
N ILE B 303 42.78 -1.38 28.24
CA ILE B 303 42.07 -1.93 27.09
C ILE B 303 41.20 -0.84 26.49
N ILE B 304 41.37 -0.57 25.20
CA ILE B 304 40.60 0.43 24.48
C ILE B 304 39.95 -0.24 23.27
N VAL B 305 38.67 0.00 23.09
CA VAL B 305 37.89 -0.58 21.99
C VAL B 305 37.37 0.55 21.12
N MET B 306 37.67 0.48 19.82
CA MET B 306 37.23 1.49 18.86
C MET B 306 36.32 0.85 17.83
N ALA B 307 35.13 1.41 17.68
CA ALA B 307 34.14 0.92 16.72
C ALA B 307 33.89 1.97 15.65
N ALA B 308 33.73 1.51 14.40
CA ALA B 308 33.54 2.38 13.26
C ALA B 308 32.33 1.89 12.48
N THR B 309 31.24 2.66 12.51
CA THR B 309 30.02 2.32 11.79
C THR B 309 29.73 3.38 10.73
N ASN B 310 29.11 2.94 9.64
CA ASN B 310 28.70 3.85 8.57
C ASN B 310 27.27 4.34 8.73
N ARG B 311 26.54 3.84 9.74
CA ARG B 311 25.16 4.22 9.95
C ARG B 311 24.91 4.31 11.46
N PRO B 312 24.38 5.43 11.94
CA PRO B 312 24.12 5.58 13.38
C PRO B 312 22.73 5.19 13.83
N ASP B 313 21.83 4.80 12.92
CA ASP B 313 20.45 4.50 13.26
C ASP B 313 20.15 3.01 13.36
N ILE B 314 20.70 2.19 12.45
CA ILE B 314 20.45 0.76 12.47
C ILE B 314 21.21 0.04 13.57
N LEU B 315 21.99 0.76 14.37
CA LEU B 315 22.75 0.14 15.44
C LEU B 315 21.83 -0.40 16.52
N ASP B 316 22.32 -1.40 17.25
CA ASP B 316 21.56 -1.99 18.33
C ASP B 316 21.38 -0.98 19.45
N PRO B 317 20.15 -0.67 19.87
CA PRO B 317 19.96 0.33 20.93
C PRO B 317 20.61 -0.06 22.24
N ALA B 318 20.73 -1.37 22.53
CA ALA B 318 21.31 -1.80 23.80
C ALA B 318 22.75 -1.34 23.96
N LEU B 319 23.49 -1.21 22.86
CA LEU B 319 24.88 -0.77 22.92
C LEU B 319 25.02 0.67 23.36
N LEU B 320 23.94 1.46 23.31
CA LEU B 320 23.99 2.87 23.69
C LEU B 320 23.83 3.07 25.20
N ARG B 321 23.59 2.01 25.96
CA ARG B 321 23.47 2.13 27.40
C ARG B 321 24.82 2.48 28.02
N PRO B 322 24.82 3.14 29.18
CA PRO B 322 26.09 3.48 29.83
C PRO B 322 26.90 2.25 30.20
N GLY B 323 28.22 2.40 30.21
CA GLY B 323 29.14 1.30 30.35
C GLY B 323 29.52 0.65 29.04
N ARG B 324 28.62 0.68 28.06
CA ARG B 324 28.89 0.21 26.72
C ARG B 324 29.38 1.40 25.88
N PHE B 325 29.40 1.27 24.55
CA PHE B 325 29.78 2.37 23.69
C PHE B 325 28.92 3.61 23.96
N ASP B 326 29.55 4.67 24.47
CA ASP B 326 28.83 5.89 24.81
C ASP B 326 29.47 7.16 24.29
N LYS B 327 30.74 7.14 23.91
CA LYS B 327 31.43 8.32 23.39
C LYS B 327 31.60 8.15 21.88
N LYS B 328 31.11 9.14 21.13
CA LYS B 328 31.14 9.08 19.67
C LYS B 328 31.88 10.28 19.10
N ILE B 329 32.58 10.03 18.00
CA ILE B 329 33.35 11.05 17.29
C ILE B 329 32.85 11.08 15.85
N VAL B 330 32.50 12.27 15.38
CA VAL B 330 31.94 12.46 14.04
C VAL B 330 33.03 12.97 13.12
N VAL B 331 33.21 12.28 11.99
CA VAL B 331 34.14 12.71 10.96
C VAL B 331 33.35 13.28 9.79
N ASP B 332 33.90 14.30 9.14
CA ASP B 332 33.19 15.02 8.10
C ASP B 332 34.07 15.16 6.87
N PRO B 333 33.46 15.32 5.69
CA PRO B 333 34.27 15.53 4.48
C PRO B 333 35.05 16.81 4.58
N PRO B 334 36.25 16.86 3.98
CA PRO B 334 37.09 18.05 4.10
C PRO B 334 36.51 19.23 3.37
N ASP B 335 36.89 20.43 3.82
CA ASP B 335 36.56 21.67 3.13
C ASP B 335 37.67 21.99 2.13
N MET B 336 37.70 23.22 1.62
CA MET B 336 38.63 23.56 0.55
C MET B 336 40.08 23.37 0.98
N LEU B 337 40.43 23.80 2.19
CA LEU B 337 41.81 23.71 2.62
C LEU B 337 42.21 22.28 2.97
N GLY B 338 41.25 21.43 3.33
CA GLY B 338 41.58 20.05 3.65
C GLY B 338 42.06 19.27 2.44
N ARG B 339 41.43 19.47 1.29
CA ARG B 339 41.82 18.75 0.09
C ARG B 339 43.23 19.11 -0.34
N LYS B 340 43.63 20.36 -0.14
CA LYS B 340 45.01 20.76 -0.42
C LYS B 340 45.98 19.95 0.44
N LYS B 341 45.67 19.80 1.73
CA LYS B 341 46.54 19.04 2.62
C LYS B 341 46.60 17.57 2.21
N ILE B 342 45.45 17.00 1.84
CA ILE B 342 45.44 15.59 1.43
C ILE B 342 46.29 15.40 0.18
N LEU B 343 46.15 16.31 -0.80
CA LEU B 343 46.96 16.21 -2.01
C LEU B 343 48.44 16.36 -1.68
N GLU B 344 48.78 17.29 -0.78
CA GLU B 344 50.19 17.43 -0.38
C GLU B 344 50.71 16.14 0.25
N ILE B 345 49.88 15.47 1.05
CA ILE B 345 50.30 14.24 1.70
C ILE B 345 50.54 13.15 0.66
N HIS B 346 49.62 12.99 -0.30
CA HIS B 346 49.68 11.84 -1.19
C HIS B 346 50.60 12.01 -2.39
N THR B 347 51.25 13.17 -2.57
CA THR B 347 52.08 13.39 -3.74
C THR B 347 53.56 13.56 -3.42
N ARG B 348 53.97 13.27 -2.19
CA ARG B 348 55.36 13.51 -1.81
C ARG B 348 56.32 12.66 -2.62
N ASN B 349 56.00 11.39 -2.84
CA ASN B 349 56.92 10.48 -3.51
C ASN B 349 57.00 10.73 -5.02
N LYS B 350 55.86 10.98 -5.66
CA LYS B 350 55.80 10.99 -7.10
C LYS B 350 56.52 12.20 -7.68
N PRO B 351 57.13 12.05 -8.87
CA PRO B 351 57.90 13.16 -9.45
C PRO B 351 57.04 14.14 -10.25
N LEU B 352 56.45 15.11 -9.57
CA LEU B 352 55.64 16.12 -10.24
C LEU B 352 56.52 17.03 -11.11
N ALA B 353 55.89 17.68 -12.08
CA ALA B 353 56.58 18.61 -12.95
C ALA B 353 56.72 19.96 -12.24
N GLU B 354 57.11 20.99 -12.98
CA GLU B 354 57.39 22.29 -12.40
C GLU B 354 56.23 23.28 -12.53
N ASP B 355 55.25 23.00 -13.39
CA ASP B 355 54.12 23.90 -13.60
C ASP B 355 52.85 23.43 -12.90
N VAL B 356 52.91 22.37 -12.13
CA VAL B 356 51.72 21.83 -11.46
C VAL B 356 51.40 22.69 -10.25
N ASN B 357 50.19 23.24 -10.22
CA ASN B 357 49.70 24.04 -9.10
C ASN B 357 48.62 23.24 -8.39
N LEU B 358 48.84 22.97 -7.10
CA LEU B 358 47.91 22.16 -6.34
C LEU B 358 46.72 22.96 -5.81
N GLU B 359 46.78 24.29 -5.83
CA GLU B 359 45.64 25.07 -5.38
C GLU B 359 44.52 25.06 -6.42
N ILE B 360 44.89 25.13 -7.71
CA ILE B 360 43.89 25.08 -8.77
C ILE B 360 43.16 23.75 -8.75
N ILE B 361 43.90 22.64 -8.61
CA ILE B 361 43.30 21.33 -8.55
C ILE B 361 42.51 21.13 -7.26
N ALA B 362 42.80 21.92 -6.23
CA ALA B 362 42.06 21.81 -4.98
C ALA B 362 40.68 22.44 -5.07
N LYS B 363 40.52 23.50 -5.86
CA LYS B 363 39.25 24.20 -5.96
C LYS B 363 38.30 23.60 -7.00
N ARG B 364 38.79 22.72 -7.87
CA ARG B 364 37.95 22.11 -8.89
C ARG B 364 37.41 20.75 -8.50
N THR B 365 37.55 20.37 -7.23
CA THR B 365 37.14 19.04 -6.76
C THR B 365 36.27 19.13 -5.51
N PRO B 366 35.10 19.77 -5.61
CA PRO B 366 34.23 19.86 -4.44
C PRO B 366 33.44 18.57 -4.22
N GLY B 367 33.26 18.23 -2.95
CA GLY B 367 32.52 17.03 -2.59
C GLY B 367 33.33 15.75 -2.59
N PHE B 368 34.59 15.79 -2.99
CA PHE B 368 35.41 14.59 -2.99
C PHE B 368 35.82 14.24 -1.56
N VAL B 369 35.62 12.98 -1.18
CA VAL B 369 36.10 12.49 0.11
C VAL B 369 37.58 12.16 -0.04
N GLY B 370 38.26 11.98 1.09
CA GLY B 370 39.71 11.81 1.06
C GLY B 370 40.19 10.59 0.29
N ALA B 371 39.32 9.62 0.07
CA ALA B 371 39.72 8.41 -0.64
C ALA B 371 39.87 8.62 -2.14
N ASP B 372 39.09 9.54 -2.72
CA ASP B 372 39.07 9.69 -4.17
C ASP B 372 40.28 10.43 -4.70
N LEU B 373 40.92 11.27 -3.89
CA LEU B 373 42.04 12.07 -4.39
C LEU B 373 43.25 11.20 -4.71
N GLU B 374 43.48 10.16 -3.90
CA GLU B 374 44.58 9.24 -4.21
C GLU B 374 44.30 8.50 -5.52
N ASN B 375 43.05 8.11 -5.74
CA ASN B 375 42.68 7.50 -7.01
C ASN B 375 42.90 8.46 -8.17
N LEU B 376 42.57 9.74 -7.97
CA LEU B 376 42.82 10.74 -9.00
C LEU B 376 44.31 10.84 -9.33
N VAL B 377 45.15 10.85 -8.30
CA VAL B 377 46.60 10.91 -8.52
C VAL B 377 47.07 9.68 -9.29
N ASN B 378 46.56 8.50 -8.90
CA ASN B 378 46.95 7.28 -9.60
C ASN B 378 46.52 7.30 -11.06
N GLU B 379 45.31 7.79 -11.34
CA GLU B 379 44.84 7.87 -12.72
C GLU B 379 45.69 8.85 -13.53
N ALA B 380 46.05 9.99 -12.93
CA ALA B 380 46.94 10.92 -13.60
C ALA B 380 48.28 10.27 -13.91
N ALA B 381 48.79 9.47 -12.97
CA ALA B 381 50.03 8.75 -13.20
C ALA B 381 49.89 7.77 -14.36
N LEU B 382 48.77 7.07 -14.44
CA LEU B 382 48.53 6.14 -15.55
C LEU B 382 48.54 6.88 -16.89
N LEU B 383 47.81 7.99 -16.97
CA LEU B 383 47.76 8.73 -18.23
C LEU B 383 49.11 9.35 -18.59
N ALA B 384 49.90 9.74 -17.59
CA ALA B 384 51.25 10.20 -17.87
C ALA B 384 52.13 9.07 -18.39
N ALA B 385 51.95 7.87 -17.84
CA ALA B 385 52.76 6.73 -18.21
C ALA B 385 52.39 6.14 -19.56
N ARG B 386 51.16 6.34 -20.03
CA ARG B 386 50.74 5.73 -21.30
C ARG B 386 51.64 6.20 -22.45
N GLU B 387 51.89 7.50 -22.54
CA GLU B 387 52.79 8.00 -23.58
C GLU B 387 54.24 7.69 -23.25
N GLY B 388 54.62 7.78 -21.98
CA GLY B 388 55.97 7.47 -21.56
C GLY B 388 56.82 8.71 -21.34
N ARG B 389 56.96 9.11 -20.07
CA ARG B 389 57.74 10.28 -19.69
C ARG B 389 57.82 10.31 -18.18
N ASP B 390 58.93 10.84 -17.67
CA ASP B 390 59.28 10.72 -16.26
C ASP B 390 58.66 11.80 -15.37
N LYS B 391 57.80 12.66 -15.92
CA LYS B 391 57.17 13.70 -15.14
C LYS B 391 55.69 13.79 -15.47
N ILE B 392 54.92 14.30 -14.52
CA ILE B 392 53.48 14.48 -14.68
C ILE B 392 53.21 15.97 -14.79
N THR B 393 52.76 16.40 -15.97
CA THR B 393 52.51 17.82 -16.20
C THR B 393 51.09 18.18 -15.79
N MET B 394 50.76 19.47 -15.91
CA MET B 394 49.45 19.95 -15.50
C MET B 394 48.35 19.39 -16.40
N LYS B 395 48.62 19.27 -17.70
CA LYS B 395 47.59 18.81 -18.64
C LYS B 395 47.08 17.43 -18.28
N ASP B 396 47.90 16.58 -17.66
CA ASP B 396 47.43 15.26 -17.25
C ASP B 396 46.48 15.36 -16.06
N PHE B 397 46.77 16.23 -15.10
CA PHE B 397 45.88 16.39 -13.96
C PHE B 397 44.53 16.91 -14.37
N GLU B 398 44.49 17.99 -15.16
CA GLU B 398 43.22 18.61 -15.53
C GLU B 398 42.36 17.66 -16.36
N GLU B 399 42.97 16.93 -17.29
CA GLU B 399 42.19 16.03 -18.12
C GLU B 399 41.77 14.77 -17.37
N ALA B 400 42.51 14.39 -16.31
CA ALA B 400 42.13 13.22 -15.53
C ALA B 400 40.93 13.48 -14.64
N ILE B 401 40.70 14.74 -14.25
CA ILE B 401 39.53 15.06 -13.44
C ILE B 401 38.26 14.90 -14.27
N ASP B 402 38.30 15.31 -15.54
CA ASP B 402 37.12 15.27 -16.39
C ASP B 402 36.64 13.83 -16.60
N ARG B 403 37.57 12.90 -16.80
CA ARG B 403 37.18 11.51 -17.04
C ARG B 403 36.53 10.87 -15.83
N VAL B 404 36.62 11.46 -14.65
CA VAL B 404 35.95 10.93 -13.47
C VAL B 404 34.55 11.49 -13.33
N ILE B 405 34.35 12.76 -13.66
CA ILE B 405 33.04 13.39 -13.49
C ILE B 405 32.11 12.98 -14.62
N ALA B 406 32.51 13.23 -15.87
CA ALA B 406 31.65 12.99 -17.02
C ALA B 406 31.95 11.67 -17.72
N GLY B 407 33.18 11.49 -18.19
CA GLY B 407 33.55 10.30 -18.91
C GLY B 407 34.62 10.55 -19.94
N PRO B 408 35.07 9.50 -20.62
CA PRO B 408 36.09 9.66 -21.65
C PRO B 408 35.54 10.38 -22.87
N ALA B 409 36.43 11.06 -23.59
CA ALA B 409 36.05 11.75 -24.81
C ALA B 409 35.63 10.76 -25.87
N ARG B 410 34.70 11.16 -26.73
CA ARG B 410 34.14 10.31 -27.77
C ARG B 410 34.37 10.98 -29.12
N LYS B 411 35.52 10.67 -29.74
CA LYS B 411 35.84 11.20 -31.05
C LYS B 411 35.18 10.43 -32.18
N SER B 412 34.57 9.27 -31.89
CA SER B 412 33.89 8.52 -32.94
C SER B 412 32.56 9.16 -33.33
N LYS B 413 31.96 9.93 -32.44
CA LYS B 413 30.69 10.59 -32.72
C LYS B 413 30.86 11.61 -33.83
N LEU B 414 29.91 11.63 -34.75
CA LEU B 414 29.94 12.54 -35.90
C LEU B 414 28.82 13.57 -35.75
N ILE B 415 29.18 14.84 -35.89
CA ILE B 415 28.24 15.95 -35.78
C ILE B 415 28.18 16.68 -37.11
N SER B 416 26.97 16.90 -37.60
CA SER B 416 26.80 17.57 -38.89
C SER B 416 27.37 18.98 -38.83
N PRO B 417 27.97 19.47 -39.92
CA PRO B 417 28.56 20.82 -39.88
C PRO B 417 27.55 21.92 -39.59
N LYS B 418 26.30 21.77 -40.01
CA LYS B 418 25.26 22.75 -39.73
C LYS B 418 24.63 22.57 -38.37
N GLU B 419 25.03 21.54 -37.62
CA GLU B 419 24.49 21.27 -36.29
C GLU B 419 25.48 21.59 -35.17
N LYS B 420 26.78 21.64 -35.46
CA LYS B 420 27.76 22.06 -34.49
C LYS B 420 27.97 23.56 -34.47
N ARG B 421 27.36 24.29 -35.41
CA ARG B 421 27.36 25.74 -35.35
C ARG B 421 26.37 26.26 -34.33
N ILE B 422 25.30 25.50 -34.07
CA ILE B 422 24.34 25.89 -33.03
C ILE B 422 24.96 25.75 -31.65
N ILE B 423 25.71 24.67 -31.43
CA ILE B 423 26.32 24.45 -30.12
C ILE B 423 27.39 25.51 -29.84
N ALA B 424 28.11 25.96 -30.87
CA ALA B 424 29.09 27.02 -30.68
C ALA B 424 28.45 28.33 -30.24
N TYR B 425 27.21 28.59 -30.65
CA TYR B 425 26.51 29.80 -30.23
C TYR B 425 25.78 29.64 -28.90
N TYR B 426 25.39 28.41 -28.55
CA TYR B 426 24.71 28.19 -27.30
C TYR B 426 25.66 28.23 -26.11
N GLU B 427 26.93 27.89 -26.31
CA GLU B 427 27.90 27.93 -25.23
C GLU B 427 28.67 29.23 -25.16
N ALA B 428 28.86 29.91 -26.28
CA ALA B 428 29.51 31.22 -26.26
C ALA B 428 28.58 32.32 -25.75
N GLY B 429 27.30 32.03 -25.58
CA GLY B 429 26.38 33.00 -25.03
C GLY B 429 26.20 32.81 -23.54
N HIS B 430 26.30 31.57 -23.06
CA HIS B 430 26.22 31.31 -21.64
C HIS B 430 27.45 31.83 -20.89
N ALA B 431 28.55 32.07 -21.59
CA ALA B 431 29.76 32.57 -20.97
C ALA B 431 29.91 34.08 -21.05
N VAL B 432 29.35 34.71 -22.08
CA VAL B 432 29.36 36.16 -22.16
C VAL B 432 28.42 36.76 -21.11
N VAL B 433 27.24 36.18 -20.95
CA VAL B 433 26.29 36.68 -19.96
C VAL B 433 26.83 36.46 -18.55
N SER B 434 27.45 35.31 -18.30
CA SER B 434 27.94 35.00 -16.96
C SER B 434 29.13 35.83 -16.54
N THR B 435 29.71 36.62 -17.46
CA THR B 435 30.82 37.51 -17.14
C THR B 435 30.37 38.94 -16.95
N VAL B 436 29.38 39.40 -17.71
CA VAL B 436 28.97 40.80 -17.64
C VAL B 436 28.27 41.10 -16.32
N VAL B 437 27.41 40.20 -15.85
CA VAL B 437 26.65 40.42 -14.63
C VAL B 437 27.60 40.51 -13.45
N PRO B 438 27.31 41.33 -12.44
CA PRO B 438 28.27 41.55 -11.35
C PRO B 438 28.58 40.31 -10.52
N ASN B 439 27.56 39.68 -9.96
CA ASN B 439 27.75 38.57 -9.04
C ASN B 439 27.88 37.26 -9.81
N GLY B 440 28.99 36.57 -9.62
CA GLY B 440 29.20 35.29 -10.28
C GLY B 440 30.61 34.80 -10.04
N GLU B 441 30.88 33.61 -10.56
CA GLU B 441 32.23 33.07 -10.46
C GLU B 441 32.85 32.93 -11.84
N PRO B 442 34.15 33.19 -11.96
CA PRO B 442 34.77 33.27 -13.30
C PRO B 442 34.80 31.93 -14.00
N VAL B 443 34.86 32.00 -15.33
CA VAL B 443 34.92 30.80 -16.15
C VAL B 443 36.37 30.34 -16.27
N HIS B 444 36.53 29.09 -16.67
CA HIS B 444 37.85 28.47 -16.80
C HIS B 444 38.16 28.07 -18.24
N ARG B 445 37.28 27.32 -18.90
CA ARG B 445 37.47 26.98 -20.30
C ARG B 445 36.11 26.63 -20.90
N ILE B 446 36.03 26.73 -22.22
CA ILE B 446 34.84 26.37 -22.99
C ILE B 446 35.24 25.34 -24.03
N SER B 447 34.49 24.25 -24.11
CA SER B 447 34.79 23.19 -25.06
C SER B 447 33.50 22.63 -25.63
N ILE B 448 33.58 22.12 -26.86
CA ILE B 448 32.43 21.54 -27.54
C ILE B 448 32.71 20.11 -27.99
N ILE B 449 33.69 19.46 -27.37
CA ILE B 449 33.97 18.06 -27.66
C ILE B 449 32.95 17.19 -26.93
N PRO B 450 32.26 16.29 -27.62
CA PRO B 450 31.25 15.46 -26.94
C PRO B 450 31.90 14.59 -25.87
N ARG B 451 31.14 14.30 -24.83
CA ARG B 451 31.67 13.56 -23.69
C ARG B 451 30.53 12.88 -22.96
N GLY B 452 30.73 11.61 -22.62
CA GLY B 452 29.69 10.88 -21.92
C GLY B 452 28.51 10.57 -22.84
N TYR B 453 27.37 10.32 -22.21
CA TYR B 453 26.13 10.03 -22.91
C TYR B 453 25.18 11.21 -22.79
N LYS B 454 24.66 11.67 -23.93
CA LYS B 454 23.73 12.80 -23.98
C LYS B 454 24.36 14.07 -23.42
N ALA B 455 25.45 14.49 -24.05
CA ALA B 455 26.10 15.75 -23.73
C ALA B 455 26.85 16.24 -24.96
N LEU B 456 26.82 17.55 -25.20
CA LEU B 456 27.39 18.09 -26.42
C LEU B 456 28.21 19.35 -26.19
N GLY B 457 28.52 19.70 -24.94
CA GLY B 457 29.29 20.90 -24.66
C GLY B 457 29.12 21.35 -23.23
N TYR B 458 30.17 21.89 -22.63
CA TYR B 458 30.11 22.25 -21.21
C TYR B 458 31.01 23.44 -20.94
N THR B 459 30.71 24.14 -19.85
CA THR B 459 31.50 25.25 -19.36
C THR B 459 31.84 25.00 -17.90
N LEU B 460 33.06 25.35 -17.51
CA LEU B 460 33.56 25.08 -16.17
C LEU B 460 33.84 26.38 -15.44
N HIS B 461 33.52 26.40 -14.15
CA HIS B 461 33.82 27.53 -13.28
C HIS B 461 34.73 27.07 -12.16
N LEU B 462 35.53 27.99 -11.62
CA LEU B 462 36.34 27.72 -10.44
C LEU B 462 36.01 28.74 -9.36
N PRO B 463 35.58 28.31 -8.18
CA PRO B 463 35.21 29.26 -7.13
C PRO B 463 36.43 30.02 -6.61
N GLU B 464 36.17 31.21 -6.08
CA GLU B 464 37.22 32.01 -5.47
C GLU B 464 37.41 31.70 -4.00
N GLU B 465 36.37 31.27 -3.30
CA GLU B 465 36.45 30.93 -1.88
C GLU B 465 35.23 30.08 -1.55
N ASP B 466 35.00 29.85 -0.26
CA ASP B 466 33.88 29.04 0.21
C ASP B 466 32.91 29.94 0.96
N LYS B 467 31.64 29.86 0.59
CA LYS B 467 30.59 30.71 1.16
C LYS B 467 29.48 29.85 1.75
N TYR B 468 28.76 30.42 2.72
CA TYR B 468 27.68 29.72 3.38
C TYR B 468 26.36 30.48 3.39
N LEU B 469 26.35 31.77 3.07
CA LEU B 469 25.13 32.56 3.00
C LEU B 469 24.99 33.13 1.59
N VAL B 470 23.79 33.02 1.03
CA VAL B 470 23.50 33.51 -0.32
C VAL B 470 22.48 34.64 -0.20
N SER B 471 22.79 35.76 -0.84
CA SER B 471 21.92 36.94 -0.81
C SER B 471 20.79 36.76 -1.82
N ARG B 472 20.03 37.83 -2.06
CA ARG B 472 19.01 37.78 -3.09
C ARG B 472 19.54 38.20 -4.45
N ASN B 473 20.34 39.27 -4.49
CA ASN B 473 20.93 39.70 -5.75
C ASN B 473 21.91 38.69 -6.32
N GLU B 474 22.42 37.77 -5.50
CA GLU B 474 23.25 36.68 -5.99
C GLU B 474 22.42 35.52 -6.52
N LEU B 475 21.10 35.55 -6.33
CA LEU B 475 20.21 34.54 -6.91
C LEU B 475 19.50 35.03 -8.16
N LEU B 476 19.39 36.34 -8.35
CA LEU B 476 18.86 36.89 -9.59
C LEU B 476 19.91 36.97 -10.69
N ASP B 477 21.18 36.75 -10.35
CA ASP B 477 22.24 36.74 -11.36
C ASP B 477 22.72 35.34 -11.69
N LYS B 478 22.46 34.36 -10.82
CA LYS B 478 22.62 32.97 -11.21
C LYS B 478 21.46 32.49 -12.08
N LEU B 479 20.34 33.20 -12.06
CA LEU B 479 19.20 32.85 -12.89
C LEU B 479 19.26 33.49 -14.27
N THR B 480 19.89 34.66 -14.39
CA THR B 480 20.08 35.27 -15.70
C THR B 480 21.09 34.50 -16.53
N ALA B 481 22.12 33.94 -15.89
CA ALA B 481 23.14 33.19 -16.63
C ALA B 481 22.54 31.94 -17.26
N LEU B 482 21.65 31.24 -16.55
CA LEU B 482 21.07 30.02 -17.08
C LEU B 482 20.25 30.30 -18.33
N LEU B 483 19.56 31.44 -18.36
CA LEU B 483 18.74 31.83 -19.51
C LEU B 483 19.56 32.56 -20.57
N GLY B 484 20.88 32.41 -20.56
CA GLY B 484 21.71 33.06 -21.55
C GLY B 484 21.83 32.29 -22.84
N GLY B 485 21.85 30.96 -22.74
CA GLY B 485 21.94 30.15 -23.94
C GLY B 485 20.70 30.25 -24.82
N ARG B 486 19.52 30.18 -24.20
CA ARG B 486 18.28 30.28 -24.95
C ARG B 486 18.12 31.66 -25.58
N ALA B 487 18.66 32.70 -24.93
CA ALA B 487 18.56 34.05 -25.47
C ALA B 487 19.58 34.33 -26.56
N ALA B 488 20.51 33.41 -26.82
CA ALA B 488 21.46 33.58 -27.91
C ALA B 488 20.99 32.94 -29.21
N GLU B 489 20.25 31.85 -29.13
CA GLU B 489 19.66 31.26 -30.33
C GLU B 489 18.55 32.14 -30.89
N GLU B 490 17.72 32.70 -30.00
CA GLU B 490 16.57 33.48 -30.45
C GLU B 490 17.01 34.74 -31.18
N VAL B 491 18.02 35.43 -30.68
CA VAL B 491 18.47 36.67 -31.31
C VAL B 491 19.15 36.38 -32.64
N VAL B 492 19.94 35.31 -32.71
CA VAL B 492 20.73 35.04 -33.91
C VAL B 492 19.89 34.33 -34.97
N PHE B 493 19.39 33.14 -34.65
CA PHE B 493 18.68 32.33 -35.63
C PHE B 493 17.20 32.67 -35.70
N GLY B 494 16.55 32.90 -34.57
CA GLY B 494 15.13 33.14 -34.52
C GLY B 494 14.28 31.91 -34.37
N ASP B 495 14.88 30.72 -34.39
CA ASP B 495 14.17 29.45 -34.29
C ASP B 495 14.75 28.68 -33.11
N VAL B 496 13.95 28.53 -32.05
CA VAL B 496 14.43 27.91 -30.81
C VAL B 496 14.49 26.40 -31.00
N THR B 497 15.59 25.80 -30.54
CA THR B 497 15.80 24.36 -30.63
C THR B 497 15.41 23.69 -29.32
N SER B 498 15.71 22.41 -29.20
CA SER B 498 15.40 21.62 -28.01
C SER B 498 16.61 21.41 -27.12
N GLY B 499 17.72 22.09 -27.38
CA GLY B 499 18.92 21.89 -26.57
C GLY B 499 18.75 22.34 -25.14
N ALA B 500 18.12 23.50 -24.94
CA ALA B 500 18.01 24.10 -23.61
C ALA B 500 16.73 23.61 -22.93
N ALA B 501 16.73 22.31 -22.61
CA ALA B 501 15.64 21.71 -21.88
C ALA B 501 16.00 21.37 -20.44
N ASN B 502 17.29 21.35 -20.09
CA ASN B 502 17.73 21.15 -18.72
C ASN B 502 18.08 22.45 -18.01
N ASP B 503 18.39 23.51 -18.76
CA ASP B 503 18.62 24.82 -18.18
C ASP B 503 17.33 25.58 -17.92
N ILE B 504 16.20 25.00 -18.27
CA ILE B 504 14.90 25.62 -18.01
C ILE B 504 14.29 24.96 -16.78
N GLU B 505 14.56 23.67 -16.60
CA GLU B 505 14.09 22.98 -15.41
C GLU B 505 14.81 23.46 -14.16
N ARG B 506 16.12 23.68 -14.25
CA ARG B 506 16.87 24.14 -13.08
C ARG B 506 16.73 25.64 -12.84
N ALA B 507 16.22 26.39 -13.79
CA ALA B 507 16.00 27.82 -13.61
C ALA B 507 14.60 28.15 -13.13
N THR B 508 13.74 27.15 -12.96
CA THR B 508 12.38 27.37 -12.47
C THR B 508 12.16 26.81 -11.08
N GLU B 509 13.08 26.01 -10.54
CA GLU B 509 13.02 25.66 -9.13
C GLU B 509 13.87 26.57 -8.27
N ILE B 510 14.75 27.37 -8.88
CA ILE B 510 15.40 28.45 -8.15
C ILE B 510 14.39 29.55 -7.84
N ALA B 511 13.47 29.80 -8.76
CA ALA B 511 12.45 30.84 -8.57
C ALA B 511 11.25 30.36 -7.76
N ARG B 512 11.14 29.06 -7.49
CA ARG B 512 10.08 28.55 -6.62
C ARG B 512 10.53 28.44 -5.17
N ASN B 513 11.77 28.79 -4.86
CA ASN B 513 12.23 28.89 -3.48
C ASN B 513 12.29 30.33 -3.00
N MET B 514 12.57 31.28 -3.88
CA MET B 514 12.56 32.68 -3.49
C MET B 514 11.16 33.14 -3.08
N VAL B 515 10.12 32.40 -3.43
CA VAL B 515 8.74 32.80 -3.19
C VAL B 515 8.10 31.96 -2.08
N CYS B 516 8.27 30.65 -2.14
CA CYS B 516 7.60 29.77 -1.18
C CYS B 516 8.34 29.72 0.16
N GLN B 517 9.60 29.29 0.14
CA GLN B 517 10.30 28.96 1.38
C GLN B 517 11.09 30.14 1.95
N LEU B 518 12.03 30.67 1.18
CA LEU B 518 12.92 31.70 1.70
C LEU B 518 12.23 33.03 1.94
N GLY B 519 11.02 33.22 1.42
CA GLY B 519 10.26 34.42 1.70
C GLY B 519 10.86 35.71 1.18
N MET B 520 11.33 35.71 -0.07
CA MET B 520 11.90 36.90 -0.71
C MET B 520 10.95 37.49 -1.75
N SER B 521 9.66 37.45 -1.47
CA SER B 521 8.65 38.04 -2.34
C SER B 521 7.96 39.19 -1.60
N GLU B 522 7.76 40.30 -2.29
CA GLU B 522 7.21 41.49 -1.67
C GLU B 522 5.69 41.50 -1.62
N GLU B 523 5.02 40.53 -2.22
CA GLU B 523 3.57 40.44 -2.20
C GLU B 523 3.03 39.42 -1.22
N LEU B 524 3.65 38.24 -1.14
CA LEU B 524 3.16 37.18 -0.26
C LEU B 524 3.71 37.29 1.16
N GLY B 525 4.65 38.19 1.42
CA GLY B 525 5.14 38.43 2.75
C GLY B 525 6.09 37.35 3.24
N PRO B 526 6.55 37.48 4.48
CA PRO B 526 7.49 36.49 5.07
C PRO B 526 6.78 35.28 5.67
N LEU B 527 6.31 34.40 4.79
CA LEU B 527 5.66 33.16 5.21
C LEU B 527 6.26 32.00 4.45
N ALA B 528 5.95 30.79 4.90
CA ALA B 528 6.49 29.56 4.32
C ALA B 528 5.33 28.68 3.88
N TRP B 529 4.85 28.91 2.66
CA TRP B 529 3.83 28.05 2.07
C TRP B 529 4.46 26.74 1.63
N GLY B 530 3.85 25.62 2.02
CA GLY B 530 4.39 24.33 1.63
C GLY B 530 4.32 23.29 2.72
N LYS B 531 5.46 22.69 3.07
CA LYS B 531 5.50 21.64 4.07
C LYS B 531 5.00 22.11 5.43
N ARG B 544 0.09 16.18 2.01
CA ARG B 544 1.47 16.53 2.28
C ARG B 544 2.05 17.39 1.18
N LEU B 545 3.02 18.24 1.55
CA LEU B 545 3.76 19.14 0.67
C LEU B 545 2.88 20.26 0.10
N ARG B 546 1.59 20.28 0.41
CA ARG B 546 0.72 21.38 0.00
C ARG B 546 -0.45 21.44 0.98
N ASN B 547 -0.53 22.54 1.74
CA ASN B 547 -1.69 22.81 2.59
C ASN B 547 -2.00 24.30 2.49
N TYR B 548 -2.81 24.68 1.51
CA TYR B 548 -3.29 26.05 1.36
C TYR B 548 -4.39 26.05 0.32
N SER B 549 -5.05 27.19 0.19
CA SER B 549 -6.24 27.28 -0.63
C SER B 549 -5.88 27.27 -2.11
N GLU B 550 -6.90 27.44 -2.95
CA GLU B 550 -6.72 27.60 -4.38
C GLU B 550 -6.57 29.06 -4.78
N GLU B 551 -7.08 29.98 -3.97
CA GLU B 551 -6.88 31.40 -4.24
C GLU B 551 -5.43 31.80 -4.02
N VAL B 552 -4.77 31.22 -3.02
CA VAL B 552 -3.34 31.48 -2.81
C VAL B 552 -2.52 30.81 -3.91
N ALA B 553 -2.88 29.59 -4.29
CA ALA B 553 -2.10 28.85 -5.27
C ALA B 553 -2.10 29.52 -6.63
N SER B 554 -3.02 30.45 -6.88
CA SER B 554 -3.04 31.20 -8.13
C SER B 554 -2.30 32.52 -8.02
N LYS B 555 -1.73 32.83 -6.87
CA LYS B 555 -0.89 34.01 -6.72
C LYS B 555 0.59 33.68 -6.68
N ILE B 556 0.94 32.43 -6.39
CA ILE B 556 2.33 32.01 -6.47
C ILE B 556 2.79 31.95 -7.92
N ASP B 557 1.91 31.48 -8.81
CA ASP B 557 2.25 31.39 -10.22
C ASP B 557 2.37 32.75 -10.89
N GLU B 558 1.53 33.72 -10.54
CA GLU B 558 1.66 35.06 -11.09
C GLU B 558 2.95 35.75 -10.67
N GLU B 559 3.58 35.28 -9.60
CA GLU B 559 4.88 35.78 -9.16
C GLU B 559 6.04 35.01 -9.79
N VAL B 560 5.92 33.69 -9.88
CA VAL B 560 6.97 32.89 -10.51
C VAL B 560 7.09 33.26 -11.98
N LYS B 561 5.96 33.41 -12.68
CA LYS B 561 5.98 33.78 -14.08
C LYS B 561 6.44 35.22 -14.29
N LYS B 562 6.48 36.03 -13.24
CA LYS B 562 6.94 37.40 -13.36
C LYS B 562 8.42 37.55 -13.05
N ILE B 563 8.95 36.73 -12.13
CA ILE B 563 10.38 36.77 -11.84
C ILE B 563 11.17 36.25 -13.03
N VAL B 564 10.76 35.10 -13.59
CA VAL B 564 11.53 34.48 -14.66
C VAL B 564 11.47 35.30 -15.93
N THR B 565 10.29 35.80 -16.28
CA THR B 565 10.15 36.58 -17.51
C THR B 565 10.97 37.87 -17.44
N ASN B 566 11.02 38.49 -16.26
CA ASN B 566 11.75 39.75 -16.13
C ASN B 566 13.25 39.56 -16.35
N CYS B 567 13.80 38.42 -15.94
CA CYS B 567 15.22 38.16 -16.15
C CYS B 567 15.51 37.78 -17.60
N TYR B 568 14.62 37.04 -18.24
CA TYR B 568 14.81 36.62 -19.62
C TYR B 568 14.79 37.79 -20.59
N GLU B 569 14.15 38.91 -20.21
CA GLU B 569 14.16 40.12 -21.03
C GLU B 569 15.46 40.90 -20.90
N ARG B 570 16.30 40.54 -19.94
CA ARG B 570 17.56 41.24 -19.68
C ARG B 570 18.76 40.52 -20.26
N ALA B 571 18.74 39.19 -20.28
CA ALA B 571 19.78 38.43 -20.96
C ALA B 571 19.79 38.74 -22.45
N LYS B 572 18.62 38.87 -23.05
CA LYS B 572 18.55 39.25 -24.46
C LYS B 572 19.12 40.64 -24.67
N GLU B 573 18.90 41.55 -23.72
CA GLU B 573 19.44 42.90 -23.83
C GLU B 573 20.96 42.89 -23.74
N ILE B 574 21.52 42.03 -22.89
CA ILE B 574 22.98 41.96 -22.78
C ILE B 574 23.61 41.52 -24.09
N ILE B 575 23.00 40.52 -24.75
CA ILE B 575 23.59 39.95 -25.96
C ILE B 575 23.67 40.99 -27.07
N ARG B 576 22.64 41.82 -27.20
CA ARG B 576 22.58 42.75 -28.32
C ARG B 576 23.72 43.75 -28.30
N LYS B 577 24.23 44.10 -27.11
CA LYS B 577 25.38 45.00 -27.04
C LYS B 577 26.66 44.30 -27.51
N TYR B 578 26.92 43.11 -26.98
CA TYR B 578 28.14 42.37 -27.32
C TYR B 578 27.83 41.32 -28.37
N ARG B 579 27.56 41.79 -29.59
CA ARG B 579 27.35 40.91 -30.72
C ARG B 579 28.51 40.87 -31.69
N LYS B 580 29.10 42.03 -32.01
CA LYS B 580 30.29 42.03 -32.85
C LYS B 580 31.43 41.28 -32.20
N GLN B 581 31.49 41.28 -30.87
CA GLN B 581 32.50 40.57 -30.11
C GLN B 581 32.06 39.16 -29.70
N LEU B 582 30.86 38.73 -30.12
CA LEU B 582 30.42 37.37 -29.88
C LEU B 582 30.75 36.45 -31.04
N ASP B 583 30.87 37.00 -32.25
CA ASP B 583 31.25 36.17 -33.40
C ASP B 583 32.71 35.78 -33.34
N ASN B 584 33.57 36.68 -32.85
CA ASN B 584 34.99 36.37 -32.76
C ASN B 584 35.24 35.18 -31.84
N ILE B 585 34.50 35.10 -30.73
CA ILE B 585 34.61 33.97 -29.82
C ILE B 585 34.17 32.67 -30.50
N VAL B 586 33.31 32.77 -31.52
CA VAL B 586 32.79 31.55 -32.14
C VAL B 586 33.76 31.00 -33.17
N GLU B 587 34.24 31.86 -34.08
CA GLU B 587 35.11 31.38 -35.15
C GLU B 587 36.44 30.85 -34.60
N ILE B 588 36.90 31.38 -33.47
CA ILE B 588 38.04 30.78 -32.80
C ILE B 588 37.68 29.42 -32.22
N LEU B 589 36.46 29.30 -31.72
CA LEU B 589 36.02 28.06 -31.08
C LEU B 589 35.64 26.97 -32.07
N LEU B 590 35.51 27.30 -33.36
CA LEU B 590 35.12 26.32 -34.36
C LEU B 590 36.29 25.58 -34.98
N GLU B 591 37.53 25.98 -34.68
CA GLU B 591 38.71 25.29 -35.18
C GLU B 591 39.54 24.67 -34.07
N LYS B 592 39.89 25.44 -33.04
CA LYS B 592 40.66 24.88 -31.93
C LYS B 592 39.80 24.03 -31.01
N GLU B 593 38.49 24.20 -31.03
CA GLU B 593 37.53 23.44 -30.24
C GLU B 593 37.67 23.67 -28.75
N THR B 594 38.43 24.69 -28.33
CA THR B 594 38.60 24.99 -26.92
C THR B 594 39.18 26.40 -26.79
N ILE B 595 38.63 27.19 -25.87
CA ILE B 595 39.11 28.53 -25.59
C ILE B 595 39.29 28.67 -24.09
N GLU B 596 40.28 29.46 -23.69
CA GLU B 596 40.60 29.64 -22.28
C GLU B 596 39.92 30.88 -21.72
N GLY B 597 39.84 30.94 -20.39
CA GLY B 597 39.15 32.05 -19.75
C GLY B 597 39.85 33.38 -19.94
N ASP B 598 41.18 33.39 -19.88
CA ASP B 598 41.92 34.64 -20.00
C ASP B 598 41.71 35.27 -21.37
N GLU B 599 41.74 34.45 -22.43
CA GLU B 599 41.48 34.98 -23.77
C GLU B 599 40.08 35.54 -23.88
N LEU B 600 39.09 34.86 -23.29
CA LEU B 600 37.72 35.36 -23.32
C LEU B 600 37.62 36.72 -22.65
N ARG B 601 38.15 36.84 -21.43
CA ARG B 601 38.05 38.10 -20.70
C ARG B 601 38.91 39.19 -21.32
N ARG B 602 39.93 38.83 -22.10
CA ARG B 602 40.67 39.83 -22.87
C ARG B 602 39.87 40.30 -24.07
N ILE B 603 39.14 39.38 -24.72
CA ILE B 603 38.37 39.74 -25.90
C ILE B 603 37.20 40.63 -25.52
N LEU B 604 36.49 40.29 -24.44
CA LEU B 604 35.30 41.06 -24.06
C LEU B 604 35.65 42.51 -23.74
N SER B 605 36.71 42.72 -22.95
CA SER B 605 37.16 44.06 -22.59
C SER B 605 38.16 44.53 -23.63
N GLU B 606 37.65 45.15 -24.68
CA GLU B 606 38.50 45.61 -25.78
C GLU B 606 39.48 46.68 -25.31
N VAL C 161 41.71 -14.02 -33.25
CA VAL C 161 40.66 -13.22 -32.62
C VAL C 161 41.20 -11.87 -32.16
N THR C 162 42.06 -11.27 -32.99
CA THR C 162 42.63 -9.97 -32.66
C THR C 162 41.55 -8.90 -32.73
N PHE C 163 41.95 -7.65 -32.46
CA PHE C 163 41.00 -6.54 -32.45
C PHE C 163 40.39 -6.27 -33.82
N LYS C 164 40.99 -6.79 -34.90
CA LYS C 164 40.41 -6.62 -36.22
C LYS C 164 39.12 -7.41 -36.40
N ASP C 165 38.80 -8.31 -35.49
CA ASP C 165 37.59 -9.12 -35.57
C ASP C 165 36.47 -8.58 -34.69
N VAL C 166 36.66 -7.41 -34.09
CA VAL C 166 35.63 -6.76 -33.27
C VAL C 166 35.42 -5.36 -33.81
N GLY C 167 34.17 -5.02 -34.12
CA GLY C 167 33.85 -3.71 -34.63
C GLY C 167 32.65 -3.12 -33.91
N GLY C 168 32.57 -1.79 -33.96
CA GLY C 168 31.46 -1.08 -33.38
C GLY C 168 31.68 -0.52 -32.00
N ALA C 169 32.89 -0.65 -31.44
CA ALA C 169 33.18 -0.08 -30.12
C ALA C 169 34.64 0.37 -30.14
N GLU C 170 34.85 1.65 -30.44
CA GLU C 170 36.19 2.22 -30.51
C GLU C 170 36.64 2.85 -29.19
N GLU C 171 35.80 2.85 -28.17
CA GLU C 171 36.17 3.39 -26.87
C GLU C 171 36.51 2.30 -25.86
N ALA C 172 36.10 1.07 -26.11
CA ALA C 172 36.53 -0.06 -25.31
C ALA C 172 37.74 -0.78 -25.88
N ILE C 173 38.28 -0.27 -26.98
CA ILE C 173 39.50 -0.82 -27.59
C ILE C 173 40.69 0.09 -27.35
N GLU C 174 40.56 1.38 -27.69
CA GLU C 174 41.65 2.31 -27.48
C GLU C 174 41.97 2.44 -25.99
N GLU C 175 40.93 2.49 -25.16
CA GLU C 175 41.12 2.54 -23.71
C GLU C 175 41.69 1.24 -23.15
N LEU C 176 41.49 0.12 -23.84
CA LEU C 176 41.88 -1.20 -23.35
C LEU C 176 43.02 -1.77 -24.20
N LYS C 177 43.99 -0.93 -24.56
CA LYS C 177 45.17 -1.38 -25.27
C LYS C 177 46.43 -1.39 -24.42
N GLU C 178 46.55 -0.50 -23.44
CA GLU C 178 47.72 -0.53 -22.57
C GLU C 178 47.76 -1.79 -21.70
N VAL C 179 46.61 -2.41 -21.46
CA VAL C 179 46.60 -3.68 -20.74
C VAL C 179 47.41 -4.72 -21.51
N VAL C 180 47.27 -4.74 -22.84
CA VAL C 180 48.15 -5.58 -23.66
C VAL C 180 49.59 -5.14 -23.50
N GLU C 181 49.83 -3.82 -23.56
CA GLU C 181 51.18 -3.30 -23.37
C GLU C 181 51.72 -3.61 -21.98
N PHE C 182 50.88 -3.49 -20.96
CA PHE C 182 51.32 -3.78 -19.59
C PHE C 182 51.78 -5.23 -19.45
N LEU C 183 51.22 -6.13 -20.25
CA LEU C 183 51.66 -7.52 -20.25
C LEU C 183 52.90 -7.76 -21.11
N LYS C 184 53.47 -6.71 -21.69
CA LYS C 184 54.69 -6.81 -22.48
C LYS C 184 55.89 -6.20 -21.78
N ASP C 185 55.78 -4.95 -21.33
CA ASP C 185 56.88 -4.24 -20.67
C ASP C 185 56.35 -3.63 -19.38
N PRO C 186 56.25 -4.41 -18.30
CA PRO C 186 55.70 -3.88 -17.05
C PRO C 186 56.67 -2.95 -16.33
N SER C 187 57.85 -2.72 -16.92
CA SER C 187 58.84 -1.85 -16.29
C SER C 187 58.47 -0.38 -16.40
N LYS C 188 57.72 0.00 -17.42
CA LYS C 188 57.36 1.40 -17.61
C LYS C 188 56.43 1.90 -16.51
N PHE C 189 55.59 1.03 -15.97
CA PHE C 189 54.58 1.42 -14.99
C PHE C 189 55.07 1.36 -13.56
N ASN C 190 56.33 0.96 -13.33
CA ASN C 190 56.88 0.94 -11.99
C ASN C 190 57.89 2.05 -11.74
N ARG C 191 58.41 2.68 -12.80
CA ARG C 191 59.35 3.78 -12.62
C ARG C 191 58.65 5.03 -12.08
N ILE C 192 57.33 5.11 -12.20
CA ILE C 192 56.57 6.28 -11.75
C ILE C 192 55.74 5.97 -10.52
N GLY C 193 55.11 4.79 -10.47
CA GLY C 193 54.29 4.44 -9.33
C GLY C 193 52.92 3.93 -9.71
N ALA C 194 52.73 3.60 -10.98
CA ALA C 194 51.45 3.10 -11.45
C ALA C 194 51.10 1.78 -10.78
N ARG C 195 49.81 1.60 -10.48
CA ARG C 195 49.33 0.46 -9.72
C ARG C 195 48.16 -0.19 -10.48
N MET C 196 48.42 -0.53 -11.75
CA MET C 196 47.45 -1.11 -12.69
C MET C 196 46.50 -2.07 -11.99
N PRO C 197 45.18 -1.85 -12.12
CA PRO C 197 44.23 -2.58 -11.28
C PRO C 197 44.22 -4.08 -11.54
N LYS C 198 43.87 -4.81 -10.50
CA LYS C 198 43.76 -6.26 -10.57
C LYS C 198 42.47 -6.72 -11.24
N GLY C 199 41.40 -5.96 -11.11
CA GLY C 199 40.10 -6.34 -11.67
C GLY C 199 39.55 -5.28 -12.59
N ILE C 200 38.87 -5.72 -13.64
CA ILE C 200 38.24 -4.84 -14.63
C ILE C 200 36.78 -5.24 -14.76
N LEU C 201 35.88 -4.26 -14.65
CA LEU C 201 34.45 -4.49 -14.63
C LEU C 201 33.83 -3.94 -15.92
N LEU C 202 33.33 -4.83 -16.77
CA LEU C 202 32.66 -4.44 -18.01
C LEU C 202 31.17 -4.34 -17.77
N VAL C 203 30.59 -3.18 -18.08
CA VAL C 203 29.17 -2.93 -17.84
C VAL C 203 28.52 -2.43 -19.13
N GLY C 204 27.30 -2.89 -19.38
CA GLY C 204 26.55 -2.48 -20.55
C GLY C 204 25.28 -3.30 -20.71
N PRO C 205 24.45 -2.91 -21.68
CA PRO C 205 23.23 -3.68 -21.95
C PRO C 205 23.58 -5.10 -22.37
N PRO C 206 22.72 -6.06 -22.05
CA PRO C 206 23.02 -7.45 -22.40
C PRO C 206 23.06 -7.67 -23.90
N GLY C 207 23.92 -8.60 -24.32
CA GLY C 207 24.09 -8.89 -25.73
C GLY C 207 24.92 -7.90 -26.48
N THR C 208 25.54 -6.93 -25.79
CA THR C 208 26.33 -5.92 -26.48
C THR C 208 27.62 -6.51 -27.05
N GLY C 209 28.18 -7.54 -26.41
CA GLY C 209 29.42 -8.12 -26.85
C GLY C 209 30.53 -8.00 -25.83
N LYS C 210 30.17 -8.01 -24.56
CA LYS C 210 31.16 -7.89 -23.49
C LYS C 210 32.11 -9.10 -23.49
N THR C 211 31.56 -10.30 -23.67
CA THR C 211 32.38 -11.51 -23.58
C THR C 211 33.42 -11.56 -24.70
N LEU C 212 33.06 -11.06 -25.88
CA LEU C 212 33.99 -11.15 -27.02
C LEU C 212 35.24 -10.33 -26.79
N LEU C 213 35.14 -9.21 -26.07
CA LEU C 213 36.30 -8.35 -25.86
C LEU C 213 37.37 -9.05 -25.03
N ALA C 214 36.97 -9.80 -24.00
CA ALA C 214 37.94 -10.50 -23.18
C ALA C 214 38.68 -11.56 -24.00
N ARG C 215 37.95 -12.30 -24.83
CA ARG C 215 38.61 -13.27 -25.71
C ARG C 215 39.55 -12.58 -26.68
N ALA C 216 39.14 -11.42 -27.19
CA ALA C 216 39.99 -10.68 -28.13
C ALA C 216 41.29 -10.24 -27.48
N VAL C 217 41.21 -9.68 -26.26
CA VAL C 217 42.43 -9.23 -25.60
C VAL C 217 43.29 -10.41 -25.17
N ALA C 218 42.67 -11.52 -24.79
CA ALA C 218 43.45 -12.72 -24.47
C ALA C 218 44.20 -13.23 -25.70
N GLY C 219 43.56 -13.22 -26.86
CA GLY C 219 44.21 -13.66 -28.07
C GLY C 219 45.15 -12.66 -28.70
N GLU C 220 45.08 -11.39 -28.28
CA GLU C 220 45.96 -10.37 -28.84
C GLU C 220 47.42 -10.71 -28.59
N ALA C 221 47.76 -11.04 -27.35
CA ALA C 221 49.08 -11.56 -27.01
C ALA C 221 48.90 -12.98 -26.50
N ASN C 222 49.65 -13.93 -27.07
CA ASN C 222 49.42 -15.34 -26.82
C ASN C 222 49.50 -15.65 -25.33
N VAL C 223 48.36 -15.93 -24.72
CA VAL C 223 48.23 -16.07 -23.27
C VAL C 223 47.10 -17.04 -22.97
N PRO C 224 47.25 -17.92 -21.98
CA PRO C 224 46.13 -18.81 -21.60
C PRO C 224 44.92 -18.00 -21.18
N PHE C 225 43.74 -18.54 -21.46
CA PHE C 225 42.47 -17.91 -21.11
C PHE C 225 41.61 -18.92 -20.35
N PHE C 226 41.15 -18.53 -19.16
CA PHE C 226 40.29 -19.37 -18.35
C PHE C 226 38.95 -18.66 -18.13
N HIS C 227 37.90 -19.20 -18.73
CA HIS C 227 36.56 -18.63 -18.63
C HIS C 227 35.75 -19.39 -17.60
N ILE C 228 35.11 -18.65 -16.68
CA ILE C 228 34.23 -19.23 -15.68
C ILE C 228 32.98 -18.36 -15.61
N SER C 229 31.82 -19.01 -15.58
CA SER C 229 30.54 -18.31 -15.53
C SER C 229 29.99 -18.32 -14.11
N GLY C 230 29.53 -17.16 -13.67
CA GLY C 230 28.90 -17.06 -12.36
C GLY C 230 27.54 -17.73 -12.28
N SER C 231 26.89 -17.95 -13.43
CA SER C 231 25.66 -18.71 -13.44
C SER C 231 25.90 -20.17 -13.05
N ASP C 232 27.09 -20.69 -13.33
CA ASP C 232 27.43 -22.04 -12.89
C ASP C 232 27.50 -22.13 -11.37
N PHE C 233 27.93 -21.06 -10.70
CA PHE C 233 27.97 -21.05 -9.24
C PHE C 233 26.58 -21.09 -8.63
N VAL C 234 25.54 -20.78 -9.42
CA VAL C 234 24.17 -20.82 -8.91
C VAL C 234 23.72 -22.26 -8.75
N GLU C 235 23.11 -22.57 -7.61
CA GLU C 235 22.55 -23.88 -7.28
C GLU C 235 23.62 -24.97 -7.18
N LEU C 236 24.89 -24.61 -7.13
CA LEU C 236 25.93 -25.60 -6.90
C LEU C 236 25.91 -26.07 -5.45
N PHE C 237 26.45 -27.26 -5.23
CA PHE C 237 26.51 -27.81 -3.87
C PHE C 237 27.45 -26.97 -3.01
N VAL C 238 27.20 -27.01 -1.69
CA VAL C 238 27.94 -26.18 -0.76
C VAL C 238 29.42 -26.54 -0.81
N GLY C 239 30.26 -25.54 -1.06
CA GLY C 239 31.69 -25.73 -1.12
C GLY C 239 32.27 -26.04 -2.48
N VAL C 240 31.42 -26.43 -3.44
CA VAL C 240 31.91 -26.75 -4.78
C VAL C 240 32.48 -25.50 -5.45
N GLY C 241 31.78 -24.37 -5.33
CA GLY C 241 32.27 -23.14 -5.93
C GLY C 241 33.60 -22.68 -5.36
N ALA C 242 33.75 -22.78 -4.03
CA ALA C 242 35.01 -22.40 -3.41
C ALA C 242 36.15 -23.29 -3.89
N ALA C 243 35.91 -24.60 -3.99
CA ALA C 243 36.93 -25.51 -4.50
C ALA C 243 37.28 -25.19 -5.94
N ARG C 244 36.28 -24.89 -6.76
CA ARG C 244 36.55 -24.53 -8.15
C ARG C 244 37.39 -23.27 -8.25
N VAL C 245 37.08 -22.26 -7.43
CA VAL C 245 37.84 -21.02 -7.43
C VAL C 245 39.28 -21.27 -6.99
N ARG C 246 39.46 -22.06 -5.93
CA ARG C 246 40.81 -22.34 -5.45
C ARG C 246 41.62 -23.09 -6.49
N ASP C 247 41.01 -24.08 -7.15
CA ASP C 247 41.69 -24.81 -8.21
C ASP C 247 42.00 -23.90 -9.39
N LEU C 248 41.11 -22.95 -9.69
CA LEU C 248 41.35 -22.02 -10.79
C LEU C 248 42.59 -21.18 -10.53
N PHE C 249 42.66 -20.54 -9.36
CA PHE C 249 43.87 -19.76 -9.07
C PHE C 249 45.10 -20.64 -8.90
N ALA C 250 44.93 -21.88 -8.42
CA ALA C 250 46.08 -22.78 -8.35
C ALA C 250 46.65 -23.07 -9.72
N GLN C 251 45.77 -23.31 -10.70
CA GLN C 251 46.22 -23.50 -12.08
C GLN C 251 46.83 -22.22 -12.63
N ALA C 252 46.21 -21.08 -12.35
CA ALA C 252 46.66 -19.81 -12.93
C ALA C 252 48.05 -19.44 -12.44
N LYS C 253 48.30 -19.62 -11.14
CA LYS C 253 49.59 -19.21 -10.58
C LYS C 253 50.74 -20.07 -11.10
N ALA C 254 50.46 -21.27 -11.61
CA ALA C 254 51.51 -22.14 -12.11
C ALA C 254 52.05 -21.68 -13.45
N HIS C 255 51.25 -20.95 -14.23
CA HIS C 255 51.61 -20.59 -15.59
C HIS C 255 52.18 -19.17 -15.66
N ALA C 256 52.47 -18.75 -16.88
CA ALA C 256 52.90 -17.40 -17.19
C ALA C 256 51.75 -16.43 -16.90
N PRO C 257 51.99 -15.10 -17.03
CA PRO C 257 50.87 -14.15 -16.89
C PRO C 257 49.66 -14.53 -17.72
N CYS C 258 48.55 -14.83 -17.04
CA CYS C 258 47.38 -15.44 -17.65
C CYS C 258 46.20 -14.47 -17.60
N ILE C 259 45.10 -14.87 -18.24
CA ILE C 259 43.87 -14.10 -18.27
C ILE C 259 42.75 -14.98 -17.73
N VAL C 260 42.04 -14.47 -16.73
CA VAL C 260 40.91 -15.17 -16.12
C VAL C 260 39.68 -14.30 -16.24
N PHE C 261 38.60 -14.86 -16.79
CA PHE C 261 37.34 -14.15 -16.97
C PHE C 261 36.27 -14.78 -16.08
N ILE C 262 35.54 -13.93 -15.37
CA ILE C 262 34.38 -14.34 -14.58
C ILE C 262 33.16 -13.62 -15.13
N ASP C 263 32.14 -14.39 -15.46
CA ASP C 263 30.94 -13.86 -16.10
C ASP C 263 29.77 -13.87 -15.12
N GLU C 264 28.86 -12.91 -15.33
CA GLU C 264 27.57 -12.88 -14.62
C GLU C 264 27.79 -12.78 -13.12
N ILE C 265 28.48 -11.72 -12.68
CA ILE C 265 28.82 -11.56 -11.28
C ILE C 265 27.70 -10.92 -10.47
N ASP C 266 26.68 -10.38 -11.14
CA ASP C 266 25.58 -9.74 -10.42
C ASP C 266 24.81 -10.73 -9.56
N ALA C 267 24.60 -11.95 -10.06
CA ALA C 267 23.84 -12.95 -9.33
C ALA C 267 24.58 -13.39 -8.07
N VAL C 268 25.89 -13.62 -8.17
CA VAL C 268 26.66 -14.08 -7.02
C VAL C 268 26.68 -13.01 -5.93
N GLY C 269 26.92 -11.77 -6.32
CA GLY C 269 26.99 -10.67 -5.38
C GLY C 269 25.70 -9.85 -5.32
N GLU C 284 26.85 -16.97 -1.28
CA GLU C 284 27.38 -16.12 -0.22
C GLU C 284 28.72 -16.63 0.27
N GLN C 285 28.80 -17.96 0.49
CA GLN C 285 30.05 -18.56 0.96
C GLN C 285 31.17 -18.38 -0.06
N THR C 286 30.86 -18.60 -1.35
CA THR C 286 31.88 -18.42 -2.38
C THR C 286 32.26 -16.95 -2.54
N LEU C 287 31.34 -16.03 -2.22
CA LEU C 287 31.65 -14.61 -2.33
C LEU C 287 32.79 -14.22 -1.41
N ASN C 288 32.68 -14.56 -0.12
CA ASN C 288 33.71 -14.16 0.84
C ASN C 288 35.04 -14.83 0.53
N GLN C 289 35.01 -16.09 0.07
CA GLN C 289 36.24 -16.76 -0.30
C GLN C 289 36.92 -16.07 -1.49
N LEU C 290 36.13 -15.53 -2.42
CA LEU C 290 36.70 -14.84 -3.56
C LEU C 290 37.44 -13.58 -3.14
N LEU C 291 36.84 -12.78 -2.25
CA LEU C 291 37.47 -11.54 -1.82
C LEU C 291 38.81 -11.78 -1.15
N VAL C 292 38.88 -12.78 -0.26
CA VAL C 292 40.12 -13.04 0.45
C VAL C 292 41.18 -13.57 -0.50
N GLU C 293 40.81 -14.51 -1.38
CA GLU C 293 41.78 -15.11 -2.28
C GLU C 293 42.30 -14.10 -3.30
N MET C 294 41.42 -13.19 -3.75
CA MET C 294 41.86 -12.14 -4.66
C MET C 294 42.92 -11.26 -4.02
N ASP C 295 42.72 -10.89 -2.75
CA ASP C 295 43.69 -10.05 -2.05
C ASP C 295 45.00 -10.76 -1.79
N GLY C 296 45.03 -12.09 -1.91
CA GLY C 296 46.23 -12.86 -1.63
C GLY C 296 47.37 -12.62 -2.60
N PHE C 297 47.14 -12.90 -3.88
CA PHE C 297 48.19 -12.79 -4.87
C PHE C 297 48.50 -11.32 -5.16
N ASP C 298 49.58 -11.09 -5.89
CA ASP C 298 50.05 -9.75 -6.22
C ASP C 298 49.75 -9.43 -7.67
N SER C 299 49.59 -8.13 -7.95
CA SER C 299 49.29 -7.70 -9.32
C SER C 299 50.50 -7.77 -10.24
N LYS C 300 51.71 -7.86 -9.69
CA LYS C 300 52.91 -7.94 -10.51
C LYS C 300 53.18 -9.34 -11.03
N GLU C 301 52.47 -10.36 -10.54
CA GLU C 301 52.68 -11.71 -11.05
C GLU C 301 52.21 -11.83 -12.49
N GLY C 302 51.12 -11.15 -12.84
CA GLY C 302 50.58 -11.20 -14.18
C GLY C 302 49.17 -11.77 -14.21
N ILE C 303 48.44 -11.60 -13.12
CA ILE C 303 47.08 -12.11 -12.99
C ILE C 303 46.12 -10.95 -13.26
N ILE C 304 45.20 -11.16 -14.21
CA ILE C 304 44.20 -10.17 -14.57
C ILE C 304 42.82 -10.81 -14.45
N VAL C 305 41.91 -10.11 -13.79
CA VAL C 305 40.55 -10.59 -13.57
C VAL C 305 39.59 -9.64 -14.25
N MET C 306 38.73 -10.18 -15.11
CA MET C 306 37.74 -9.40 -15.84
C MET C 306 36.34 -9.85 -15.46
N ALA C 307 35.51 -8.91 -15.00
CA ALA C 307 34.14 -9.18 -14.60
C ALA C 307 33.18 -8.48 -15.54
N ALA C 308 32.08 -9.15 -15.86
CA ALA C 308 31.08 -8.62 -16.79
C ALA C 308 29.70 -8.76 -16.14
N THR C 309 29.10 -7.63 -15.77
CA THR C 309 27.78 -7.61 -15.16
C THR C 309 26.80 -6.88 -16.06
N ASN C 310 25.55 -7.29 -16.01
CA ASN C 310 24.48 -6.64 -16.75
C ASN C 310 23.76 -5.56 -15.95
N ARG C 311 24.10 -5.41 -14.66
CA ARG C 311 23.45 -4.45 -13.79
C ARG C 311 24.49 -3.84 -12.86
N PRO C 312 24.61 -2.52 -12.81
CA PRO C 312 25.60 -1.89 -11.93
C PRO C 312 25.11 -1.51 -10.54
N ASP C 313 23.83 -1.74 -10.24
CA ASP C 313 23.26 -1.31 -8.96
C ASP C 313 23.10 -2.46 -7.97
N ILE C 314 22.68 -3.63 -8.42
CA ILE C 314 22.49 -4.78 -7.51
C ILE C 314 23.79 -5.41 -7.09
N LEU C 315 24.93 -4.89 -7.54
CA LEU C 315 26.22 -5.45 -7.17
C LEU C 315 26.51 -5.23 -5.69
N ASP C 316 27.34 -6.10 -5.14
CA ASP C 316 27.72 -6.00 -3.73
C ASP C 316 28.54 -4.73 -3.52
N PRO C 317 28.14 -3.83 -2.63
CA PRO C 317 28.92 -2.60 -2.43
C PRO C 317 30.34 -2.84 -1.95
N ALA C 318 30.60 -3.94 -1.24
CA ALA C 318 31.94 -4.20 -0.73
C ALA C 318 32.95 -4.37 -1.86
N LEU C 319 32.51 -4.87 -3.02
CA LEU C 319 33.42 -5.06 -4.14
C LEU C 319 33.92 -3.74 -4.72
N LEU C 320 33.25 -2.63 -4.41
CA LEU C 320 33.64 -1.32 -4.94
C LEU C 320 34.75 -0.67 -4.13
N ARG C 321 35.17 -1.26 -3.02
CA ARG C 321 36.25 -0.70 -2.23
C ARG C 321 37.58 -0.80 -2.99
N PRO C 322 38.53 0.09 -2.70
CA PRO C 322 39.82 0.04 -3.39
C PRO C 322 40.55 -1.27 -3.11
N GLY C 323 41.36 -1.69 -4.08
CA GLY C 323 41.99 -2.99 -4.07
C GLY C 323 41.15 -4.07 -4.71
N ARG C 324 39.84 -3.95 -4.64
CA ARG C 324 38.90 -4.83 -5.32
C ARG C 324 38.59 -4.23 -6.69
N PHE C 325 37.54 -4.72 -7.35
CA PHE C 325 37.11 -4.18 -8.64
C PHE C 325 36.86 -2.68 -8.52
N ASP C 326 37.68 -1.87 -9.20
CA ASP C 326 37.57 -0.42 -9.13
C ASP C 326 37.58 0.27 -10.49
N LYS C 327 38.05 -0.39 -11.55
CA LYS C 327 38.09 0.19 -12.89
C LYS C 327 36.99 -0.43 -13.72
N LYS C 328 36.13 0.41 -14.30
CA LYS C 328 34.98 -0.06 -15.06
C LYS C 328 35.01 0.51 -16.47
N ILE C 329 34.55 -0.30 -17.42
CA ILE C 329 34.49 0.05 -18.83
C ILE C 329 33.04 -0.11 -19.28
N VAL C 330 32.50 0.95 -19.90
CA VAL C 330 31.10 0.98 -20.32
C VAL C 330 31.04 0.70 -21.81
N VAL C 331 30.23 -0.29 -22.21
CA VAL C 331 29.99 -0.60 -23.61
C VAL C 331 28.59 -0.09 -23.98
N ASP C 332 28.45 0.39 -25.21
CA ASP C 332 27.23 1.02 -25.65
C ASP C 332 26.77 0.43 -26.98
N PRO C 333 25.48 0.49 -27.29
CA PRO C 333 25.02 0.00 -28.58
C PRO C 333 25.61 0.81 -29.71
N PRO C 334 25.86 0.18 -30.85
CA PRO C 334 26.50 0.89 -31.96
C PRO C 334 25.60 1.95 -32.56
N ASP C 335 26.24 2.96 -33.17
CA ASP C 335 25.54 3.98 -33.93
C ASP C 335 25.43 3.51 -35.39
N MET C 336 25.09 4.42 -36.29
CA MET C 336 24.80 4.03 -37.68
C MET C 336 26.02 3.37 -38.34
N LEU C 337 27.21 3.94 -38.13
CA LEU C 337 28.39 3.40 -38.80
C LEU C 337 28.85 2.09 -38.16
N GLY C 338 28.53 1.86 -36.89
CA GLY C 338 28.92 0.62 -36.26
C GLY C 338 28.23 -0.60 -36.84
N ARG C 339 26.94 -0.47 -37.13
CA ARG C 339 26.18 -1.60 -37.68
C ARG C 339 26.70 -1.99 -39.05
N LYS C 340 27.16 -1.01 -39.84
CA LYS C 340 27.78 -1.34 -41.12
C LYS C 340 29.02 -2.20 -40.92
N LYS C 341 29.85 -1.85 -39.94
CA LYS C 341 31.06 -2.63 -39.68
C LYS C 341 30.71 -4.02 -39.19
N ILE C 342 29.71 -4.15 -38.32
CA ILE C 342 29.33 -5.47 -37.84
C ILE C 342 28.83 -6.34 -38.98
N LEU C 343 28.00 -5.77 -39.87
CA LEU C 343 27.53 -6.52 -41.02
C LEU C 343 28.68 -6.93 -41.93
N GLU C 344 29.64 -6.02 -42.14
CA GLU C 344 30.81 -6.37 -42.94
C GLU C 344 31.58 -7.53 -42.32
N ILE C 345 31.69 -7.53 -40.99
CA ILE C 345 32.41 -8.60 -40.32
C ILE C 345 31.70 -9.94 -40.49
N HIS C 346 30.38 -9.95 -40.30
CA HIS C 346 29.65 -11.21 -40.24
C HIS C 346 29.26 -11.78 -41.61
N THR C 347 29.55 -11.10 -42.71
CA THR C 347 29.12 -11.58 -44.02
C THR C 347 30.28 -11.96 -44.94
N ARG C 348 31.50 -12.06 -44.40
CA ARG C 348 32.66 -12.32 -45.26
C ARG C 348 32.56 -13.69 -45.93
N ASN C 349 32.14 -14.71 -45.18
CA ASN C 349 32.13 -16.07 -45.72
C ASN C 349 30.99 -16.30 -46.70
N LYS C 350 29.80 -15.78 -46.40
CA LYS C 350 28.61 -16.16 -47.15
C LYS C 350 28.62 -15.56 -48.55
N PRO C 351 28.04 -16.28 -49.53
CA PRO C 351 28.07 -15.81 -50.92
C PRO C 351 26.97 -14.82 -51.26
N LEU C 352 27.19 -13.54 -50.97
CA LEU C 352 26.21 -12.52 -51.30
C LEU C 352 26.08 -12.35 -52.81
N ALA C 353 24.95 -11.79 -53.22
CA ALA C 353 24.70 -11.51 -54.63
C ALA C 353 25.40 -10.20 -55.02
N GLU C 354 25.09 -9.68 -56.21
CA GLU C 354 25.76 -8.51 -56.73
C GLU C 354 24.99 -7.21 -56.51
N ASP C 355 23.70 -7.28 -56.17
CA ASP C 355 22.90 -6.09 -55.97
C ASP C 355 22.67 -5.76 -54.50
N VAL C 356 23.28 -6.50 -53.57
CA VAL C 356 23.06 -6.28 -52.16
C VAL C 356 23.87 -5.06 -51.71
N ASN C 357 23.19 -4.07 -51.15
CA ASN C 357 23.81 -2.87 -50.62
C ASN C 357 23.71 -2.91 -49.10
N LEU C 358 24.86 -2.87 -48.43
CA LEU C 358 24.87 -2.98 -46.97
C LEU C 358 24.60 -1.65 -46.28
N GLU C 359 24.67 -0.53 -47.00
CA GLU C 359 24.36 0.76 -46.37
C GLU C 359 22.86 0.93 -46.18
N ILE C 360 22.06 0.48 -47.15
CA ILE C 360 20.61 0.56 -47.00
C ILE C 360 20.14 -0.29 -45.84
N ILE C 361 20.67 -1.51 -45.72
CA ILE C 361 20.28 -2.38 -44.61
C ILE C 361 20.84 -1.86 -43.29
N ALA C 362 21.87 -1.01 -43.33
CA ALA C 362 22.40 -0.45 -42.10
C ALA C 362 21.52 0.64 -41.53
N LYS C 363 20.84 1.40 -42.37
CA LYS C 363 20.01 2.52 -41.91
C LYS C 363 18.60 2.10 -41.53
N ARG C 364 18.16 0.90 -41.90
CA ARG C 364 16.82 0.44 -41.57
C ARG C 364 16.77 -0.39 -40.30
N THR C 365 17.84 -0.44 -39.53
CA THR C 365 17.91 -1.28 -38.33
C THR C 365 18.39 -0.49 -37.12
N PRO C 366 17.63 0.51 -36.69
CA PRO C 366 18.04 1.29 -35.52
C PRO C 366 17.69 0.57 -34.23
N GLY C 367 18.58 0.69 -33.24
CA GLY C 367 18.38 0.07 -31.95
C GLY C 367 18.81 -1.37 -31.85
N PHE C 368 19.26 -1.98 -32.95
CA PHE C 368 19.72 -3.36 -32.90
C PHE C 368 21.09 -3.43 -32.23
N VAL C 369 21.22 -4.34 -31.26
CA VAL C 369 22.51 -4.61 -30.65
C VAL C 369 23.28 -5.55 -31.58
N GLY C 370 24.59 -5.69 -31.34
CA GLY C 370 25.44 -6.44 -32.25
C GLY C 370 25.07 -7.90 -32.38
N ALA C 371 24.32 -8.46 -31.42
CA ALA C 371 23.95 -9.86 -31.47
C ALA C 371 22.87 -10.15 -32.48
N ASP C 372 21.96 -9.19 -32.72
CA ASP C 372 20.80 -9.45 -33.56
C ASP C 372 21.13 -9.46 -35.05
N LEU C 373 22.19 -8.78 -35.46
CA LEU C 373 22.50 -8.70 -36.89
C LEU C 373 22.95 -10.05 -37.45
N GLU C 374 23.69 -10.82 -36.65
CA GLU C 374 24.07 -12.16 -37.10
C GLU C 374 22.85 -13.05 -37.25
N ASN C 375 21.89 -12.93 -36.32
CA ASN C 375 20.63 -13.66 -36.44
C ASN C 375 19.87 -13.24 -37.69
N LEU C 376 19.89 -11.94 -38.00
CA LEU C 376 19.26 -11.45 -39.23
C LEU C 376 19.89 -12.08 -40.46
N VAL C 377 21.23 -12.15 -40.49
CA VAL C 377 21.92 -12.76 -41.62
C VAL C 377 21.56 -14.24 -41.74
N ASN C 378 21.50 -14.94 -40.60
CA ASN C 378 21.14 -16.35 -40.63
C ASN C 378 19.72 -16.56 -41.13
N GLU C 379 18.79 -15.70 -40.70
CA GLU C 379 17.40 -15.81 -41.17
C GLU C 379 17.31 -15.55 -42.67
N ALA C 380 18.05 -14.55 -43.15
CA ALA C 380 18.08 -14.31 -44.59
C ALA C 380 18.63 -15.51 -45.34
N ALA C 381 19.65 -16.15 -44.78
CA ALA C 381 20.19 -17.37 -45.38
C ALA C 381 19.14 -18.48 -45.43
N LEU C 382 18.37 -18.64 -44.35
CA LEU C 382 17.31 -19.64 -44.33
C LEU C 382 16.28 -19.38 -45.42
N LEU C 383 15.81 -18.14 -45.53
CA LEU C 383 14.81 -17.82 -46.54
C LEU C 383 15.36 -17.96 -47.95
N ALA C 384 16.64 -17.67 -48.15
CA ALA C 384 17.25 -17.91 -49.45
C ALA C 384 17.33 -19.40 -49.75
N ALA C 385 17.61 -20.22 -48.73
CA ALA C 385 17.77 -21.65 -48.91
C ALA C 385 16.45 -22.39 -49.10
N ARG C 386 15.34 -21.81 -48.61
CA ARG C 386 14.05 -22.51 -48.71
C ARG C 386 13.69 -22.81 -50.17
N GLU C 387 13.83 -21.82 -51.04
CA GLU C 387 13.56 -22.05 -52.46
C GLU C 387 14.68 -22.83 -53.11
N GLY C 388 15.93 -22.56 -52.74
CA GLY C 388 17.06 -23.28 -53.27
C GLY C 388 17.80 -22.50 -54.34
N ARG C 389 18.90 -21.86 -53.96
CA ARG C 389 19.72 -21.06 -54.87
C ARG C 389 20.98 -20.66 -54.13
N ASP C 390 22.07 -20.52 -54.88
CA ASP C 390 23.40 -20.38 -54.30
C ASP C 390 23.77 -18.95 -53.93
N LYS C 391 22.85 -17.99 -54.09
CA LYS C 391 23.13 -16.60 -53.75
C LYS C 391 21.98 -16.01 -52.97
N ILE C 392 22.28 -14.98 -52.19
CA ILE C 392 21.30 -14.27 -51.38
C ILE C 392 21.10 -12.89 -52.01
N THR C 393 19.91 -12.65 -52.56
CA THR C 393 19.64 -11.39 -53.23
C THR C 393 19.10 -10.36 -52.22
N MET C 394 18.87 -9.15 -52.71
CA MET C 394 18.41 -8.07 -51.83
C MET C 394 17.01 -8.35 -51.30
N LYS C 395 16.13 -8.93 -52.11
CA LYS C 395 14.75 -9.15 -51.69
C LYS C 395 14.67 -10.04 -50.45
N ASP C 396 15.64 -10.93 -50.26
CA ASP C 396 15.64 -11.77 -49.06
C ASP C 396 16.00 -10.96 -47.82
N PHE C 397 16.98 -10.05 -47.95
CA PHE C 397 17.37 -9.23 -46.80
C PHE C 397 16.22 -8.32 -46.36
N GLU C 398 15.62 -7.60 -47.31
CA GLU C 398 14.59 -6.64 -46.96
C GLU C 398 13.38 -7.32 -46.34
N GLU C 399 12.98 -8.47 -46.89
CA GLU C 399 11.80 -9.16 -46.36
C GLU C 399 12.11 -9.86 -45.04
N ALA C 400 13.37 -10.20 -44.78
CA ALA C 400 13.72 -10.84 -43.52
C ALA C 400 13.72 -9.86 -42.35
N ILE C 401 13.94 -8.57 -42.61
CA ILE C 401 13.89 -7.57 -41.54
C ILE C 401 12.46 -7.41 -41.05
N ASP C 402 11.49 -7.43 -41.98
CA ASP C 402 10.10 -7.20 -41.60
C ASP C 402 9.58 -8.30 -40.67
N ARG C 403 9.96 -9.55 -40.94
CA ARG C 403 9.48 -10.66 -40.12
C ARG C 403 10.02 -10.61 -38.69
N VAL C 404 11.04 -9.80 -38.43
CA VAL C 404 11.56 -9.66 -37.07
C VAL C 404 10.84 -8.55 -36.32
N ILE C 405 10.51 -7.45 -37.00
CA ILE C 405 9.88 -6.32 -36.34
C ILE C 405 8.39 -6.59 -36.11
N ALA C 406 7.65 -6.90 -37.17
CA ALA C 406 6.21 -7.06 -37.08
C ALA C 406 5.78 -8.52 -37.01
N GLY C 407 6.14 -9.32 -38.01
CA GLY C 407 5.75 -10.71 -38.04
C GLY C 407 5.58 -11.22 -39.46
N PRO C 408 5.28 -12.51 -39.59
CA PRO C 408 5.07 -13.08 -40.93
C PRO C 408 3.80 -12.57 -41.57
N ALA C 409 3.79 -12.55 -42.89
CA ALA C 409 2.61 -12.13 -43.64
C ALA C 409 1.48 -13.12 -43.42
N ARG C 410 0.24 -12.60 -43.46
CA ARG C 410 -0.96 -13.39 -43.20
C ARG C 410 -1.86 -13.30 -44.43
N LYS C 411 -1.67 -14.21 -45.38
CA LYS C 411 -2.51 -14.25 -46.58
C LYS C 411 -3.84 -14.95 -46.35
N SER C 412 -4.02 -15.61 -45.20
CA SER C 412 -5.28 -16.28 -44.92
C SER C 412 -6.38 -15.27 -44.56
N LYS C 413 -5.99 -14.11 -44.05
CA LYS C 413 -6.97 -13.09 -43.66
C LYS C 413 -7.70 -12.58 -44.89
N LEU C 414 -9.02 -12.42 -44.76
CA LEU C 414 -9.88 -11.96 -45.83
C LEU C 414 -10.40 -10.56 -45.52
N ILE C 415 -10.26 -9.65 -46.48
CA ILE C 415 -10.68 -8.27 -46.33
C ILE C 415 -11.76 -7.99 -47.37
N SER C 416 -12.87 -7.42 -46.94
CA SER C 416 -13.97 -7.13 -47.84
C SER C 416 -13.52 -6.14 -48.91
N PRO C 417 -14.01 -6.26 -50.15
CA PRO C 417 -13.58 -5.33 -51.20
C PRO C 417 -13.91 -3.87 -50.91
N LYS C 418 -15.00 -3.61 -50.20
CA LYS C 418 -15.38 -2.25 -49.84
C LYS C 418 -14.67 -1.75 -48.58
N GLU C 419 -13.88 -2.61 -47.94
CA GLU C 419 -13.15 -2.24 -46.74
C GLU C 419 -11.66 -2.07 -46.96
N LYS C 420 -11.11 -2.65 -48.03
CA LYS C 420 -9.71 -2.43 -48.37
C LYS C 420 -9.52 -1.21 -49.26
N ARG C 421 -10.62 -0.60 -49.72
CA ARG C 421 -10.50 0.69 -50.42
C ARG C 421 -10.28 1.83 -49.45
N ILE C 422 -10.74 1.70 -48.20
CA ILE C 422 -10.48 2.72 -47.20
C ILE C 422 -9.02 2.72 -46.80
N ILE C 423 -8.42 1.53 -46.65
CA ILE C 423 -7.02 1.46 -46.26
C ILE C 423 -6.11 2.00 -47.35
N ALA C 424 -6.49 1.80 -48.61
CA ALA C 424 -5.70 2.36 -49.71
C ALA C 424 -5.69 3.88 -49.71
N TYR C 425 -6.74 4.52 -49.21
CA TYR C 425 -6.79 5.96 -49.12
C TYR C 425 -6.18 6.50 -47.82
N TYR C 426 -6.19 5.70 -46.76
CA TYR C 426 -5.61 6.14 -45.50
C TYR C 426 -4.08 6.11 -45.54
N GLU C 427 -3.49 5.23 -46.35
CA GLU C 427 -2.04 5.15 -46.44
C GLU C 427 -1.47 5.97 -47.58
N ALA C 428 -2.22 6.18 -48.65
CA ALA C 428 -1.77 7.04 -49.74
C ALA C 428 -1.89 8.52 -49.39
N GLY C 429 -2.53 8.86 -48.27
CA GLY C 429 -2.63 10.23 -47.83
C GLY C 429 -1.54 10.57 -46.82
N HIS C 430 -1.15 9.57 -46.01
CA HIS C 430 -0.07 9.77 -45.06
C HIS C 430 1.27 9.92 -45.75
N ALA C 431 1.40 9.48 -47.00
CA ALA C 431 2.65 9.57 -47.74
C ALA C 431 2.72 10.79 -48.63
N VAL C 432 1.58 11.29 -49.13
CA VAL C 432 1.59 12.52 -49.90
C VAL C 432 1.88 13.72 -49.00
N VAL C 433 1.27 13.75 -47.81
CA VAL C 433 1.51 14.85 -46.90
C VAL C 433 2.95 14.83 -46.39
N SER C 434 3.48 13.65 -46.09
CA SER C 434 4.83 13.54 -45.55
C SER C 434 5.91 13.89 -46.56
N THR C 435 5.56 14.06 -47.84
CA THR C 435 6.51 14.45 -48.87
C THR C 435 6.46 15.94 -49.18
N VAL C 436 5.26 16.54 -49.14
CA VAL C 436 5.12 17.94 -49.52
C VAL C 436 5.75 18.86 -48.49
N VAL C 437 5.58 18.56 -47.21
CA VAL C 437 6.11 19.42 -46.14
C VAL C 437 7.63 19.42 -46.20
N PRO C 438 8.28 20.54 -45.88
CA PRO C 438 9.74 20.63 -46.05
C PRO C 438 10.55 19.65 -45.20
N ASN C 439 10.35 19.69 -43.89
CA ASN C 439 11.16 18.90 -42.96
C ASN C 439 10.57 17.51 -42.81
N GLY C 440 11.37 16.49 -43.12
CA GLY C 440 10.92 15.12 -42.97
C GLY C 440 11.94 14.18 -43.56
N GLU C 441 11.65 12.89 -43.43
CA GLU C 441 12.52 11.89 -44.00
C GLU C 441 11.79 11.12 -45.11
N PRO C 442 12.49 10.77 -46.18
CA PRO C 442 11.81 10.21 -47.36
C PRO C 442 11.21 8.84 -47.08
N VAL C 443 10.20 8.51 -47.88
CA VAL C 443 9.53 7.22 -47.77
C VAL C 443 10.29 6.17 -48.57
N HIS C 444 10.03 4.91 -48.27
CA HIS C 444 10.69 3.79 -48.93
C HIS C 444 9.71 2.92 -49.71
N ARG C 445 8.65 2.45 -49.09
CA ARG C 445 7.62 1.70 -49.80
C ARG C 445 6.31 1.79 -49.03
N ILE C 446 5.22 1.55 -49.74
CA ILE C 446 3.88 1.52 -49.16
C ILE C 446 3.25 0.17 -49.48
N SER C 447 2.69 -0.47 -48.47
CA SER C 447 2.07 -1.79 -48.64
C SER C 447 0.82 -1.89 -47.79
N ILE C 448 -0.14 -2.69 -48.26
CA ILE C 448 -1.39 -2.90 -47.56
C ILE C 448 -1.62 -4.39 -47.26
N ILE C 449 -0.56 -5.18 -47.27
CA ILE C 449 -0.68 -6.60 -46.91
C ILE C 449 -0.74 -6.72 -45.39
N PRO C 450 -1.74 -7.39 -44.84
CA PRO C 450 -1.83 -7.51 -43.39
C PRO C 450 -0.63 -8.24 -42.82
N ARG C 451 -0.26 -7.88 -41.59
CA ARG C 451 0.93 -8.42 -40.97
C ARG C 451 0.80 -8.33 -39.46
N GLY C 452 1.14 -9.42 -38.78
CA GLY C 452 1.03 -9.43 -37.34
C GLY C 452 -0.41 -9.46 -36.88
N TYR C 453 -0.61 -9.01 -35.64
CA TYR C 453 -1.93 -8.94 -35.03
C TYR C 453 -2.36 -7.48 -34.91
N LYS C 454 -3.56 -7.18 -35.40
CA LYS C 454 -4.12 -5.84 -35.36
C LYS C 454 -3.25 -4.84 -36.12
N ALA C 455 -3.07 -5.12 -37.41
CA ALA C 455 -2.38 -4.21 -38.31
C ALA C 455 -2.90 -4.45 -39.72
N LEU C 456 -3.05 -3.36 -40.48
CA LEU C 456 -3.66 -3.46 -41.80
C LEU C 456 -2.93 -2.66 -42.87
N GLY C 457 -1.75 -2.14 -42.58
CA GLY C 457 -1.01 -1.35 -43.55
C GLY C 457 0.04 -0.49 -42.89
N TYR C 458 1.17 -0.30 -43.55
CA TYR C 458 2.27 0.43 -42.93
C TYR C 458 3.08 1.16 -44.00
N THR C 459 3.80 2.19 -43.55
CA THR C 459 4.70 2.96 -44.38
C THR C 459 6.06 3.00 -43.71
N LEU C 460 7.13 2.91 -44.50
CA LEU C 460 8.49 2.83 -43.98
C LEU C 460 9.28 4.03 -44.44
N HIS C 461 10.12 4.55 -43.54
CA HIS C 461 11.04 5.64 -43.84
C HIS C 461 12.47 5.17 -43.62
N LEU C 462 13.40 5.78 -44.33
CA LEU C 462 14.82 5.53 -44.11
C LEU C 462 15.51 6.86 -43.81
N PRO C 463 16.19 6.99 -42.67
CA PRO C 463 16.84 8.26 -42.34
C PRO C 463 18.02 8.55 -43.26
N GLU C 464 18.32 9.84 -43.39
CA GLU C 464 19.47 10.26 -44.18
C GLU C 464 20.76 10.32 -43.37
N GLU C 465 20.66 10.58 -42.08
CA GLU C 465 21.82 10.63 -41.19
C GLU C 465 21.32 10.50 -39.76
N ASP C 466 22.20 10.76 -38.79
CA ASP C 466 21.87 10.67 -37.38
C ASP C 466 21.91 12.06 -36.77
N LYS C 467 20.85 12.43 -36.06
CA LYS C 467 20.70 13.75 -35.47
C LYS C 467 20.47 13.63 -33.97
N TYR C 468 20.83 14.69 -33.25
CA TYR C 468 20.69 14.73 -31.80
C TYR C 468 19.92 15.94 -31.28
N LEU C 469 19.70 16.96 -32.10
CA LEU C 469 18.94 18.14 -31.71
C LEU C 469 17.76 18.31 -32.66
N VAL C 470 16.58 18.56 -32.09
CA VAL C 470 15.36 18.73 -32.86
C VAL C 470 14.86 20.16 -32.68
N SER C 471 14.59 20.83 -33.79
CA SER C 471 14.13 22.22 -33.77
C SER C 471 12.65 22.26 -33.45
N ARG C 472 12.03 23.43 -33.60
CA ARG C 472 10.58 23.54 -33.44
C ARG C 472 9.85 23.30 -34.75
N ASN C 473 10.34 23.87 -35.85
CA ASN C 473 9.71 23.66 -37.13
C ASN C 473 9.80 22.21 -37.59
N GLU C 474 10.73 21.43 -37.04
CA GLU C 474 10.79 20.01 -37.32
C GLU C 474 9.83 19.21 -36.46
N LEU C 475 9.19 19.83 -35.48
CA LEU C 475 8.16 19.18 -34.68
C LEU C 475 6.75 19.55 -35.12
N LEU C 476 6.58 20.68 -35.81
CA LEU C 476 5.29 21.02 -36.38
C LEU C 476 5.05 20.35 -37.73
N ASP C 477 6.07 19.72 -38.31
CA ASP C 477 5.92 18.98 -39.55
C ASP C 477 5.89 17.48 -39.35
N LYS C 478 6.38 16.99 -38.22
CA LYS C 478 6.13 15.61 -37.83
C LYS C 478 4.72 15.44 -37.28
N LEU C 479 4.08 16.53 -36.87
CA LEU C 479 2.71 16.47 -36.36
C LEU C 479 1.68 16.62 -37.47
N THR C 480 2.01 17.34 -38.55
CA THR C 480 1.10 17.42 -39.68
C THR C 480 1.01 16.09 -40.43
N ALA C 481 2.12 15.37 -40.50
CA ALA C 481 2.13 14.08 -41.22
C ALA C 481 1.22 13.08 -40.52
N LEU C 482 1.23 13.04 -39.19
CA LEU C 482 0.41 12.08 -38.47
C LEU C 482 -1.08 12.33 -38.71
N LEU C 483 -1.48 13.59 -38.84
CA LEU C 483 -2.86 13.95 -39.11
C LEU C 483 -3.19 13.94 -40.59
N GLY C 484 -2.39 13.26 -41.40
CA GLY C 484 -2.65 13.20 -42.82
C GLY C 484 -3.64 12.13 -43.20
N GLY C 485 -3.60 11.00 -42.51
CA GLY C 485 -4.53 9.93 -42.82
C GLY C 485 -5.98 10.29 -42.49
N ARG C 486 -6.19 10.90 -41.33
CA ARG C 486 -7.54 11.30 -40.94
C ARG C 486 -8.08 12.39 -41.86
N ALA C 487 -7.21 13.23 -42.40
CA ALA C 487 -7.63 14.29 -43.30
C ALA C 487 -7.90 13.80 -44.72
N ALA C 488 -7.57 12.55 -45.02
CA ALA C 488 -7.86 11.99 -46.33
C ALA C 488 -9.20 11.29 -46.39
N GLU C 489 -9.62 10.66 -45.29
CA GLU C 489 -10.95 10.07 -45.25
C GLU C 489 -12.03 11.14 -45.23
N GLU C 490 -11.81 12.22 -44.49
CA GLU C 490 -12.83 13.25 -44.33
C GLU C 490 -13.11 13.96 -45.65
N VAL C 491 -12.06 14.27 -46.42
CA VAL C 491 -12.25 14.97 -47.68
C VAL C 491 -12.91 14.07 -48.71
N VAL C 492 -12.54 12.80 -48.75
CA VAL C 492 -13.02 11.90 -49.79
C VAL C 492 -14.39 11.35 -49.44
N PHE C 493 -14.49 10.61 -48.34
CA PHE C 493 -15.72 9.94 -47.97
C PHE C 493 -16.66 10.83 -47.17
N GLY C 494 -16.15 11.61 -46.24
CA GLY C 494 -16.96 12.43 -45.37
C GLY C 494 -17.40 11.75 -44.09
N ASP C 495 -17.10 10.48 -43.92
CA ASP C 495 -17.49 9.71 -42.75
C ASP C 495 -16.23 9.14 -42.12
N VAL C 496 -15.87 9.63 -40.95
CA VAL C 496 -14.62 9.23 -40.29
C VAL C 496 -14.78 7.86 -39.67
N THR C 497 -13.79 6.99 -39.87
CA THR C 497 -13.78 5.65 -39.33
C THR C 497 -13.00 5.59 -38.03
N SER C 498 -12.77 4.38 -37.53
CA SER C 498 -12.03 4.17 -36.29
C SER C 498 -10.61 3.71 -36.52
N GLY C 499 -10.12 3.77 -37.77
CA GLY C 499 -8.76 3.32 -38.03
C GLY C 499 -7.70 4.18 -37.39
N ALA C 500 -7.87 5.50 -37.43
CA ALA C 500 -6.87 6.43 -36.94
C ALA C 500 -7.11 6.74 -35.47
N ALA C 501 -6.90 5.71 -34.64
CA ALA C 501 -7.00 5.84 -33.20
C ALA C 501 -5.64 5.79 -32.49
N ASN C 502 -4.60 5.34 -33.18
CA ASN C 502 -3.24 5.36 -32.64
C ASN C 502 -2.42 6.53 -33.15
N ASP C 503 -2.79 7.11 -34.28
CA ASP C 503 -2.14 8.31 -34.79
C ASP C 503 -2.68 9.57 -34.16
N ILE C 504 -3.68 9.46 -33.29
CA ILE C 504 -4.23 10.60 -32.58
C ILE C 504 -3.63 10.63 -31.18
N GLU C 505 -3.38 9.44 -30.62
CA GLU C 505 -2.74 9.38 -29.31
C GLU C 505 -1.29 9.84 -29.37
N ARG C 506 -0.56 9.46 -30.42
CA ARG C 506 0.84 9.86 -30.53
C ARG C 506 1.01 11.28 -31.05
N ALA C 507 -0.04 11.88 -31.59
CA ALA C 507 0.02 13.26 -32.06
C ALA C 507 -0.42 14.26 -31.01
N THR C 508 -0.85 13.81 -29.84
CA THR C 508 -1.26 14.70 -28.78
C THR C 508 -0.31 14.70 -27.58
N GLU C 509 0.64 13.78 -27.53
CA GLU C 509 1.72 13.88 -26.55
C GLU C 509 2.95 14.56 -27.13
N ILE C 510 3.02 14.70 -28.45
CA ILE C 510 4.04 15.57 -29.03
C ILE C 510 3.72 17.03 -28.73
N ALA C 511 2.43 17.38 -28.72
CA ALA C 511 2.01 18.75 -28.45
C ALA C 511 1.92 19.07 -26.97
N ARG C 512 2.01 18.07 -26.09
CA ARG C 512 2.05 18.31 -24.66
C ARG C 512 3.47 18.43 -24.12
N ASN C 513 4.48 18.30 -24.98
CA ASN C 513 5.86 18.58 -24.60
C ASN C 513 6.34 19.94 -25.09
N MET C 514 5.82 20.39 -26.24
CA MET C 514 6.18 21.71 -26.72
C MET C 514 5.69 22.82 -25.79
N VAL C 515 4.75 22.51 -24.90
CA VAL C 515 4.12 23.49 -24.03
C VAL C 515 4.59 23.34 -22.58
N CYS C 516 4.61 22.13 -22.06
CA CYS C 516 4.93 21.91 -20.65
C CYS C 516 6.44 21.93 -20.42
N GLN C 517 7.17 21.03 -21.06
CA GLN C 517 8.57 20.79 -20.71
C GLN C 517 9.55 21.64 -21.53
N LEU C 518 9.52 21.49 -22.85
CA LEU C 518 10.51 22.15 -23.69
C LEU C 518 10.34 23.66 -23.75
N GLY C 519 9.19 24.19 -23.31
CA GLY C 519 8.99 25.62 -23.25
C GLY C 519 9.00 26.33 -24.58
N MET C 520 8.29 25.79 -25.57
CA MET C 520 8.17 26.40 -26.89
C MET C 520 6.79 27.03 -27.10
N SER C 521 6.22 27.62 -26.05
CA SER C 521 4.94 28.30 -26.13
C SER C 521 5.15 29.78 -25.84
N GLU C 522 4.53 30.64 -26.64
CA GLU C 522 4.74 32.08 -26.53
C GLU C 522 3.86 32.73 -25.48
N GLU C 523 2.95 32.00 -24.86
CA GLU C 523 2.08 32.55 -23.82
C GLU C 523 2.49 32.16 -22.41
N LEU C 524 2.89 30.91 -22.19
CA LEU C 524 3.26 30.44 -20.87
C LEU C 524 4.72 30.69 -20.53
N GLY C 525 5.53 31.15 -21.48
CA GLY C 525 6.90 31.51 -21.21
C GLY C 525 7.82 30.32 -21.06
N PRO C 526 9.09 30.59 -20.76
CA PRO C 526 10.09 29.51 -20.59
C PRO C 526 10.09 28.93 -19.19
N LEU C 527 9.08 28.10 -18.89
CA LEU C 527 8.97 27.43 -17.61
C LEU C 527 8.69 25.95 -17.85
N ALA C 528 8.82 25.17 -16.78
CA ALA C 528 8.63 23.72 -16.84
C ALA C 528 7.55 23.33 -15.85
N TRP C 529 6.29 23.38 -16.30
CA TRP C 529 5.18 22.90 -15.49
C TRP C 529 5.16 21.39 -15.50
N GLY C 530 5.06 20.78 -14.32
CA GLY C 530 5.03 19.33 -14.24
C GLY C 530 5.82 18.77 -13.08
N LYS C 531 6.76 17.86 -13.38
CA LYS C 531 7.54 17.21 -12.35
C LYS C 531 8.34 18.20 -11.51
N ARG C 544 2.43 14.19 -7.04
CA ARG C 544 3.51 13.99 -8.01
C ARG C 544 3.00 14.18 -9.43
N LEU C 545 3.91 14.61 -10.32
CA LEU C 545 3.68 14.84 -11.73
C LEU C 545 2.76 16.02 -12.00
N ARG C 546 2.22 16.67 -10.97
CA ARG C 546 1.41 17.86 -11.15
C ARG C 546 1.48 18.68 -9.87
N ASN C 547 2.08 19.87 -9.95
CA ASN C 547 2.06 20.83 -8.84
C ASN C 547 1.87 22.22 -9.43
N TYR C 548 0.61 22.62 -9.60
CA TYR C 548 0.25 23.96 -10.04
C TYR C 548 -1.25 24.12 -9.86
N SER C 549 -1.71 25.36 -10.05
CA SER C 549 -3.08 25.71 -9.73
C SER C 549 -4.04 25.14 -10.77
N GLU C 550 -5.32 25.48 -10.59
CA GLU C 550 -6.34 25.15 -11.57
C GLU C 550 -6.51 26.23 -12.63
N GLU C 551 -6.15 27.47 -12.31
CA GLU C 551 -6.18 28.54 -13.30
C GLU C 551 -5.11 28.33 -14.37
N VAL C 552 -3.94 27.83 -13.98
CA VAL C 552 -2.91 27.52 -14.96
C VAL C 552 -3.31 26.29 -15.78
N ALA C 553 -3.87 25.28 -15.13
CA ALA C 553 -4.22 24.04 -15.82
C ALA C 553 -5.28 24.25 -16.88
N SER C 554 -6.00 25.36 -16.85
CA SER C 554 -6.97 25.68 -17.89
C SER C 554 -6.40 26.54 -18.99
N LYS C 555 -5.11 26.89 -18.92
CA LYS C 555 -4.45 27.60 -19.99
C LYS C 555 -3.54 26.70 -20.81
N ILE C 556 -3.13 25.55 -20.27
CA ILE C 556 -2.38 24.59 -21.05
C ILE C 556 -3.27 23.94 -22.10
N ASP C 557 -4.52 23.66 -21.76
CA ASP C 557 -5.44 23.05 -22.70
C ASP C 557 -5.85 23.99 -23.83
N GLU C 558 -6.04 25.27 -23.55
CA GLU C 558 -6.36 26.23 -24.60
C GLU C 558 -5.21 26.40 -25.59
N GLU C 559 -4.00 26.02 -25.23
CA GLU C 559 -2.85 26.03 -26.12
C GLU C 559 -2.68 24.72 -26.86
N VAL C 560 -2.86 23.59 -26.16
CA VAL C 560 -2.78 22.29 -26.80
C VAL C 560 -3.86 22.16 -27.87
N LYS C 561 -5.08 22.56 -27.55
CA LYS C 561 -6.17 22.49 -28.51
C LYS C 561 -6.00 23.47 -29.65
N LYS C 562 -5.13 24.45 -29.51
CA LYS C 562 -4.89 25.41 -30.58
C LYS C 562 -3.74 25.00 -31.49
N ILE C 563 -2.72 24.34 -30.94
CA ILE C 563 -1.63 23.84 -31.77
C ILE C 563 -2.12 22.73 -32.69
N VAL C 564 -2.84 21.76 -32.14
CA VAL C 564 -3.26 20.60 -32.92
C VAL C 564 -4.28 20.98 -33.98
N THR C 565 -5.26 21.81 -33.62
CA THR C 565 -6.29 22.20 -34.58
C THR C 565 -5.69 23.00 -35.74
N ASN C 566 -4.70 23.83 -35.46
CA ASN C 566 -4.10 24.66 -36.50
C ASN C 566 -3.38 23.81 -37.54
N CYS C 567 -2.76 22.71 -37.13
CA CYS C 567 -2.09 21.82 -38.07
C CYS C 567 -3.07 20.98 -38.86
N TYR C 568 -4.15 20.53 -38.22
CA TYR C 568 -5.15 19.71 -38.89
C TYR C 568 -5.89 20.47 -39.99
N GLU C 569 -5.94 21.80 -39.90
CA GLU C 569 -6.54 22.60 -40.96
C GLU C 569 -5.63 22.78 -42.16
N ARG C 570 -4.36 22.38 -42.04
CA ARG C 570 -3.38 22.54 -43.10
C ARG C 570 -3.13 21.24 -43.87
N ALA C 571 -3.21 20.10 -43.19
CA ALA C 571 -3.15 18.82 -43.89
C ALA C 571 -4.32 18.66 -44.86
N LYS C 572 -5.51 19.10 -44.45
CA LYS C 572 -6.66 19.08 -45.36
C LYS C 572 -6.43 19.99 -46.55
N GLU C 573 -5.76 21.12 -46.33
CA GLU C 573 -5.48 22.03 -47.44
C GLU C 573 -4.49 21.42 -48.42
N ILE C 574 -3.51 20.66 -47.92
CA ILE C 574 -2.54 20.03 -48.81
C ILE C 574 -3.22 19.01 -49.71
N ILE C 575 -4.15 18.23 -49.16
CA ILE C 575 -4.78 17.16 -49.92
C ILE C 575 -5.58 17.71 -51.10
N ARG C 576 -6.28 18.83 -50.88
CA ARG C 576 -7.17 19.35 -51.91
C ARG C 576 -6.43 19.74 -53.18
N LYS C 577 -5.17 20.16 -53.06
CA LYS C 577 -4.38 20.47 -54.25
C LYS C 577 -4.01 19.20 -55.01
N TYR C 578 -3.47 18.20 -54.31
CA TYR C 578 -3.03 16.96 -54.94
C TYR C 578 -4.09 15.89 -54.78
N ARG C 579 -5.20 16.07 -55.49
CA ARG C 579 -6.27 15.09 -55.51
C ARG C 579 -6.35 14.31 -56.81
N LYS C 580 -6.20 14.97 -57.95
CA LYS C 580 -6.15 14.23 -59.22
C LYS C 580 -4.96 13.29 -59.27
N GLN C 581 -3.88 13.63 -58.58
CA GLN C 581 -2.69 12.79 -58.50
C GLN C 581 -2.69 11.89 -57.29
N LEU C 582 -3.74 11.90 -56.48
CA LEU C 582 -3.88 10.97 -55.37
C LEU C 582 -4.64 9.71 -55.77
N ASP C 583 -5.51 9.80 -56.77
CA ASP C 583 -6.23 8.62 -57.22
C ASP C 583 -5.30 7.68 -57.98
N ASN C 584 -4.37 8.23 -58.76
CA ASN C 584 -3.45 7.40 -59.52
C ASN C 584 -2.62 6.51 -58.60
N ILE C 585 -2.18 7.07 -57.47
CA ILE C 585 -1.44 6.29 -56.49
C ILE C 585 -2.28 5.17 -55.90
N VAL C 586 -3.60 5.33 -55.90
CA VAL C 586 -4.46 4.33 -55.28
C VAL C 586 -4.71 3.16 -56.22
N GLU C 587 -5.11 3.45 -57.46
CA GLU C 587 -5.46 2.37 -58.39
C GLU C 587 -4.25 1.50 -58.72
N ILE C 588 -3.05 2.08 -58.70
CA ILE C 588 -1.83 1.28 -58.82
C ILE C 588 -1.65 0.41 -57.58
N LEU C 589 -2.00 0.95 -56.41
CA LEU C 589 -1.81 0.25 -55.15
C LEU C 589 -2.86 -0.81 -54.89
N LEU C 590 -3.95 -0.83 -55.65
CA LEU C 590 -5.02 -1.79 -55.44
C LEU C 590 -4.83 -3.09 -56.19
N GLU C 591 -3.83 -3.18 -57.08
CA GLU C 591 -3.54 -4.41 -57.79
C GLU C 591 -2.19 -4.99 -57.45
N LYS C 592 -1.12 -4.19 -57.52
CA LYS C 592 0.20 -4.67 -57.17
C LYS C 592 0.40 -4.81 -55.67
N GLU C 593 -0.42 -4.11 -54.87
CA GLU C 593 -0.39 -4.14 -53.41
C GLU C 593 0.90 -3.59 -52.82
N THR C 594 1.72 -2.92 -53.62
CA THR C 594 2.97 -2.33 -53.14
C THR C 594 3.47 -1.33 -54.16
N ILE C 595 3.90 -0.16 -53.69
CA ILE C 595 4.46 0.88 -54.54
C ILE C 595 5.77 1.35 -53.92
N GLU C 596 6.72 1.72 -54.78
CA GLU C 596 8.04 2.13 -54.33
C GLU C 596 8.11 3.65 -54.18
N GLY C 597 9.13 4.10 -53.45
CA GLY C 597 9.27 5.52 -53.19
C GLY C 597 9.58 6.34 -54.43
N ASP C 598 10.44 5.80 -55.30
CA ASP C 598 10.83 6.54 -56.50
C ASP C 598 9.64 6.79 -57.41
N GLU C 599 8.78 5.78 -57.59
CA GLU C 599 7.58 5.97 -58.40
C GLU C 599 6.66 7.01 -57.79
N LEU C 600 6.51 7.00 -56.47
CA LEU C 600 5.68 8.00 -55.79
C LEU C 600 6.20 9.41 -56.04
N ARG C 601 7.50 9.63 -55.80
CA ARG C 601 8.07 10.96 -55.99
C ARG C 601 8.13 11.37 -57.45
N ARG C 602 8.11 10.41 -58.38
CA ARG C 602 7.99 10.75 -59.79
C ARG C 602 6.56 11.16 -60.13
N ILE C 603 5.58 10.50 -59.53
CA ILE C 603 4.18 10.80 -59.82
C ILE C 603 3.80 12.17 -59.26
N LEU C 604 4.22 12.47 -58.03
CA LEU C 604 3.83 13.74 -57.41
C LEU C 604 4.37 14.93 -58.20
N SER C 605 5.63 14.89 -58.60
CA SER C 605 6.24 15.97 -59.38
C SER C 605 6.04 15.65 -60.85
N GLU C 606 4.91 16.11 -61.39
CA GLU C 606 4.56 15.86 -62.78
C GLU C 606 5.57 16.51 -63.73
N VAL D 161 -2.09 -38.92 -39.19
CA VAL D 161 -2.20 -37.61 -38.54
C VAL D 161 -1.45 -36.55 -39.35
N THR D 162 -1.58 -36.61 -40.66
CA THR D 162 -0.93 -35.64 -41.53
C THR D 162 -1.59 -34.27 -41.37
N PHE D 163 -1.09 -33.29 -42.12
CA PHE D 163 -1.60 -31.93 -42.03
C PHE D 163 -3.05 -31.81 -42.48
N LYS D 164 -3.58 -32.80 -43.20
CA LYS D 164 -4.98 -32.78 -43.60
C LYS D 164 -5.92 -32.98 -42.43
N ASP D 165 -5.41 -33.37 -41.26
CA ASP D 165 -6.24 -33.58 -40.08
C ASP D 165 -6.19 -32.40 -39.12
N VAL D 166 -5.54 -31.30 -39.51
CA VAL D 166 -5.48 -30.10 -38.70
C VAL D 166 -5.98 -28.93 -39.54
N GLY D 167 -6.97 -28.20 -39.02
CA GLY D 167 -7.53 -27.07 -39.73
C GLY D 167 -7.64 -25.86 -38.83
N GLY D 168 -7.68 -24.69 -39.47
CA GLY D 168 -7.85 -23.45 -38.75
C GLY D 168 -6.59 -22.68 -38.45
N ALA D 169 -5.43 -23.14 -38.91
CA ALA D 169 -4.17 -22.42 -38.69
C ALA D 169 -3.29 -22.64 -39.92
N GLU D 170 -3.36 -21.70 -40.86
CA GLU D 170 -2.59 -21.80 -42.09
C GLU D 170 -1.25 -21.09 -42.02
N GLU D 171 -0.94 -20.44 -40.90
CA GLU D 171 0.35 -19.78 -40.74
C GLU D 171 1.32 -20.58 -39.88
N ALA D 172 0.83 -21.55 -39.12
CA ALA D 172 1.69 -22.49 -38.40
C ALA D 172 1.92 -23.77 -39.19
N ILE D 173 1.39 -23.87 -40.40
CA ILE D 173 1.60 -25.02 -41.27
C ILE D 173 2.54 -24.68 -42.42
N GLU D 174 2.23 -23.60 -43.15
CA GLU D 174 3.11 -23.19 -44.24
C GLU D 174 4.49 -22.80 -43.74
N GLU D 175 4.53 -22.10 -42.60
CA GLU D 175 5.80 -21.74 -42.00
C GLU D 175 6.54 -22.95 -41.44
N LEU D 176 5.83 -24.02 -41.10
CA LEU D 176 6.42 -25.19 -40.45
C LEU D 176 6.39 -26.40 -41.39
N LYS D 177 6.71 -26.17 -42.66
CA LYS D 177 6.84 -27.26 -43.63
C LYS D 177 8.26 -27.57 -44.02
N GLU D 178 9.16 -26.58 -44.03
CA GLU D 178 10.56 -26.85 -44.35
C GLU D 178 11.22 -27.72 -43.29
N VAL D 179 10.71 -27.72 -42.06
CA VAL D 179 11.23 -28.62 -41.03
C VAL D 179 11.06 -30.06 -41.47
N VAL D 180 9.92 -30.38 -42.07
CA VAL D 180 9.75 -31.69 -42.69
C VAL D 180 10.75 -31.89 -43.82
N GLU D 181 10.90 -30.86 -44.67
CA GLU D 181 11.87 -30.93 -45.75
C GLU D 181 13.30 -31.04 -45.23
N PHE D 182 13.63 -30.30 -44.16
CA PHE D 182 14.97 -30.37 -43.60
C PHE D 182 15.31 -31.77 -43.10
N LEU D 183 14.29 -32.54 -42.70
CA LEU D 183 14.51 -33.92 -42.29
C LEU D 183 14.55 -34.88 -43.48
N LYS D 184 14.46 -34.38 -44.70
CA LYS D 184 14.56 -35.19 -45.91
C LYS D 184 15.86 -34.98 -46.66
N ASP D 185 16.20 -33.73 -46.98
CA ASP D 185 17.41 -33.39 -47.72
C ASP D 185 18.15 -32.29 -46.98
N PRO D 186 18.92 -32.63 -45.95
CA PRO D 186 19.62 -31.60 -45.17
C PRO D 186 20.81 -31.01 -45.92
N SER D 187 21.06 -31.46 -47.14
CA SER D 187 22.19 -30.96 -47.92
C SER D 187 21.93 -29.56 -48.46
N LYS D 188 20.68 -29.19 -48.68
CA LYS D 188 20.37 -27.89 -49.24
C LYS D 188 20.71 -26.76 -48.27
N PHE D 189 20.61 -27.02 -46.97
CA PHE D 189 20.79 -25.99 -45.96
C PHE D 189 22.24 -25.85 -45.50
N ASN D 190 23.16 -26.66 -46.03
CA ASN D 190 24.57 -26.54 -45.69
C ASN D 190 25.41 -25.94 -46.81
N ARG D 191 24.89 -25.90 -48.04
CA ARG D 191 25.63 -25.29 -49.13
C ARG D 191 25.71 -23.77 -48.98
N ILE D 192 24.82 -23.18 -48.19
CA ILE D 192 24.77 -21.73 -48.03
C ILE D 192 25.23 -21.31 -46.64
N GLY D 193 24.86 -22.04 -45.60
CA GLY D 193 25.26 -21.70 -44.25
C GLY D 193 24.12 -21.66 -43.26
N ALA D 194 22.99 -22.22 -43.65
CA ALA D 194 21.81 -22.24 -42.78
C ALA D 194 22.10 -23.05 -41.52
N ARG D 195 21.56 -22.58 -40.40
CA ARG D 195 21.84 -23.16 -39.08
C ARG D 195 20.51 -23.44 -38.36
N MET D 196 19.63 -24.18 -39.06
CA MET D 196 18.28 -24.53 -38.61
C MET D 196 18.23 -24.77 -37.10
N PRO D 197 17.36 -24.08 -36.38
CA PRO D 197 17.43 -24.07 -34.92
C PRO D 197 17.15 -25.44 -34.31
N LYS D 198 17.75 -25.64 -33.14
CA LYS D 198 17.56 -26.86 -32.37
C LYS D 198 16.25 -26.90 -31.63
N GLY D 199 15.73 -25.76 -31.21
CA GLY D 199 14.51 -25.69 -30.43
C GLY D 199 13.47 -24.79 -31.07
N ILE D 200 12.20 -25.18 -30.94
CA ILE D 200 11.08 -24.43 -31.49
C ILE D 200 10.08 -24.19 -30.36
N LEU D 201 9.66 -22.93 -30.19
CA LEU D 201 8.81 -22.53 -29.08
C LEU D 201 7.43 -22.15 -29.61
N LEU D 202 6.42 -22.95 -29.29
CA LEU D 202 5.04 -22.66 -29.69
C LEU D 202 4.35 -21.87 -28.60
N VAL D 203 3.79 -20.71 -28.94
CA VAL D 203 3.15 -19.83 -27.98
C VAL D 203 1.75 -19.49 -28.47
N GLY D 204 0.80 -19.44 -27.54
CA GLY D 204 -0.57 -19.08 -27.85
C GLY D 204 -1.49 -19.31 -26.67
N PRO D 205 -2.76 -18.88 -26.81
CA PRO D 205 -3.72 -19.12 -25.75
C PRO D 205 -3.90 -20.60 -25.50
N PRO D 206 -4.20 -20.98 -24.26
CA PRO D 206 -4.35 -22.41 -23.95
C PRO D 206 -5.54 -23.02 -24.67
N GLY D 207 -5.39 -24.30 -25.01
CA GLY D 207 -6.42 -25.01 -25.73
C GLY D 207 -6.50 -24.71 -27.21
N THR D 208 -5.54 -23.94 -27.74
CA THR D 208 -5.57 -23.59 -29.15
C THR D 208 -5.29 -24.80 -30.04
N GLY D 209 -4.48 -25.74 -29.56
CA GLY D 209 -4.12 -26.89 -30.36
C GLY D 209 -2.63 -26.98 -30.64
N LYS D 210 -1.82 -26.48 -29.70
CA LYS D 210 -0.37 -26.52 -29.87
C LYS D 210 0.15 -27.95 -29.90
N THR D 211 -0.36 -28.81 -29.03
CA THR D 211 0.14 -30.17 -28.94
C THR D 211 -0.12 -30.97 -30.21
N LEU D 212 -1.27 -30.71 -30.86
CA LEU D 212 -1.63 -31.47 -32.04
C LEU D 212 -0.66 -31.24 -33.19
N LEU D 213 -0.10 -30.03 -33.30
CA LEU D 213 0.80 -29.72 -34.41
C LEU D 213 2.07 -30.55 -34.34
N ALA D 214 2.63 -30.73 -33.14
CA ALA D 214 3.84 -31.54 -33.01
C ALA D 214 3.58 -32.98 -33.43
N ARG D 215 2.46 -33.55 -33.00
CA ARG D 215 2.11 -34.90 -33.44
C ARG D 215 1.92 -34.97 -34.94
N ALA D 216 1.31 -33.92 -35.53
CA ALA D 216 1.10 -33.90 -36.96
C ALA D 216 2.41 -33.89 -37.73
N VAL D 217 3.36 -33.04 -37.29
CA VAL D 217 4.64 -32.97 -38.01
C VAL D 217 5.44 -34.25 -37.78
N ALA D 218 5.34 -34.85 -36.59
CA ALA D 218 6.02 -36.12 -36.35
C ALA D 218 5.47 -37.22 -37.26
N GLY D 219 4.16 -37.25 -37.44
CA GLY D 219 3.55 -38.24 -38.32
C GLY D 219 3.65 -37.94 -39.79
N GLU D 220 4.00 -36.71 -40.16
CA GLU D 220 4.11 -36.34 -41.57
C GLU D 220 5.17 -37.19 -42.27
N ALA D 221 6.35 -37.28 -41.68
CA ALA D 221 7.39 -38.18 -42.12
C ALA D 221 7.64 -39.19 -41.02
N ASN D 222 7.60 -40.48 -41.36
CA ASN D 222 7.61 -41.54 -40.36
C ASN D 222 8.84 -41.44 -39.47
N VAL D 223 8.64 -41.04 -38.22
CA VAL D 223 9.72 -40.70 -37.29
C VAL D 223 9.24 -40.98 -35.88
N PRO D 224 10.08 -41.54 -35.01
CA PRO D 224 9.69 -41.73 -33.61
C PRO D 224 9.33 -40.41 -32.95
N PHE D 225 8.37 -40.45 -32.03
CA PHE D 225 7.93 -39.28 -31.30
C PHE D 225 7.99 -39.58 -29.80
N PHE D 226 8.67 -38.72 -29.05
CA PHE D 226 8.78 -38.87 -27.60
C PHE D 226 8.18 -37.64 -26.93
N HIS D 227 7.04 -37.82 -26.26
CA HIS D 227 6.35 -36.74 -25.58
C HIS D 227 6.66 -36.77 -24.09
N ILE D 228 7.03 -35.61 -23.55
CA ILE D 228 7.30 -35.47 -22.12
C ILE D 228 6.63 -34.18 -21.65
N SER D 229 5.94 -34.24 -20.53
CA SER D 229 5.24 -33.08 -19.98
C SER D 229 6.05 -32.47 -18.84
N GLY D 230 6.17 -31.14 -18.87
CA GLY D 230 6.85 -30.44 -17.79
C GLY D 230 6.06 -30.43 -16.50
N SER D 231 4.76 -30.67 -16.56
CA SER D 231 3.97 -30.80 -15.33
C SER D 231 4.37 -32.06 -14.56
N ASP D 232 4.85 -33.09 -15.27
CA ASP D 232 5.35 -34.28 -14.58
C ASP D 232 6.60 -33.97 -13.78
N PHE D 233 7.44 -33.04 -14.25
CA PHE D 233 8.63 -32.64 -13.50
C PHE D 233 8.28 -31.93 -12.20
N VAL D 234 7.05 -31.45 -12.07
CA VAL D 234 6.63 -30.75 -10.85
C VAL D 234 6.43 -31.78 -9.73
N GLU D 235 6.97 -31.47 -8.56
CA GLU D 235 6.86 -32.28 -7.35
C GLU D 235 7.52 -33.64 -7.47
N LEU D 236 8.34 -33.86 -8.49
CA LEU D 236 9.11 -35.09 -8.58
C LEU D 236 10.25 -35.08 -7.56
N PHE D 237 10.70 -36.29 -7.21
CA PHE D 237 11.79 -36.42 -6.26
C PHE D 237 13.08 -35.85 -6.85
N VAL D 238 13.98 -35.42 -5.97
CA VAL D 238 15.20 -34.75 -6.40
C VAL D 238 16.03 -35.70 -7.25
N GLY D 239 16.37 -35.26 -8.46
CA GLY D 239 17.19 -36.04 -9.37
C GLY D 239 16.42 -36.93 -10.32
N VAL D 240 15.13 -37.17 -10.07
CA VAL D 240 14.35 -38.02 -10.96
C VAL D 240 14.19 -37.36 -12.33
N GLY D 241 13.92 -36.05 -12.35
CA GLY D 241 13.77 -35.36 -13.62
C GLY D 241 15.04 -35.37 -14.45
N ALA D 242 16.19 -35.15 -13.80
CA ALA D 242 17.46 -35.19 -14.52
C ALA D 242 17.72 -36.57 -15.11
N ALA D 243 17.44 -37.62 -14.34
CA ALA D 243 17.62 -38.98 -14.85
C ALA D 243 16.68 -39.25 -16.02
N ARG D 244 15.43 -38.79 -15.93
CA ARG D 244 14.49 -38.97 -17.03
C ARG D 244 14.98 -38.25 -18.29
N VAL D 245 15.48 -37.03 -18.13
CA VAL D 245 15.99 -36.28 -19.28
C VAL D 245 17.19 -36.98 -19.91
N ARG D 246 18.12 -37.45 -19.07
CA ARG D 246 19.30 -38.12 -19.59
C ARG D 246 18.91 -39.41 -20.32
N ASP D 247 17.99 -40.19 -19.75
CA ASP D 247 17.53 -41.39 -20.44
C ASP D 247 16.80 -41.06 -21.73
N LEU D 248 16.05 -39.95 -21.75
CA LEU D 248 15.36 -39.54 -22.96
C LEU D 248 16.33 -39.27 -24.09
N PHE D 249 17.34 -38.42 -23.84
CA PHE D 249 18.33 -38.17 -24.90
C PHE D 249 19.17 -39.41 -25.21
N ALA D 250 19.41 -40.28 -24.22
CA ALA D 250 20.12 -41.52 -24.51
C ALA D 250 19.34 -42.38 -25.48
N GLN D 251 18.02 -42.50 -25.29
CA GLN D 251 17.18 -43.22 -26.23
C GLN D 251 17.16 -42.52 -27.59
N ALA D 252 17.05 -41.19 -27.58
CA ALA D 252 16.91 -40.45 -28.83
C ALA D 252 18.15 -40.58 -29.71
N LYS D 253 19.34 -40.48 -29.11
CA LYS D 253 20.56 -40.53 -29.88
C LYS D 253 20.81 -41.89 -30.51
N ALA D 254 20.18 -42.94 -29.99
CA ALA D 254 20.39 -44.27 -30.54
C ALA D 254 19.64 -44.48 -31.85
N HIS D 255 18.57 -43.72 -32.09
CA HIS D 255 17.71 -43.94 -33.24
C HIS D 255 18.05 -42.97 -34.37
N ALA D 256 17.26 -43.06 -35.43
CA ALA D 256 17.33 -42.15 -36.57
C ALA D 256 16.90 -40.75 -36.12
N PRO D 257 16.99 -39.73 -37.01
CA PRO D 257 16.47 -38.40 -36.65
C PRO D 257 15.06 -38.45 -36.08
N CYS D 258 14.93 -38.06 -34.81
CA CYS D 258 13.72 -38.26 -34.03
C CYS D 258 13.09 -36.91 -33.69
N ILE D 259 11.91 -36.97 -33.08
CA ILE D 259 11.18 -35.79 -32.64
C ILE D 259 10.90 -35.93 -31.15
N VAL D 260 11.30 -34.93 -30.38
CA VAL D 260 11.09 -34.90 -28.94
C VAL D 260 10.29 -33.65 -28.60
N PHE D 261 9.19 -33.83 -27.88
CA PHE D 261 8.31 -32.74 -27.47
C PHE D 261 8.36 -32.59 -25.95
N ILE D 262 8.52 -31.35 -25.50
CA ILE D 262 8.45 -31.01 -24.08
C ILE D 262 7.31 -30.02 -23.89
N ASP D 263 6.39 -30.34 -22.99
CA ASP D 263 5.18 -29.57 -22.78
C ASP D 263 5.27 -28.80 -21.47
N GLU D 264 4.59 -27.66 -21.43
CA GLU D 264 4.39 -26.89 -20.20
C GLU D 264 5.73 -26.48 -19.58
N ILE D 265 6.53 -25.75 -20.35
CA ILE D 265 7.87 -25.35 -19.91
C ILE D 265 7.86 -24.10 -19.04
N ASP D 266 6.74 -23.40 -18.97
CA ASP D 266 6.68 -22.18 -18.16
C ASP D 266 6.87 -22.48 -16.68
N ALA D 267 6.29 -23.59 -16.21
CA ALA D 267 6.39 -23.92 -14.79
C ALA D 267 7.82 -24.28 -14.39
N VAL D 268 8.52 -25.05 -15.23
CA VAL D 268 9.88 -25.46 -14.91
C VAL D 268 10.80 -24.24 -14.88
N GLY D 269 10.68 -23.38 -15.88
CA GLY D 269 11.52 -22.20 -15.96
C GLY D 269 10.83 -20.94 -15.46
N GLU D 284 14.49 -26.47 -10.52
CA GLU D 284 15.68 -25.66 -10.75
C GLU D 284 16.87 -26.54 -11.15
N GLN D 285 17.03 -27.66 -10.43
CA GLN D 285 18.13 -28.57 -10.73
C GLN D 285 17.99 -29.17 -12.12
N THR D 286 16.77 -29.58 -12.49
CA THR D 286 16.56 -30.14 -13.82
C THR D 286 16.71 -29.08 -14.90
N LEU D 287 16.46 -27.81 -14.57
CA LEU D 287 16.60 -26.74 -15.55
C LEU D 287 18.04 -26.63 -16.04
N ASN D 288 18.99 -26.52 -15.10
CA ASN D 288 20.39 -26.35 -15.48
C ASN D 288 20.92 -27.57 -16.23
N GLN D 289 20.49 -28.76 -15.82
CA GLN D 289 20.90 -29.98 -16.52
C GLN D 289 20.38 -29.99 -17.95
N LEU D 290 19.18 -29.44 -18.18
CA LEU D 290 18.63 -29.40 -19.53
C LEU D 290 19.46 -28.50 -20.44
N LEU D 291 19.85 -27.32 -19.95
CA LEU D 291 20.61 -26.38 -20.79
C LEU D 291 21.94 -26.97 -21.22
N VAL D 292 22.65 -27.62 -20.30
CA VAL D 292 23.96 -28.18 -20.62
C VAL D 292 23.81 -29.35 -21.60
N GLU D 293 22.85 -30.24 -21.33
CA GLU D 293 22.69 -31.42 -22.18
C GLU D 293 22.22 -31.03 -23.58
N MET D 294 21.38 -30.01 -23.68
CA MET D 294 20.95 -29.53 -24.99
C MET D 294 22.12 -29.04 -25.81
N ASP D 295 23.03 -28.29 -25.18
CA ASP D 295 24.20 -27.77 -25.89
C ASP D 295 25.17 -28.88 -26.30
N GLY D 296 25.04 -30.07 -25.71
CA GLY D 296 25.95 -31.16 -26.00
C GLY D 296 25.87 -31.69 -27.40
N PHE D 297 24.70 -32.19 -27.79
CA PHE D 297 24.53 -32.81 -29.09
C PHE D 297 24.54 -31.74 -30.20
N ASP D 298 24.62 -32.20 -31.44
CA ASP D 298 24.68 -31.34 -32.60
C ASP D 298 23.35 -31.34 -33.34
N SER D 299 23.08 -30.22 -34.03
CA SER D 299 21.84 -30.09 -34.76
C SER D 299 21.82 -30.92 -36.04
N LYS D 300 22.97 -31.35 -36.52
CA LYS D 300 23.04 -32.15 -37.74
C LYS D 300 22.72 -33.62 -37.51
N GLU D 301 22.66 -34.07 -36.26
CA GLU D 301 22.32 -35.45 -35.99
C GLU D 301 20.88 -35.75 -36.38
N GLY D 302 19.97 -34.80 -36.16
CA GLY D 302 18.57 -35.00 -36.48
C GLY D 302 17.69 -34.90 -35.25
N ILE D 303 18.13 -34.15 -34.25
CA ILE D 303 17.39 -33.97 -33.01
C ILE D 303 16.65 -32.65 -33.07
N ILE D 304 15.35 -32.70 -32.85
CA ILE D 304 14.49 -31.52 -32.86
C ILE D 304 13.74 -31.47 -31.54
N VAL D 305 13.74 -30.29 -30.91
CA VAL D 305 13.09 -30.08 -29.62
C VAL D 305 12.00 -29.03 -29.80
N MET D 306 10.78 -29.38 -29.41
CA MET D 306 9.63 -28.48 -29.52
C MET D 306 9.09 -28.19 -28.13
N ALA D 307 8.99 -26.90 -27.80
CA ALA D 307 8.48 -26.45 -26.51
C ALA D 307 7.18 -25.69 -26.70
N ALA D 308 6.23 -25.90 -25.79
CA ALA D 308 4.92 -25.28 -25.86
C ALA D 308 4.60 -24.64 -24.51
N THR D 309 4.59 -23.31 -24.47
CA THR D 309 4.28 -22.57 -23.26
C THR D 309 3.00 -21.77 -23.44
N ASN D 310 2.28 -21.58 -22.34
CA ASN D 310 1.07 -20.77 -22.35
C ASN D 310 1.33 -19.33 -21.96
N ARG D 311 2.56 -18.98 -21.58
CA ARG D 311 2.91 -17.64 -21.16
C ARG D 311 4.30 -17.30 -21.68
N PRO D 312 4.46 -16.19 -22.38
CA PRO D 312 5.78 -15.81 -22.92
C PRO D 312 6.61 -14.91 -22.02
N ASP D 313 6.08 -14.47 -20.87
CA ASP D 313 6.78 -13.51 -20.02
C ASP D 313 7.44 -14.17 -18.80
N ILE D 314 6.78 -15.14 -18.16
CA ILE D 314 7.35 -15.79 -16.99
C ILE D 314 8.45 -16.77 -17.33
N LEU D 315 8.79 -16.93 -18.61
CA LEU D 315 9.83 -17.85 -19.01
C LEU D 315 11.19 -17.38 -18.52
N ASP D 316 12.10 -18.33 -18.36
CA ASP D 316 13.46 -18.01 -17.93
C ASP D 316 14.16 -17.21 -19.01
N PRO D 317 14.68 -16.02 -18.71
CA PRO D 317 15.35 -15.22 -19.74
C PRO D 317 16.56 -15.91 -20.35
N ALA D 318 17.25 -16.77 -19.58
CA ALA D 318 18.45 -17.42 -20.09
C ALA D 318 18.14 -18.30 -21.31
N LEU D 319 16.94 -18.86 -21.38
CA LEU D 319 16.58 -19.72 -22.51
C LEU D 319 16.46 -18.94 -23.81
N LEU D 320 16.35 -17.61 -23.75
CA LEU D 320 16.21 -16.79 -24.94
C LEU D 320 17.55 -16.47 -25.60
N ARG D 321 18.66 -16.86 -24.99
CA ARG D 321 19.97 -16.62 -25.59
C ARG D 321 20.14 -17.46 -26.85
N PRO D 322 20.98 -17.01 -27.79
CA PRO D 322 21.20 -17.79 -29.01
C PRO D 322 21.81 -19.16 -28.71
N GLY D 323 21.50 -20.12 -29.56
CA GLY D 323 21.84 -21.51 -29.35
C GLY D 323 20.78 -22.27 -28.57
N ARG D 324 20.06 -21.58 -27.70
CA ARG D 324 18.92 -22.15 -26.99
C ARG D 324 17.65 -21.87 -27.79
N PHE D 325 16.48 -22.04 -27.18
CA PHE D 325 15.22 -21.73 -27.86
C PHE D 325 15.22 -20.29 -28.38
N ASP D 326 15.20 -20.13 -29.70
CA ASP D 326 15.23 -18.82 -30.32
C ASP D 326 14.18 -18.60 -31.39
N LYS D 327 13.59 -19.64 -31.95
CA LYS D 327 12.57 -19.52 -32.98
C LYS D 327 11.22 -19.83 -32.36
N LYS D 328 10.28 -18.91 -32.50
CA LYS D 328 8.96 -19.03 -31.89
C LYS D 328 7.87 -18.94 -32.95
N ILE D 329 6.80 -19.71 -32.74
CA ILE D 329 5.65 -19.76 -33.63
C ILE D 329 4.42 -19.42 -32.80
N VAL D 330 3.64 -18.44 -33.28
CA VAL D 330 2.46 -17.95 -32.58
C VAL D 330 1.22 -18.57 -33.19
N VAL D 331 0.39 -19.19 -32.35
CA VAL D 331 -0.89 -19.73 -32.78
C VAL D 331 -2.00 -18.81 -32.28
N ASP D 332 -3.05 -18.69 -33.07
CA ASP D 332 -4.12 -17.74 -32.79
C ASP D 332 -5.47 -18.42 -32.90
N PRO D 333 -6.49 -17.91 -32.21
CA PRO D 333 -7.82 -18.49 -32.33
C PRO D 333 -8.34 -18.36 -33.75
N PRO D 334 -9.14 -19.31 -34.22
CA PRO D 334 -9.60 -19.27 -35.60
C PRO D 334 -10.58 -18.14 -35.84
N ASP D 335 -10.66 -17.72 -37.10
CA ASP D 335 -11.64 -16.74 -37.54
C ASP D 335 -12.89 -17.49 -38.00
N MET D 336 -13.79 -16.81 -38.71
CA MET D 336 -15.08 -17.41 -39.06
C MET D 336 -14.90 -18.66 -39.91
N LEU D 337 -14.01 -18.62 -40.90
CA LEU D 337 -13.85 -19.77 -41.79
C LEU D 337 -13.11 -20.92 -41.11
N GLY D 338 -12.30 -20.64 -40.10
CA GLY D 338 -11.60 -21.70 -39.40
C GLY D 338 -12.53 -22.62 -38.63
N ARG D 339 -13.54 -22.04 -37.97
CA ARG D 339 -14.46 -22.85 -37.19
C ARG D 339 -15.26 -23.79 -38.08
N LYS D 340 -15.60 -23.35 -39.30
CA LYS D 340 -16.26 -24.24 -40.24
C LYS D 340 -15.38 -25.46 -40.55
N LYS D 341 -14.09 -25.23 -40.77
CA LYS D 341 -13.19 -26.34 -41.06
C LYS D 341 -13.06 -27.28 -39.87
N ILE D 342 -12.97 -26.72 -38.66
CA ILE D 342 -12.86 -27.56 -37.47
C ILE D 342 -14.11 -28.43 -37.32
N LEU D 343 -15.28 -27.83 -37.51
CA LEU D 343 -16.52 -28.60 -37.43
C LEU D 343 -16.57 -29.68 -38.50
N GLU D 344 -16.14 -29.36 -39.71
CA GLU D 344 -16.09 -30.37 -40.77
C GLU D 344 -15.17 -31.52 -40.38
N ILE D 345 -14.04 -31.22 -39.74
CA ILE D 345 -13.11 -32.25 -39.33
C ILE D 345 -13.73 -33.16 -38.27
N HIS D 346 -14.37 -32.56 -37.27
CA HIS D 346 -14.81 -33.33 -36.10
C HIS D 346 -16.15 -34.03 -36.28
N THR D 347 -16.83 -33.87 -37.41
CA THR D 347 -18.16 -34.47 -37.58
C THR D 347 -18.21 -35.53 -38.67
N ARG D 348 -17.06 -35.98 -39.17
CA ARG D 348 -17.06 -36.93 -40.28
C ARG D 348 -17.71 -38.25 -39.89
N ASN D 349 -17.41 -38.76 -38.69
CA ASN D 349 -17.89 -40.07 -38.28
C ASN D 349 -19.37 -40.06 -37.92
N LYS D 350 -19.82 -39.03 -37.21
CA LYS D 350 -21.14 -39.06 -36.61
C LYS D 350 -22.24 -38.94 -37.67
N PRO D 351 -23.40 -39.58 -37.43
CA PRO D 351 -24.47 -39.57 -38.43
C PRO D 351 -25.36 -38.34 -38.36
N LEU D 352 -24.95 -37.25 -38.99
CA LEU D 352 -25.76 -36.04 -39.00
C LEU D 352 -27.04 -36.25 -39.81
N ALA D 353 -28.03 -35.40 -39.54
CA ALA D 353 -29.30 -35.45 -40.26
C ALA D 353 -29.14 -34.72 -41.60
N GLU D 354 -30.25 -34.46 -42.28
CA GLU D 354 -30.22 -33.87 -43.61
C GLU D 354 -30.45 -32.36 -43.61
N ASP D 355 -30.96 -31.79 -42.52
CA ASP D 355 -31.23 -30.36 -42.45
C ASP D 355 -30.19 -29.58 -41.68
N VAL D 356 -29.11 -30.22 -41.24
CA VAL D 356 -28.09 -29.55 -40.44
C VAL D 356 -27.21 -28.72 -41.36
N ASN D 357 -27.13 -27.42 -41.09
CA ASN D 357 -26.29 -26.50 -41.85
C ASN D 357 -25.13 -26.08 -40.94
N LEU D 358 -23.91 -26.34 -41.37
CA LEU D 358 -22.74 -26.04 -40.56
C LEU D 358 -22.30 -24.58 -40.67
N GLU D 359 -22.79 -23.84 -41.66
CA GLU D 359 -22.43 -22.44 -41.76
C GLU D 359 -23.16 -21.60 -40.73
N ILE D 360 -24.42 -21.92 -40.46
CA ILE D 360 -25.18 -21.20 -39.45
C ILE D 360 -24.56 -21.41 -38.08
N ILE D 361 -24.20 -22.66 -37.75
CA ILE D 361 -23.58 -22.95 -36.48
C ILE D 361 -22.17 -22.37 -36.41
N ALA D 362 -21.55 -22.08 -37.55
CA ALA D 362 -20.22 -21.49 -37.54
C ALA D 362 -20.25 -20.00 -37.18
N LYS D 363 -21.31 -19.29 -37.55
CA LYS D 363 -21.38 -17.86 -37.30
C LYS D 363 -21.94 -17.52 -35.92
N ARG D 364 -22.54 -18.47 -35.22
CA ARG D 364 -23.11 -18.21 -33.91
C ARG D 364 -22.15 -18.57 -32.77
N THR D 365 -20.89 -18.85 -33.06
CA THR D 365 -19.92 -19.28 -32.05
C THR D 365 -18.64 -18.46 -32.13
N PRO D 366 -18.72 -17.16 -31.88
CA PRO D 366 -17.50 -16.34 -31.93
C PRO D 366 -16.71 -16.46 -30.64
N GLY D 367 -15.38 -16.46 -30.78
CA GLY D 367 -14.49 -16.56 -29.65
C GLY D 367 -14.20 -17.97 -29.17
N PHE D 368 -14.83 -18.98 -29.76
CA PHE D 368 -14.57 -20.35 -29.35
C PHE D 368 -13.23 -20.82 -29.89
N VAL D 369 -12.40 -21.39 -29.01
CA VAL D 369 -11.15 -21.99 -29.43
C VAL D 369 -11.46 -23.38 -29.98
N GLY D 370 -10.50 -23.99 -30.67
CA GLY D 370 -10.76 -25.24 -31.36
C GLY D 370 -11.14 -26.40 -30.44
N ALA D 371 -10.83 -26.29 -29.15
CA ALA D 371 -11.14 -27.37 -28.22
C ALA D 371 -12.62 -27.43 -27.87
N ASP D 372 -13.32 -26.29 -27.87
CA ASP D 372 -14.69 -26.26 -27.38
C ASP D 372 -15.69 -26.81 -28.40
N LEU D 373 -15.35 -26.78 -29.69
CA LEU D 373 -16.31 -27.24 -30.70
C LEU D 373 -16.54 -28.75 -30.63
N GLU D 374 -15.49 -29.50 -30.32
CA GLU D 374 -15.66 -30.94 -30.15
C GLU D 374 -16.55 -31.24 -28.95
N ASN D 375 -16.37 -30.48 -27.87
CA ASN D 375 -17.25 -30.61 -26.71
C ASN D 375 -18.69 -30.27 -27.07
N LEU D 376 -18.89 -29.24 -27.90
CA LEU D 376 -20.22 -28.89 -28.37
C LEU D 376 -20.85 -30.04 -29.13
N VAL D 377 -20.08 -30.67 -30.02
CA VAL D 377 -20.60 -31.80 -30.80
C VAL D 377 -20.96 -32.95 -29.87
N ASN D 378 -20.11 -33.23 -28.88
CA ASN D 378 -20.40 -34.30 -27.93
C ASN D 378 -21.66 -34.02 -27.14
N GLU D 379 -21.85 -32.76 -26.70
CA GLU D 379 -23.05 -32.41 -25.95
C GLU D 379 -24.29 -32.56 -26.81
N ALA D 380 -24.21 -32.14 -28.08
CA ALA D 380 -25.33 -32.33 -28.99
C ALA D 380 -25.64 -33.81 -29.16
N ALA D 381 -24.60 -34.65 -29.24
CA ALA D 381 -24.82 -36.09 -29.32
C ALA D 381 -25.52 -36.61 -28.08
N LEU D 382 -25.12 -36.13 -26.90
CA LEU D 382 -25.78 -36.56 -25.66
C LEU D 382 -27.26 -36.19 -25.67
N LEU D 383 -27.58 -34.95 -26.02
CA LEU D 383 -28.98 -34.53 -26.04
C LEU D 383 -29.78 -35.27 -27.10
N ALA D 384 -29.16 -35.61 -28.23
CA ALA D 384 -29.85 -36.44 -29.22
C ALA D 384 -30.09 -37.84 -28.68
N ALA D 385 -29.14 -38.38 -27.93
CA ALA D 385 -29.24 -39.74 -27.41
C ALA D 385 -30.22 -39.86 -26.24
N ARG D 386 -30.47 -38.77 -25.51
CA ARG D 386 -31.34 -38.86 -24.34
C ARG D 386 -32.73 -39.36 -24.73
N GLU D 387 -33.32 -38.81 -25.78
CA GLU D 387 -34.62 -39.27 -26.23
C GLU D 387 -34.50 -40.61 -26.96
N GLY D 388 -33.44 -40.79 -27.74
CA GLY D 388 -33.22 -42.03 -28.44
C GLY D 388 -33.61 -41.97 -29.90
N ARG D 389 -32.62 -41.77 -30.77
CA ARG D 389 -32.83 -41.68 -32.21
C ARG D 389 -31.47 -41.65 -32.88
N ASP D 390 -31.40 -42.20 -34.10
CA ASP D 390 -30.13 -42.48 -34.76
C ASP D 390 -29.57 -41.30 -35.53
N LYS D 391 -30.21 -40.12 -35.47
CA LYS D 391 -29.73 -38.95 -36.18
C LYS D 391 -29.77 -37.73 -35.26
N ILE D 392 -28.92 -36.76 -35.57
CA ILE D 392 -28.83 -35.51 -34.83
C ILE D 392 -29.40 -34.41 -35.72
N THR D 393 -30.54 -33.85 -35.32
CA THR D 393 -31.20 -32.82 -36.11
C THR D 393 -30.67 -31.45 -35.73
N MET D 394 -31.16 -30.42 -36.44
CA MET D 394 -30.69 -29.06 -36.20
C MET D 394 -31.10 -28.56 -34.82
N LYS D 395 -32.31 -28.92 -34.37
CA LYS D 395 -32.80 -28.42 -33.09
C LYS D 395 -31.88 -28.81 -31.93
N ASP D 396 -31.19 -29.94 -32.04
CA ASP D 396 -30.27 -30.33 -30.99
C ASP D 396 -29.03 -29.44 -30.97
N PHE D 397 -28.51 -29.10 -32.15
CA PHE D 397 -27.33 -28.24 -32.22
C PHE D 397 -27.63 -26.86 -31.67
N GLU D 398 -28.71 -26.24 -32.13
CA GLU D 398 -29.02 -24.87 -31.71
C GLU D 398 -29.28 -24.78 -30.21
N GLU D 399 -30.00 -25.76 -29.66
CA GLU D 399 -30.30 -25.72 -28.24
C GLU D 399 -29.09 -26.09 -27.38
N ALA D 400 -28.14 -26.84 -27.94
CA ALA D 400 -26.94 -27.20 -27.18
C ALA D 400 -25.97 -26.04 -27.05
N ILE D 401 -26.00 -25.09 -27.99
CA ILE D 401 -25.14 -23.92 -27.87
C ILE D 401 -25.60 -23.03 -26.72
N ASP D 402 -26.91 -22.89 -26.54
CA ASP D 402 -27.44 -22.01 -25.51
C ASP D 402 -27.05 -22.49 -24.11
N ARG D 403 -27.09 -23.80 -23.88
CA ARG D 403 -26.75 -24.33 -22.56
C ARG D 403 -25.29 -24.13 -22.19
N VAL D 404 -24.44 -23.79 -23.15
CA VAL D 404 -23.04 -23.51 -22.86
C VAL D 404 -22.82 -22.04 -22.52
N ILE D 405 -23.53 -21.15 -23.21
CA ILE D 405 -23.33 -19.72 -22.99
C ILE D 405 -24.04 -19.26 -21.72
N ALA D 406 -25.35 -19.51 -21.63
CA ALA D 406 -26.15 -19.01 -20.51
C ALA D 406 -26.40 -20.08 -19.45
N GLY D 407 -27.01 -21.20 -19.83
CA GLY D 407 -27.33 -22.24 -18.89
C GLY D 407 -28.58 -23.00 -19.28
N PRO D 408 -28.92 -24.02 -18.49
CA PRO D 408 -30.13 -24.80 -18.78
C PRO D 408 -31.39 -23.99 -18.51
N ALA D 409 -32.46 -24.34 -19.22
CA ALA D 409 -33.74 -23.69 -19.02
C ALA D 409 -34.28 -23.99 -17.64
N ARG D 410 -35.03 -23.04 -17.08
CA ARG D 410 -35.58 -23.16 -15.73
C ARG D 410 -37.09 -23.03 -15.81
N LYS D 411 -37.78 -24.15 -15.99
CA LYS D 411 -39.23 -24.16 -16.04
C LYS D 411 -39.87 -24.16 -14.66
N SER D 412 -39.09 -24.33 -13.59
CA SER D 412 -39.65 -24.30 -12.25
C SER D 412 -39.97 -22.88 -11.81
N LYS D 413 -39.29 -21.88 -12.38
CA LYS D 413 -39.53 -20.50 -12.02
C LYS D 413 -40.93 -20.07 -12.44
N LEU D 414 -41.61 -19.34 -11.55
CA LEU D 414 -42.96 -18.89 -11.76
C LEU D 414 -42.97 -17.37 -11.95
N ILE D 415 -43.62 -16.91 -13.01
CA ILE D 415 -43.71 -15.49 -13.33
C ILE D 415 -45.16 -15.08 -13.29
N SER D 416 -45.47 -14.00 -12.58
CA SER D 416 -46.84 -13.53 -12.46
C SER D 416 -47.38 -13.15 -13.83
N PRO D 417 -48.67 -13.39 -14.09
CA PRO D 417 -49.22 -13.06 -15.42
C PRO D 417 -49.13 -11.58 -15.77
N LYS D 418 -49.21 -10.69 -14.77
CA LYS D 418 -49.09 -9.26 -15.01
C LYS D 418 -47.65 -8.78 -15.07
N GLU D 419 -46.69 -9.68 -14.84
CA GLU D 419 -45.28 -9.34 -14.87
C GLU D 419 -44.55 -9.89 -16.10
N LYS D 420 -45.10 -10.91 -16.75
CA LYS D 420 -44.54 -11.40 -18.00
C LYS D 420 -45.09 -10.67 -19.21
N ARG D 421 -46.08 -9.80 -19.02
CA ARG D 421 -46.53 -8.94 -20.11
C ARG D 421 -45.57 -7.77 -20.33
N ILE D 422 -44.86 -7.35 -19.27
CA ILE D 422 -43.86 -6.31 -19.42
C ILE D 422 -42.66 -6.81 -20.22
N ILE D 423 -42.23 -8.05 -19.94
CA ILE D 423 -41.08 -8.59 -20.65
C ILE D 423 -41.40 -8.81 -22.12
N ALA D 424 -42.64 -9.16 -22.45
CA ALA D 424 -43.02 -9.32 -23.85
C ALA D 424 -42.95 -8.01 -24.61
N TYR D 425 -43.16 -6.88 -23.94
CA TYR D 425 -43.06 -5.57 -24.58
C TYR D 425 -41.65 -5.02 -24.58
N TYR D 426 -40.83 -5.42 -23.60
CA TYR D 426 -39.46 -4.93 -23.56
C TYR D 426 -38.58 -5.60 -24.60
N GLU D 427 -38.90 -6.84 -24.99
CA GLU D 427 -38.11 -7.55 -25.99
C GLU D 427 -38.65 -7.39 -27.40
N ALA D 428 -39.95 -7.19 -27.56
CA ALA D 428 -40.51 -6.93 -28.88
C ALA D 428 -40.25 -5.50 -29.35
N GLY D 429 -39.73 -4.64 -28.49
CA GLY D 429 -39.38 -3.29 -28.88
C GLY D 429 -37.92 -3.17 -29.24
N HIS D 430 -37.07 -3.97 -28.58
CA HIS D 430 -35.65 -3.99 -28.91
C HIS D 430 -35.40 -4.62 -30.27
N ALA D 431 -36.34 -5.40 -30.79
CA ALA D 431 -36.18 -6.05 -32.09
C ALA D 431 -36.80 -5.27 -33.23
N VAL D 432 -37.86 -4.50 -32.97
CA VAL D 432 -38.43 -3.65 -34.00
C VAL D 432 -37.50 -2.49 -34.32
N VAL D 433 -36.90 -1.88 -33.29
CA VAL D 433 -35.98 -0.77 -33.51
C VAL D 433 -34.72 -1.25 -34.21
N SER D 434 -34.20 -2.42 -33.82
CA SER D 434 -32.98 -2.93 -34.40
C SER D 434 -33.13 -3.36 -35.85
N THR D 435 -34.34 -3.42 -36.38
CA THR D 435 -34.59 -3.76 -37.77
C THR D 435 -34.82 -2.54 -38.65
N VAL D 436 -35.47 -1.50 -38.12
CA VAL D 436 -35.81 -0.34 -38.92
C VAL D 436 -34.57 0.47 -39.27
N VAL D 437 -33.66 0.64 -38.32
CA VAL D 437 -32.46 1.46 -38.53
C VAL D 437 -31.59 0.81 -39.60
N PRO D 438 -30.90 1.58 -40.43
CA PRO D 438 -30.17 0.99 -41.56
C PRO D 438 -29.05 0.05 -41.17
N ASN D 439 -28.11 0.52 -40.35
CA ASN D 439 -26.92 -0.25 -40.02
C ASN D 439 -27.19 -1.16 -38.84
N GLY D 440 -27.00 -2.46 -39.04
CA GLY D 440 -27.21 -3.42 -37.97
C GLY D 440 -27.09 -4.83 -38.51
N GLU D 441 -27.22 -5.79 -37.59
CA GLU D 441 -27.20 -7.18 -38.00
C GLU D 441 -28.54 -7.84 -37.70
N PRO D 442 -29.00 -8.73 -38.58
CA PRO D 442 -30.37 -9.25 -38.46
C PRO D 442 -30.55 -10.10 -37.22
N VAL D 443 -31.81 -10.18 -36.78
CA VAL D 443 -32.18 -10.99 -35.62
C VAL D 443 -32.39 -12.43 -36.05
N HIS D 444 -32.36 -13.33 -35.08
CA HIS D 444 -32.54 -14.77 -35.32
C HIS D 444 -33.79 -15.31 -34.65
N ARG D 445 -33.95 -15.10 -33.34
CA ARG D 445 -35.15 -15.52 -32.64
C ARG D 445 -35.31 -14.67 -31.39
N ILE D 446 -36.54 -14.62 -30.89
CA ILE D 446 -36.89 -13.92 -29.67
C ILE D 446 -37.57 -14.90 -28.74
N SER D 447 -37.11 -14.95 -27.48
CA SER D 447 -37.68 -15.88 -26.51
C SER D 447 -37.75 -15.20 -25.15
N ILE D 448 -38.72 -15.63 -24.34
CA ILE D 448 -38.92 -15.10 -23.00
C ILE D 448 -38.88 -16.19 -21.94
N ILE D 449 -38.28 -17.34 -22.27
CA ILE D 449 -38.12 -18.41 -21.30
C ILE D 449 -36.94 -18.06 -20.39
N PRO D 450 -37.13 -18.08 -19.06
CA PRO D 450 -36.02 -17.75 -18.17
C PRO D 450 -34.87 -18.73 -18.32
N ARG D 451 -33.66 -18.23 -18.10
CA ARG D 451 -32.47 -19.04 -18.31
C ARG D 451 -31.33 -18.49 -17.46
N GLY D 452 -30.63 -19.39 -16.79
CA GLY D 452 -29.54 -18.95 -15.94
C GLY D 452 -30.03 -18.24 -14.70
N TYR D 453 -29.15 -17.44 -14.12
CA TYR D 453 -29.45 -16.66 -12.93
C TYR D 453 -29.55 -15.18 -13.30
N LYS D 454 -30.65 -14.55 -12.89
CA LYS D 454 -30.90 -13.14 -13.16
C LYS D 454 -30.95 -12.85 -14.66
N ALA D 455 -31.89 -13.52 -15.33
CA ALA D 455 -32.16 -13.27 -16.74
C ALA D 455 -33.61 -13.65 -17.02
N LEU D 456 -34.27 -12.85 -17.87
CA LEU D 456 -35.69 -13.04 -18.10
C LEU D 456 -36.08 -12.95 -19.57
N GLY D 457 -35.12 -12.91 -20.48
CA GLY D 457 -35.43 -12.81 -21.90
C GLY D 457 -34.24 -12.33 -22.70
N TYR D 458 -34.08 -12.81 -23.92
CA TYR D 458 -32.90 -12.48 -24.70
C TYR D 458 -33.24 -12.48 -26.18
N THR D 459 -32.42 -11.77 -26.95
CA THR D 459 -32.51 -11.71 -28.40
C THR D 459 -31.16 -12.06 -28.98
N LEU D 460 -31.16 -12.81 -30.08
CA LEU D 460 -29.94 -13.31 -30.70
C LEU D 460 -29.77 -12.72 -32.09
N HIS D 461 -28.53 -12.38 -32.43
CA HIS D 461 -28.19 -11.90 -33.76
C HIS D 461 -27.17 -12.86 -34.38
N LEU D 462 -27.16 -12.92 -35.72
CA LEU D 462 -26.14 -13.67 -36.44
C LEU D 462 -25.44 -12.73 -37.42
N PRO D 463 -24.11 -12.59 -37.33
CA PRO D 463 -23.41 -11.67 -38.24
C PRO D 463 -23.43 -12.17 -39.68
N GLU D 464 -23.32 -11.22 -40.60
CA GLU D 464 -23.24 -11.55 -42.01
C GLU D 464 -21.82 -11.82 -42.48
N GLU D 465 -20.83 -11.20 -41.86
CA GLU D 465 -19.42 -11.40 -42.20
C GLU D 465 -18.58 -10.91 -41.04
N ASP D 466 -17.28 -10.80 -41.26
CA ASP D 466 -16.35 -10.35 -40.23
C ASP D 466 -15.77 -8.99 -40.63
N LYS D 467 -15.84 -8.03 -39.70
CA LYS D 467 -15.40 -6.67 -39.95
C LYS D 467 -14.34 -6.27 -38.93
N TYR D 468 -13.51 -5.30 -39.33
CA TYR D 468 -12.44 -4.82 -38.47
C TYR D 468 -12.43 -3.30 -38.28
N LEU D 469 -13.18 -2.54 -39.08
CA LEU D 469 -13.28 -1.10 -38.95
C LEU D 469 -14.73 -0.72 -38.72
N VAL D 470 -14.98 0.14 -37.75
CA VAL D 470 -16.32 0.60 -37.41
C VAL D 470 -16.41 2.09 -37.69
N SER D 471 -17.45 2.48 -38.43
CA SER D 471 -17.65 3.88 -38.80
C SER D 471 -18.29 4.63 -37.64
N ARG D 472 -18.72 5.86 -37.89
CA ARG D 472 -19.46 6.60 -36.87
C ARG D 472 -20.96 6.35 -36.94
N ASN D 473 -21.52 6.34 -38.15
CA ASN D 473 -22.94 6.06 -38.30
C ASN D 473 -23.31 4.65 -37.89
N GLU D 474 -22.33 3.74 -37.83
CA GLU D 474 -22.58 2.41 -37.31
C GLU D 474 -22.49 2.35 -35.80
N LEU D 475 -22.06 3.43 -35.14
CA LEU D 475 -22.07 3.52 -33.69
C LEU D 475 -23.24 4.31 -33.16
N LEU D 476 -23.85 5.17 -33.96
CA LEU D 476 -25.08 5.85 -33.57
C LEU D 476 -26.31 5.01 -33.79
N ASP D 477 -26.19 3.87 -34.48
CA ASP D 477 -27.31 2.96 -34.67
C ASP D 477 -27.23 1.73 -33.79
N LYS D 478 -26.04 1.40 -33.28
CA LYS D 478 -25.94 0.42 -32.20
C LYS D 478 -26.35 1.01 -30.87
N LEU D 479 -26.36 2.34 -30.75
CA LEU D 479 -26.77 3.01 -29.53
C LEU D 479 -28.27 3.27 -29.48
N THR D 480 -28.91 3.45 -30.64
CA THR D 480 -30.36 3.59 -30.67
C THR D 480 -31.05 2.28 -30.35
N ALA D 481 -30.48 1.17 -30.78
CA ALA D 481 -31.10 -0.14 -30.51
C ALA D 481 -31.13 -0.44 -29.02
N LEU D 482 -30.06 -0.11 -28.31
CA LEU D 482 -30.00 -0.40 -26.87
C LEU D 482 -31.09 0.37 -26.12
N LEU D 483 -31.37 1.60 -26.55
CA LEU D 483 -32.40 2.42 -25.92
C LEU D 483 -33.79 2.15 -26.48
N GLY D 484 -33.98 1.00 -27.12
CA GLY D 484 -35.28 0.67 -27.68
C GLY D 484 -36.21 0.05 -26.67
N GLY D 485 -35.68 -0.75 -25.76
CA GLY D 485 -36.52 -1.37 -24.75
C GLY D 485 -37.11 -0.37 -23.78
N ARG D 486 -36.29 0.57 -23.31
CA ARG D 486 -36.77 1.59 -22.38
C ARG D 486 -37.79 2.52 -23.05
N ALA D 487 -37.66 2.72 -24.35
CA ALA D 487 -38.60 3.57 -25.07
C ALA D 487 -39.91 2.87 -25.41
N ALA D 488 -40.00 1.56 -25.17
CA ALA D 488 -41.25 0.85 -25.40
C ALA D 488 -42.12 0.79 -24.16
N GLU D 489 -41.52 0.72 -22.97
CA GLU D 489 -42.31 0.79 -21.74
C GLU D 489 -42.90 2.17 -21.54
N GLU D 490 -42.12 3.21 -21.82
CA GLU D 490 -42.58 4.57 -21.56
C GLU D 490 -43.77 4.95 -22.43
N VAL D 491 -43.74 4.56 -23.71
CA VAL D 491 -44.84 4.91 -24.61
C VAL D 491 -46.10 4.13 -24.25
N VAL D 492 -45.94 2.85 -23.90
CA VAL D 492 -47.10 1.99 -23.67
C VAL D 492 -47.67 2.20 -22.27
N PHE D 493 -46.86 1.90 -21.25
CA PHE D 493 -47.34 1.93 -19.87
C PHE D 493 -47.23 3.33 -19.25
N GLY D 494 -46.14 4.04 -19.51
CA GLY D 494 -45.91 5.32 -18.90
C GLY D 494 -45.18 5.28 -17.57
N ASP D 495 -44.90 4.08 -17.06
CA ASP D 495 -44.22 3.91 -15.77
C ASP D 495 -42.99 3.05 -16.01
N VAL D 496 -41.81 3.64 -15.86
CA VAL D 496 -40.56 2.96 -16.17
C VAL D 496 -40.21 2.00 -15.04
N THR D 497 -39.82 0.79 -15.40
CA THR D 497 -39.43 -0.24 -14.44
C THR D 497 -37.92 -0.25 -14.25
N SER D 498 -37.42 -1.26 -13.54
CA SER D 498 -36.01 -1.41 -13.27
C SER D 498 -35.35 -2.47 -14.14
N GLY D 499 -36.05 -2.96 -15.17
CA GLY D 499 -35.48 -4.00 -16.00
C GLY D 499 -34.29 -3.53 -16.81
N ALA D 500 -34.38 -2.32 -17.38
CA ALA D 500 -33.35 -1.81 -18.28
C ALA D 500 -32.29 -1.04 -17.48
N ALA D 501 -31.56 -1.79 -16.66
CA ALA D 501 -30.45 -1.24 -15.90
C ALA D 501 -29.08 -1.66 -16.41
N ASN D 502 -29.02 -2.69 -17.27
CA ASN D 502 -27.78 -3.08 -17.91
C ASN D 502 -27.65 -2.56 -19.34
N ASP D 503 -28.76 -2.21 -19.98
CA ASP D 503 -28.72 -1.59 -21.29
C ASP D 503 -28.50 -0.09 -21.23
N ILE D 504 -28.39 0.47 -20.02
CA ILE D 504 -28.13 1.88 -19.83
C ILE D 504 -26.64 2.04 -19.51
N GLU D 505 -26.09 1.07 -18.79
CA GLU D 505 -24.66 1.10 -18.49
C GLU D 505 -23.82 0.88 -19.74
N ARG D 506 -24.24 -0.05 -20.60
CA ARG D 506 -23.48 -0.32 -21.82
C ARG D 506 -23.74 0.69 -22.92
N ALA D 507 -24.78 1.50 -22.81
CA ALA D 507 -25.06 2.53 -23.79
C ALA D 507 -24.46 3.87 -23.43
N THR D 508 -23.79 3.98 -22.29
CA THR D 508 -23.15 5.22 -21.89
C THR D 508 -21.63 5.15 -21.90
N GLU D 509 -21.05 3.97 -22.05
CA GLU D 509 -19.62 3.87 -22.32
C GLU D 509 -19.31 3.78 -23.80
N ILE D 510 -20.32 3.50 -24.63
CA ILE D 510 -20.15 3.68 -26.07
C ILE D 510 -20.05 5.16 -26.42
N ALA D 511 -20.79 6.01 -25.71
CA ALA D 511 -20.78 7.44 -25.97
C ALA D 511 -19.63 8.16 -25.27
N ARG D 512 -18.92 7.49 -24.37
CA ARG D 512 -17.74 8.08 -23.75
C ARG D 512 -16.45 7.74 -24.49
N ASN D 513 -16.53 6.96 -25.57
CA ASN D 513 -15.40 6.72 -26.45
C ASN D 513 -15.46 7.56 -27.72
N MET D 514 -16.66 7.86 -28.21
CA MET D 514 -16.78 8.72 -29.37
C MET D 514 -16.29 10.13 -29.08
N VAL D 515 -16.14 10.50 -27.82
CA VAL D 515 -15.80 11.86 -27.42
C VAL D 515 -14.36 11.93 -26.90
N CYS D 516 -13.98 11.01 -26.01
CA CYS D 516 -12.67 11.08 -25.39
C CYS D 516 -11.58 10.53 -26.29
N GLN D 517 -11.69 9.26 -26.69
CA GLN D 517 -10.58 8.57 -27.33
C GLN D 517 -10.62 8.66 -28.85
N LEU D 518 -11.70 8.18 -29.46
CA LEU D 518 -11.76 8.11 -30.92
C LEU D 518 -11.85 9.47 -31.59
N GLY D 519 -12.17 10.53 -30.84
CA GLY D 519 -12.17 11.87 -31.38
C GLY D 519 -13.22 12.11 -32.46
N MET D 520 -14.45 11.68 -32.23
CA MET D 520 -15.55 11.90 -33.16
C MET D 520 -16.53 12.96 -32.64
N SER D 521 -16.00 13.99 -32.00
CA SER D 521 -16.81 15.11 -31.51
C SER D 521 -16.39 16.38 -32.24
N GLU D 522 -17.38 17.16 -32.66
CA GLU D 522 -17.10 18.35 -33.47
C GLU D 522 -16.77 19.58 -32.63
N GLU D 523 -16.84 19.49 -31.31
CA GLU D 523 -16.51 20.61 -30.44
C GLU D 523 -15.15 20.48 -29.78
N LEU D 524 -14.79 19.30 -29.30
CA LEU D 524 -13.52 19.10 -28.62
C LEU D 524 -12.36 18.80 -29.57
N GLY D 525 -12.62 18.59 -30.85
CA GLY D 525 -11.58 18.41 -31.82
C GLY D 525 -10.95 17.03 -31.77
N PRO D 526 -9.94 16.80 -32.61
CA PRO D 526 -9.25 15.50 -32.66
C PRO D 526 -8.15 15.37 -31.62
N LEU D 527 -8.54 15.18 -30.37
CA LEU D 527 -7.61 14.99 -29.27
C LEU D 527 -8.02 13.76 -28.47
N ALA D 528 -7.12 13.31 -27.60
CA ALA D 528 -7.34 12.13 -26.78
C ALA D 528 -7.21 12.51 -25.31
N TRP D 529 -8.32 12.97 -24.72
CA TRP D 529 -8.36 13.25 -23.29
C TRP D 529 -8.43 11.94 -22.53
N GLY D 530 -7.57 11.78 -21.52
CA GLY D 530 -7.58 10.56 -20.74
C GLY D 530 -6.20 10.05 -20.37
N LYS D 531 -5.91 8.80 -20.72
CA LYS D 531 -4.63 8.18 -20.37
C LYS D 531 -3.44 8.94 -20.97
N ARG D 544 -3.56 9.18 -12.55
CA ARG D 544 -3.70 8.29 -13.69
C ARG D 544 -5.13 8.28 -14.20
N LEU D 545 -5.28 8.02 -15.51
CA LEU D 545 -6.55 7.92 -16.23
C LEU D 545 -7.27 9.26 -16.32
N ARG D 546 -6.73 10.33 -15.74
CA ARG D 546 -7.32 11.66 -15.87
C ARG D 546 -6.22 12.69 -15.65
N ASN D 547 -5.88 13.44 -16.70
CA ASN D 547 -4.96 14.58 -16.58
C ASN D 547 -5.51 15.70 -17.46
N TYR D 548 -6.39 16.52 -16.89
CA TYR D 548 -6.89 17.71 -17.55
C TYR D 548 -7.65 18.55 -16.51
N SER D 549 -8.02 19.75 -16.91
CA SER D 549 -8.57 20.73 -15.99
C SER D 549 -10.01 20.35 -15.60
N GLU D 550 -10.62 21.23 -14.81
CA GLU D 550 -12.03 21.10 -14.47
C GLU D 550 -12.93 21.82 -15.45
N GLU D 551 -12.41 22.84 -16.15
CA GLU D 551 -13.18 23.50 -17.19
C GLU D 551 -13.41 22.58 -18.39
N VAL D 552 -12.41 21.76 -18.72
CA VAL D 552 -12.59 20.78 -19.79
C VAL D 552 -13.54 19.67 -19.36
N ALA D 553 -13.38 19.21 -18.11
CA ALA D 553 -14.20 18.09 -17.63
C ALA D 553 -15.67 18.42 -17.57
N SER D 554 -16.04 19.70 -17.63
CA SER D 554 -17.44 20.10 -17.66
C SER D 554 -17.95 20.30 -19.08
N LYS D 555 -17.10 20.09 -20.08
CA LYS D 555 -17.54 20.12 -21.47
C LYS D 555 -17.68 18.75 -22.08
N ILE D 556 -17.05 17.73 -21.49
CA ILE D 556 -17.26 16.36 -21.95
C ILE D 556 -18.66 15.88 -21.58
N ASP D 557 -19.13 16.26 -20.40
CA ASP D 557 -20.47 15.87 -19.97
C ASP D 557 -21.57 16.54 -20.76
N GLU D 558 -21.43 17.81 -21.12
CA GLU D 558 -22.42 18.47 -21.94
C GLU D 558 -22.52 17.87 -23.34
N GLU D 559 -21.50 17.14 -23.78
CA GLU D 559 -21.54 16.42 -25.04
C GLU D 559 -22.08 15.00 -24.90
N VAL D 560 -21.67 14.30 -23.84
CA VAL D 560 -22.19 12.96 -23.59
C VAL D 560 -23.69 13.01 -23.36
N LYS D 561 -24.15 13.97 -22.55
CA LYS D 561 -25.58 14.09 -22.29
C LYS D 561 -26.36 14.56 -23.50
N LYS D 562 -25.68 15.08 -24.52
CA LYS D 562 -26.36 15.52 -25.73
C LYS D 562 -26.42 14.43 -26.79
N ILE D 563 -25.39 13.58 -26.86
CA ILE D 563 -25.42 12.46 -27.80
C ILE D 563 -26.49 11.46 -27.40
N VAL D 564 -26.52 11.08 -26.13
CA VAL D 564 -27.44 10.03 -25.68
C VAL D 564 -28.88 10.50 -25.74
N THR D 565 -29.14 11.74 -25.30
CA THR D 565 -30.52 12.24 -25.31
C THR D 565 -31.06 12.36 -26.73
N ASN D 566 -30.20 12.74 -27.67
CA ASN D 566 -30.65 12.91 -29.05
C ASN D 566 -31.08 11.59 -29.67
N CYS D 567 -30.42 10.49 -29.31
CA CYS D 567 -30.81 9.19 -29.84
C CYS D 567 -32.08 8.66 -29.16
N TYR D 568 -32.22 8.90 -27.86
CA TYR D 568 -33.38 8.41 -27.13
C TYR D 568 -34.67 9.09 -27.59
N GLU D 569 -34.59 10.29 -28.17
CA GLU D 569 -35.75 10.95 -28.74
C GLU D 569 -36.17 10.39 -30.08
N ARG D 570 -35.33 9.54 -30.69
CA ARG D 570 -35.59 8.97 -32.01
C ARG D 570 -36.11 7.54 -31.93
N ALA D 571 -35.65 6.77 -30.94
CA ALA D 571 -36.22 5.44 -30.71
C ALA D 571 -37.69 5.54 -30.36
N LYS D 572 -38.06 6.53 -29.55
CA LYS D 572 -39.47 6.75 -29.24
C LYS D 572 -40.26 7.10 -30.48
N GLU D 573 -39.65 7.86 -31.39
CA GLU D 573 -40.34 8.23 -32.62
C GLU D 573 -40.55 7.02 -33.52
N ILE D 574 -39.58 6.09 -33.55
CA ILE D 574 -39.74 4.89 -34.36
C ILE D 574 -40.91 4.06 -33.87
N ILE D 575 -41.06 3.91 -32.55
CA ILE D 575 -42.08 3.03 -31.99
C ILE D 575 -43.48 3.53 -32.34
N ARG D 576 -43.68 4.86 -32.31
CA ARG D 576 -45.02 5.40 -32.51
C ARG D 576 -45.58 5.07 -33.90
N LYS D 577 -44.71 4.94 -34.90
CA LYS D 577 -45.18 4.55 -36.23
C LYS D 577 -45.62 3.09 -36.25
N TYR D 578 -44.77 2.19 -35.75
CA TYR D 578 -45.06 0.76 -35.77
C TYR D 578 -45.61 0.32 -34.41
N ARG D 579 -46.84 0.76 -34.13
CA ARG D 579 -47.53 0.35 -32.92
C ARG D 579 -48.64 -0.65 -33.16
N LYS D 580 -49.44 -0.46 -34.21
CA LYS D 580 -50.45 -1.45 -34.55
C LYS D 580 -49.82 -2.78 -34.91
N GLN D 581 -48.61 -2.76 -35.46
CA GLN D 581 -47.87 -3.96 -35.82
C GLN D 581 -46.93 -4.42 -34.71
N LEU D 582 -46.91 -3.74 -33.57
CA LEU D 582 -46.14 -4.18 -32.42
C LEU D 582 -46.95 -5.06 -31.49
N ASP D 583 -48.28 -4.88 -31.46
CA ASP D 583 -49.11 -5.73 -30.63
C ASP D 583 -49.21 -7.14 -31.19
N ASN D 584 -49.25 -7.27 -32.52
CA ASN D 584 -49.34 -8.59 -33.13
C ASN D 584 -48.14 -9.45 -32.77
N ILE D 585 -46.95 -8.84 -32.74
CA ILE D 585 -45.74 -9.57 -32.34
C ILE D 585 -45.83 -10.01 -30.89
N VAL D 586 -46.62 -9.32 -30.07
CA VAL D 586 -46.67 -9.65 -28.64
C VAL D 586 -47.62 -10.82 -28.40
N GLU D 587 -48.84 -10.74 -28.92
CA GLU D 587 -49.82 -11.78 -28.65
C GLU D 587 -49.41 -13.13 -29.22
N ILE D 588 -48.64 -13.13 -30.31
CA ILE D 588 -48.05 -14.37 -30.80
C ILE D 588 -46.97 -14.85 -29.82
N LEU D 589 -46.22 -13.93 -29.24
CA LEU D 589 -45.12 -14.26 -28.35
C LEU D 589 -45.59 -14.67 -26.95
N LEU D 590 -46.85 -14.43 -26.61
CA LEU D 590 -47.36 -14.76 -25.28
C LEU D 590 -47.90 -16.17 -25.17
N GLU D 591 -48.00 -16.91 -26.27
CA GLU D 591 -48.46 -18.29 -26.24
C GLU D 591 -47.39 -19.27 -26.69
N LYS D 592 -46.78 -19.04 -27.86
CA LYS D 592 -45.72 -19.92 -28.34
C LYS D 592 -44.41 -19.71 -27.59
N GLU D 593 -44.24 -18.55 -26.96
CA GLU D 593 -43.05 -18.19 -26.18
C GLU D 593 -41.79 -18.08 -27.03
N THR D 594 -41.92 -18.08 -28.36
CA THR D 594 -40.76 -17.95 -29.24
C THR D 594 -41.24 -17.57 -30.63
N ILE D 595 -40.56 -16.62 -31.25
CA ILE D 595 -40.86 -16.19 -32.60
C ILE D 595 -39.57 -16.16 -33.40
N GLU D 596 -39.67 -16.47 -34.69
CA GLU D 596 -38.52 -16.56 -35.56
C GLU D 596 -38.29 -15.23 -36.29
N GLY D 597 -37.07 -15.07 -36.82
CA GLY D 597 -36.73 -13.82 -37.49
C GLY D 597 -37.51 -13.60 -38.77
N ASP D 598 -37.71 -14.66 -39.56
CA ASP D 598 -38.41 -14.51 -40.83
C ASP D 598 -39.84 -14.03 -40.63
N GLU D 599 -40.53 -14.59 -39.64
CA GLU D 599 -41.90 -14.15 -39.35
C GLU D 599 -41.92 -12.70 -38.91
N LEU D 600 -40.95 -12.28 -38.10
CA LEU D 600 -40.86 -10.89 -37.68
C LEU D 600 -40.71 -9.96 -38.87
N ARG D 601 -39.73 -10.25 -39.74
CA ARG D 601 -39.49 -9.39 -40.89
C ARG D 601 -40.61 -9.45 -41.91
N ARG D 602 -41.39 -10.53 -41.92
CA ARG D 602 -42.58 -10.57 -42.76
C ARG D 602 -43.69 -9.71 -42.17
N ILE D 603 -43.83 -9.70 -40.84
CA ILE D 603 -44.88 -8.93 -40.20
C ILE D 603 -44.61 -7.44 -40.33
N LEU D 604 -43.37 -7.02 -40.11
CA LEU D 604 -43.05 -5.58 -40.16
C LEU D 604 -43.32 -5.00 -41.53
N SER D 605 -42.88 -5.67 -42.58
CA SER D 605 -43.09 -5.21 -43.96
C SER D 605 -44.41 -5.80 -44.44
N GLU D 606 -45.50 -5.08 -44.19
CA GLU D 606 -46.83 -5.53 -44.57
C GLU D 606 -46.97 -5.65 -46.09
N VAL E 161 -21.83 -22.68 45.89
CA VAL E 161 -21.68 -21.82 44.72
C VAL E 161 -22.94 -21.85 43.87
N THR E 162 -24.10 -21.84 44.53
CA THR E 162 -25.37 -21.85 43.81
C THR E 162 -25.59 -20.51 43.10
N PHE E 163 -26.72 -20.39 42.42
CA PHE E 163 -27.02 -19.19 41.67
C PHE E 163 -27.19 -17.96 42.55
N LYS E 164 -27.38 -18.14 43.86
CA LYS E 164 -27.46 -16.99 44.76
C LYS E 164 -26.14 -16.28 44.94
N ASP E 165 -25.03 -16.87 44.48
CA ASP E 165 -23.71 -16.27 44.60
C ASP E 165 -23.27 -15.58 43.31
N VAL E 166 -24.16 -15.49 42.32
CA VAL E 166 -23.87 -14.80 41.07
C VAL E 166 -24.96 -13.76 40.83
N GLY E 167 -24.54 -12.51 40.62
CA GLY E 167 -25.48 -11.44 40.38
C GLY E 167 -25.07 -10.60 39.19
N GLY E 168 -26.06 -9.93 38.62
CA GLY E 168 -25.82 -9.03 37.50
C GLY E 168 -26.08 -9.60 36.13
N ALA E 169 -26.57 -10.84 36.03
CA ALA E 169 -26.88 -11.43 34.72
C ALA E 169 -28.10 -12.34 34.91
N GLU E 170 -29.29 -11.79 34.65
CA GLU E 170 -30.52 -12.53 34.82
C GLU E 170 -30.98 -13.21 33.53
N GLU E 171 -30.26 -13.03 32.43
CA GLU E 171 -30.60 -13.68 31.17
C GLU E 171 -29.73 -14.90 30.88
N ALA E 172 -28.59 -15.02 31.56
CA ALA E 172 -27.77 -16.22 31.48
C ALA E 172 -28.08 -17.20 32.61
N ILE E 173 -29.04 -16.88 33.47
CA ILE E 173 -29.46 -17.76 34.55
C ILE E 173 -30.82 -18.38 34.25
N GLU E 174 -31.81 -17.55 33.94
CA GLU E 174 -33.14 -18.08 33.61
C GLU E 174 -33.08 -18.95 32.37
N GLU E 175 -32.31 -18.53 31.36
CA GLU E 175 -32.15 -19.32 30.16
C GLU E 175 -31.35 -20.60 30.41
N LEU E 176 -30.52 -20.62 31.45
CA LEU E 176 -29.62 -21.73 31.73
C LEU E 176 -30.04 -22.46 33.00
N LYS E 177 -31.34 -22.65 33.18
CA LYS E 177 -31.85 -23.43 34.31
C LYS E 177 -32.40 -24.79 33.92
N GLU E 178 -32.94 -24.95 32.71
CA GLU E 178 -33.41 -26.26 32.28
C GLU E 178 -32.27 -27.25 32.12
N VAL E 179 -31.05 -26.77 31.89
CA VAL E 179 -29.89 -27.67 31.85
C VAL E 179 -29.74 -28.39 33.18
N VAL E 180 -29.95 -27.68 34.28
CA VAL E 180 -29.99 -28.32 35.59
C VAL E 180 -31.16 -29.30 35.65
N GLU E 181 -32.33 -28.88 35.15
CA GLU E 181 -33.49 -29.76 35.12
C GLU E 181 -33.26 -30.96 34.22
N PHE E 182 -32.61 -30.75 33.07
CA PHE E 182 -32.36 -31.85 32.15
C PHE E 182 -31.46 -32.91 32.80
N LEU E 183 -30.62 -32.52 33.74
CA LEU E 183 -29.80 -33.46 34.47
C LEU E 183 -30.54 -34.11 35.64
N LYS E 184 -31.82 -33.81 35.81
CA LYS E 184 -32.64 -34.42 36.85
C LYS E 184 -33.67 -35.40 36.30
N ASP E 185 -34.47 -34.97 35.33
CA ASP E 185 -35.51 -35.79 34.73
C ASP E 185 -35.39 -35.71 33.21
N PRO E 186 -34.47 -36.49 32.63
CA PRO E 186 -34.29 -36.44 31.16
C PRO E 186 -35.42 -37.09 30.39
N SER E 187 -36.42 -37.62 31.09
CA SER E 187 -37.53 -38.28 30.43
C SER E 187 -38.48 -37.29 29.76
N LYS E 188 -38.56 -36.07 30.28
CA LYS E 188 -39.47 -35.08 29.70
C LYS E 188 -39.06 -34.67 28.30
N PHE E 189 -37.76 -34.67 28.01
CA PHE E 189 -37.26 -34.17 26.74
C PHE E 189 -37.18 -35.26 25.66
N ASN E 190 -37.55 -36.50 25.98
CA ASN E 190 -37.57 -37.56 24.98
C ASN E 190 -38.97 -37.95 24.54
N ARG E 191 -40.00 -37.58 25.30
CA ARG E 191 -41.37 -37.87 24.89
C ARG E 191 -41.80 -37.04 23.69
N ILE E 192 -41.11 -35.94 23.40
CA ILE E 192 -41.46 -35.05 22.32
C ILE E 192 -40.45 -35.13 21.18
N GLY E 193 -39.17 -35.20 21.49
CA GLY E 193 -38.14 -35.27 20.47
C GLY E 193 -37.03 -34.26 20.66
N ALA E 194 -36.94 -33.67 21.85
CA ALA E 194 -35.91 -32.69 22.13
C ALA E 194 -34.53 -33.34 22.06
N ARG E 195 -33.56 -32.57 21.55
CA ARG E 195 -32.21 -33.06 21.29
C ARG E 195 -31.20 -32.11 21.92
N MET E 196 -31.38 -31.86 23.23
CA MET E 196 -30.57 -30.94 24.04
C MET E 196 -29.10 -30.96 23.62
N PRO E 197 -28.52 -29.82 23.29
CA PRO E 197 -27.21 -29.80 22.64
C PRO E 197 -26.11 -30.34 23.55
N LYS E 198 -25.08 -30.88 22.90
CA LYS E 198 -23.91 -31.41 23.57
C LYS E 198 -22.95 -30.32 24.02
N GLY E 199 -22.88 -29.21 23.29
CA GLY E 199 -21.94 -28.14 23.58
C GLY E 199 -22.65 -26.81 23.76
N ILE E 200 -22.14 -25.99 24.67
CA ILE E 200 -22.67 -24.67 24.96
C ILE E 200 -21.54 -23.67 24.87
N LEU E 201 -21.74 -22.59 24.10
CA LEU E 201 -20.71 -21.61 23.81
C LEU E 201 -21.05 -20.30 24.50
N LEU E 202 -20.27 -19.92 25.50
CA LEU E 202 -20.46 -18.66 26.21
C LEU E 202 -19.60 -17.58 25.56
N VAL E 203 -20.22 -16.47 25.16
CA VAL E 203 -19.52 -15.38 24.47
C VAL E 203 -19.81 -14.07 25.17
N GLY E 204 -18.79 -13.22 25.27
CA GLY E 204 -18.93 -11.92 25.88
C GLY E 204 -17.58 -11.24 26.07
N PRO E 205 -17.62 -9.98 26.50
CA PRO E 205 -16.37 -9.27 26.76
C PRO E 205 -15.57 -9.97 27.84
N PRO E 206 -14.24 -9.88 27.78
CA PRO E 206 -13.42 -10.57 28.78
C PRO E 206 -13.62 -9.99 30.17
N GLY E 207 -13.49 -10.87 31.17
CA GLY E 207 -13.68 -10.47 32.55
C GLY E 207 -15.13 -10.31 32.97
N THR E 208 -16.08 -10.67 32.10
CA THR E 208 -17.49 -10.50 32.44
C THR E 208 -17.92 -11.48 33.54
N GLY E 209 -17.30 -12.66 33.59
CA GLY E 209 -17.69 -13.67 34.56
C GLY E 209 -18.21 -14.94 33.93
N LYS E 210 -17.70 -15.26 32.74
CA LYS E 210 -18.13 -16.47 32.05
C LYS E 210 -17.75 -17.73 32.83
N THR E 211 -16.55 -17.76 33.38
CA THR E 211 -16.08 -18.96 34.06
C THR E 211 -16.90 -19.26 35.31
N LEU E 212 -17.35 -18.21 36.01
CA LEU E 212 -18.08 -18.41 37.25
C LEU E 212 -19.41 -19.12 37.02
N LEU E 213 -20.05 -18.89 35.88
CA LEU E 213 -21.36 -19.49 35.62
C LEU E 213 -21.26 -21.01 35.51
N ALA E 214 -20.21 -21.51 34.85
CA ALA E 214 -20.04 -22.95 34.73
C ALA E 214 -19.85 -23.61 36.09
N ARG E 215 -19.03 -22.99 36.95
CA ARG E 215 -18.87 -23.51 38.30
C ARG E 215 -20.19 -23.46 39.07
N ALA E 216 -20.96 -22.39 38.87
CA ALA E 216 -22.24 -22.28 39.57
C ALA E 216 -23.21 -23.38 39.15
N VAL E 217 -23.31 -23.64 37.85
CA VAL E 217 -24.24 -24.67 37.39
C VAL E 217 -23.73 -26.06 37.79
N ALA E 218 -22.41 -26.27 37.80
CA ALA E 218 -21.88 -27.54 38.27
C ALA E 218 -22.20 -27.76 39.74
N GLY E 219 -22.09 -26.72 40.56
CA GLY E 219 -22.41 -26.85 41.97
C GLY E 219 -23.88 -26.83 42.29
N GLU E 220 -24.73 -26.42 41.35
CA GLU E 220 -26.17 -26.36 41.60
C GLU E 220 -26.71 -27.75 41.93
N ALA E 221 -26.38 -28.73 41.12
CA ALA E 221 -26.67 -30.13 41.39
C ALA E 221 -25.35 -30.86 41.54
N ASN E 222 -25.19 -31.59 42.66
CA ASN E 222 -23.90 -32.16 43.01
C ASN E 222 -23.38 -33.06 41.91
N VAL E 223 -22.34 -32.60 41.20
CA VAL E 223 -21.84 -33.25 39.99
C VAL E 223 -20.35 -32.95 39.88
N PRO E 224 -19.52 -33.92 39.48
CA PRO E 224 -18.10 -33.64 39.26
C PRO E 224 -17.91 -32.55 38.21
N PHE E 225 -16.86 -31.75 38.39
CA PHE E 225 -16.52 -30.68 37.47
C PHE E 225 -15.07 -30.83 37.05
N PHE E 226 -14.82 -30.85 35.74
CA PHE E 226 -13.47 -30.96 35.19
C PHE E 226 -13.18 -29.73 34.34
N HIS E 227 -12.28 -28.88 34.82
CA HIS E 227 -11.92 -27.65 34.13
C HIS E 227 -10.61 -27.85 33.37
N ILE E 228 -10.59 -27.46 32.10
CA ILE E 228 -9.41 -27.52 31.26
C ILE E 228 -9.32 -26.22 30.49
N SER E 229 -8.12 -25.63 30.45
CA SER E 229 -7.90 -24.37 29.76
C SER E 229 -7.25 -24.62 28.41
N GLY E 230 -7.77 -23.95 27.39
CA GLY E 230 -7.18 -24.04 26.06
C GLY E 230 -5.84 -23.34 25.94
N SER E 231 -5.55 -22.41 26.85
CA SER E 231 -4.23 -21.80 26.88
C SER E 231 -3.15 -22.81 27.26
N ASP E 232 -3.52 -23.82 28.05
CA ASP E 232 -2.58 -24.89 28.37
C ASP E 232 -2.20 -25.69 27.12
N PHE E 233 -3.14 -25.86 26.18
CA PHE E 233 -2.84 -26.56 24.94
C PHE E 233 -1.84 -25.80 24.08
N VAL E 234 -1.64 -24.51 24.34
CA VAL E 234 -0.69 -23.72 23.56
C VAL E 234 0.72 -24.09 23.96
N GLU E 235 1.58 -24.31 22.96
CA GLU E 235 3.00 -24.62 23.12
C GLU E 235 3.24 -25.95 23.81
N LEU E 236 2.22 -26.80 23.93
CA LEU E 236 2.43 -28.13 24.46
C LEU E 236 3.13 -29.00 23.42
N PHE E 237 3.78 -30.05 23.91
CA PHE E 237 4.47 -30.98 23.02
C PHE E 237 3.48 -31.72 22.14
N VAL E 238 3.95 -32.16 20.98
CA VAL E 238 3.07 -32.80 20.00
C VAL E 238 2.47 -34.06 20.59
N GLY E 239 1.14 -34.15 20.59
CA GLY E 239 0.42 -35.30 21.09
C GLY E 239 0.03 -35.23 22.54
N VAL E 240 0.61 -34.31 23.32
CA VAL E 240 0.25 -34.20 24.73
C VAL E 240 -1.20 -33.76 24.89
N GLY E 241 -1.63 -32.79 24.09
CA GLY E 241 -3.00 -32.32 24.18
C GLY E 241 -4.01 -33.41 23.84
N ALA E 242 -3.73 -34.19 22.79
CA ALA E 242 -4.63 -35.27 22.42
C ALA E 242 -4.73 -36.31 23.53
N ALA E 243 -3.58 -36.67 24.13
CA ALA E 243 -3.60 -37.61 25.24
C ALA E 243 -4.38 -37.07 26.44
N ARG E 244 -4.21 -35.78 26.74
CA ARG E 244 -4.96 -35.17 27.83
C ARG E 244 -6.46 -35.21 27.56
N VAL E 245 -6.87 -34.90 26.32
CA VAL E 245 -8.28 -34.93 25.97
C VAL E 245 -8.84 -36.35 26.09
N ARG E 246 -8.10 -37.33 25.58
CA ARG E 246 -8.56 -38.72 25.65
C ARG E 246 -8.70 -39.18 27.10
N ASP E 247 -7.71 -38.85 27.94
CA ASP E 247 -7.80 -39.20 29.35
C ASP E 247 -8.95 -38.47 30.03
N LEU E 248 -9.23 -37.23 29.63
CA LEU E 248 -10.33 -36.49 30.22
C LEU E 248 -11.66 -37.17 29.94
N PHE E 249 -11.93 -37.50 28.67
CA PHE E 249 -13.19 -38.20 28.39
C PHE E 249 -13.19 -39.61 28.96
N ALA E 250 -12.03 -40.27 29.07
CA ALA E 250 -11.99 -41.58 29.71
C ALA E 250 -12.41 -41.50 31.16
N GLN E 251 -11.91 -40.48 31.87
CA GLN E 251 -12.36 -40.25 33.26
C GLN E 251 -13.83 -39.90 33.31
N ALA E 252 -14.29 -39.04 32.39
CA ALA E 252 -15.67 -38.55 32.43
C ALA E 252 -16.66 -39.68 32.21
N LYS E 253 -16.39 -40.56 31.25
CA LYS E 253 -17.32 -41.63 30.93
C LYS E 253 -17.46 -42.64 32.06
N ALA E 254 -16.48 -42.71 32.96
CA ALA E 254 -16.54 -43.68 34.04
C ALA E 254 -17.52 -43.25 35.14
N HIS E 255 -17.79 -41.96 35.26
CA HIS E 255 -18.59 -41.44 36.35
C HIS E 255 -20.03 -41.20 35.93
N ALA E 256 -20.82 -40.66 36.86
CA ALA E 256 -22.18 -40.25 36.63
C ALA E 256 -22.20 -39.07 35.65
N PRO E 257 -23.39 -38.60 35.22
CA PRO E 257 -23.43 -37.39 34.38
C PRO E 257 -22.62 -36.24 34.94
N CYS E 258 -21.58 -35.85 34.22
CA CYS E 258 -20.54 -34.94 34.69
C CYS E 258 -20.59 -33.64 33.91
N ILE E 259 -19.77 -32.68 34.34
CA ILE E 259 -19.66 -31.37 33.70
C ILE E 259 -18.19 -31.16 33.35
N VAL E 260 -17.93 -30.86 32.07
CA VAL E 260 -16.59 -30.60 31.58
C VAL E 260 -16.55 -29.22 30.96
N PHE E 261 -15.61 -28.39 31.40
CA PHE E 261 -15.46 -27.03 30.90
C PHE E 261 -14.15 -26.91 30.15
N ILE E 262 -14.20 -26.30 28.97
CA ILE E 262 -13.02 -25.97 28.17
C ILE E 262 -12.99 -24.47 28.00
N ASP E 263 -11.86 -23.87 28.35
CA ASP E 263 -11.71 -22.43 28.36
C ASP E 263 -10.80 -21.99 27.22
N GLU E 264 -11.04 -20.77 26.73
CA GLU E 264 -10.15 -20.10 25.77
C GLU E 264 -10.01 -20.93 24.49
N ILE E 265 -11.13 -21.19 23.84
CA ILE E 265 -11.14 -22.03 22.64
C ILE E 265 -10.81 -21.27 21.38
N ASP E 266 -10.77 -19.94 21.43
CA ASP E 266 -10.45 -19.15 20.24
C ASP E 266 -9.03 -19.41 19.76
N ALA E 267 -8.08 -19.56 20.68
CA ALA E 267 -6.69 -19.77 20.30
C ALA E 267 -6.49 -21.11 19.61
N VAL E 268 -7.11 -22.17 20.15
CA VAL E 268 -6.96 -23.50 19.58
C VAL E 268 -7.55 -23.55 18.17
N GLY E 269 -8.75 -23.00 18.01
CA GLY E 269 -9.42 -23.00 16.72
C GLY E 269 -9.28 -21.69 15.97
N GLU E 284 -3.53 -27.62 16.01
CA GLU E 284 -4.27 -28.15 14.88
C GLU E 284 -4.55 -29.63 15.03
N GLN E 285 -3.52 -30.38 15.46
CA GLN E 285 -3.69 -31.81 15.65
C GLN E 285 -4.71 -32.12 16.74
N THR E 286 -4.66 -31.38 17.85
CA THR E 286 -5.63 -31.60 18.93
C THR E 286 -7.03 -31.15 18.51
N LEU E 287 -7.13 -30.21 17.58
CA LEU E 287 -8.43 -29.74 17.12
C LEU E 287 -9.21 -30.87 16.45
N ASN E 288 -8.58 -31.54 15.48
CA ASN E 288 -9.28 -32.60 14.74
C ASN E 288 -9.62 -33.77 15.67
N GLN E 289 -8.73 -34.10 16.60
CA GLN E 289 -9.02 -35.16 17.56
C GLN E 289 -10.22 -34.81 18.43
N LEU E 290 -10.38 -33.53 18.77
CA LEU E 290 -11.51 -33.12 19.60
C LEU E 290 -12.83 -33.32 18.86
N LEU E 291 -12.89 -32.94 17.59
CA LEU E 291 -14.14 -33.05 16.83
C LEU E 291 -14.59 -34.50 16.71
N VAL E 292 -13.65 -35.41 16.43
CA VAL E 292 -14.02 -36.81 16.25
C VAL E 292 -14.45 -37.42 17.59
N GLU E 293 -13.70 -37.14 18.66
CA GLU E 293 -14.02 -37.72 19.96
C GLU E 293 -15.34 -37.19 20.51
N MET E 294 -15.63 -35.91 20.24
CA MET E 294 -16.90 -35.34 20.67
C MET E 294 -18.07 -36.06 20.00
N ASP E 295 -17.95 -36.34 18.70
CA ASP E 295 -19.01 -37.03 17.98
C ASP E 295 -19.18 -38.47 18.43
N GLY E 296 -18.19 -39.03 19.13
CA GLY E 296 -18.24 -40.42 19.55
C GLY E 296 -19.32 -40.73 20.57
N PHE E 297 -19.25 -40.08 21.73
CA PHE E 297 -20.19 -40.37 22.80
C PHE E 297 -21.57 -39.80 22.47
N ASP E 298 -22.56 -40.19 23.27
CA ASP E 298 -23.94 -39.80 23.08
C ASP E 298 -24.35 -38.75 24.10
N SER E 299 -25.32 -37.92 23.71
CA SER E 299 -25.79 -36.86 24.59
C SER E 299 -26.65 -37.39 25.73
N LYS E 300 -27.18 -38.61 25.62
CA LYS E 300 -28.01 -39.17 26.67
C LYS E 300 -27.20 -39.75 27.83
N GLU E 301 -25.89 -39.91 27.67
CA GLU E 301 -25.07 -40.42 28.77
C GLU E 301 -25.03 -39.44 29.93
N GLY E 302 -24.99 -38.14 29.63
CA GLY E 302 -24.92 -37.13 30.67
C GLY E 302 -23.67 -36.29 30.58
N ILE E 303 -23.12 -36.17 29.37
CA ILE E 303 -21.90 -35.41 29.14
C ILE E 303 -22.28 -34.04 28.60
N ILE E 304 -21.80 -32.99 29.26
CA ILE E 304 -22.06 -31.62 28.86
C ILE E 304 -20.72 -30.91 28.68
N VAL E 305 -20.57 -30.20 27.57
CA VAL E 305 -19.35 -29.49 27.24
C VAL E 305 -19.67 -28.00 27.14
N MET E 306 -18.94 -27.19 27.89
CA MET E 306 -19.12 -25.74 27.90
C MET E 306 -17.86 -25.06 27.41
N ALA E 307 -18.00 -24.22 26.39
CA ALA E 307 -16.88 -23.49 25.81
C ALA E 307 -17.07 -22.00 26.04
N ALA E 308 -15.98 -21.30 26.33
CA ALA E 308 -16.00 -19.87 26.63
C ALA E 308 -14.94 -19.19 25.78
N THR E 309 -15.37 -18.40 24.79
CA THR E 309 -14.47 -17.67 23.92
C THR E 309 -14.68 -16.17 24.10
N ASN E 310 -13.59 -15.42 23.91
CA ASN E 310 -13.63 -13.97 23.97
C ASN E 310 -13.86 -13.32 22.62
N ARG E 311 -13.89 -14.11 21.54
CA ARG E 311 -14.06 -13.59 20.19
C ARG E 311 -14.93 -14.56 19.40
N PRO E 312 -16.00 -14.08 18.79
CA PRO E 312 -16.89 -14.97 18.02
C PRO E 312 -16.57 -15.07 16.53
N ASP E 313 -15.57 -14.35 16.03
CA ASP E 313 -15.27 -14.31 14.61
C ASP E 313 -14.08 -15.16 14.22
N ILE E 314 -13.01 -15.16 15.04
CA ILE E 314 -11.81 -15.95 14.72
C ILE E 314 -12.00 -17.43 14.99
N LEU E 315 -13.18 -17.85 15.44
CA LEU E 315 -13.41 -19.25 15.71
C LEU E 315 -13.42 -20.06 14.42
N ASP E 316 -13.11 -21.35 14.56
CA ASP E 316 -13.11 -22.25 13.41
C ASP E 316 -14.52 -22.42 12.88
N PRO E 317 -14.77 -22.14 11.60
CA PRO E 317 -16.14 -22.26 11.08
C PRO E 317 -16.69 -23.68 11.17
N ALA E 318 -15.83 -24.70 11.11
CA ALA E 318 -16.30 -26.08 11.15
C ALA E 318 -17.03 -26.39 12.45
N LEU E 319 -16.64 -25.74 13.55
CA LEU E 319 -17.29 -26.00 14.84
C LEU E 319 -18.73 -25.51 14.87
N LEU E 320 -19.13 -24.65 13.93
CA LEU E 320 -20.49 -24.12 13.90
C LEU E 320 -21.47 -25.05 13.20
N ARG E 321 -21.00 -26.16 12.63
CA ARG E 321 -21.90 -27.11 11.99
C ARG E 321 -22.77 -27.81 13.03
N PRO E 322 -23.96 -28.28 12.62
CA PRO E 322 -24.84 -28.97 13.58
C PRO E 322 -24.20 -30.23 14.12
N GLY E 323 -24.57 -30.58 15.35
CA GLY E 323 -23.94 -31.65 16.09
C GLY E 323 -22.75 -31.19 16.90
N ARG E 324 -22.05 -30.16 16.44
CA ARG E 324 -20.97 -29.52 17.18
C ARG E 324 -21.55 -28.37 18.00
N PHE E 325 -20.70 -27.49 18.50
CA PHE E 325 -21.17 -26.31 19.24
C PHE E 325 -22.15 -25.51 18.40
N ASP E 326 -23.41 -25.46 18.84
CA ASP E 326 -24.46 -24.76 18.10
C ASP E 326 -25.30 -23.82 18.96
N LYS E 327 -25.31 -23.98 20.28
CA LYS E 327 -26.09 -23.12 21.16
C LYS E 327 -25.15 -22.17 21.88
N LYS E 328 -25.42 -20.87 21.77
CA LYS E 328 -24.56 -19.84 22.32
C LYS E 328 -25.33 -18.96 23.29
N ILE E 329 -24.65 -18.52 24.33
CA ILE E 329 -25.20 -17.65 25.36
C ILE E 329 -24.33 -16.41 25.45
N VAL E 330 -24.95 -15.24 25.36
CA VAL E 330 -24.25 -13.96 25.33
C VAL E 330 -24.34 -13.33 26.72
N VAL E 331 -23.19 -12.98 27.28
CA VAL E 331 -23.12 -12.27 28.56
C VAL E 331 -22.77 -10.82 28.28
N ASP E 332 -23.33 -9.91 29.08
CA ASP E 332 -23.20 -8.48 28.87
C ASP E 332 -22.77 -7.78 30.14
N PRO E 333 -22.13 -6.62 30.03
CA PRO E 333 -21.76 -5.88 31.23
C PRO E 333 -22.99 -5.45 31.99
N PRO E 334 -22.92 -5.37 33.32
CA PRO E 334 -24.09 -5.04 34.11
C PRO E 334 -24.53 -3.60 33.90
N ASP E 335 -25.81 -3.35 34.15
CA ASP E 335 -26.37 -2.01 34.16
C ASP E 335 -26.26 -1.45 35.58
N MET E 336 -26.99 -0.35 35.86
CA MET E 336 -26.81 0.33 37.14
C MET E 336 -27.18 -0.58 38.31
N LEU E 337 -28.28 -1.33 38.19
CA LEU E 337 -28.71 -2.16 39.31
C LEU E 337 -27.82 -3.39 39.48
N GLY E 338 -27.16 -3.84 38.42
CA GLY E 338 -26.29 -5.00 38.53
C GLY E 338 -25.07 -4.73 39.39
N ARG E 339 -24.47 -3.55 39.25
CA ARG E 339 -23.28 -3.23 40.03
C ARG E 339 -23.59 -3.16 41.51
N LYS E 340 -24.79 -2.69 41.88
CA LYS E 340 -25.20 -2.71 43.27
C LYS E 340 -25.22 -4.14 43.81
N LYS E 341 -25.77 -5.07 43.04
CA LYS E 341 -25.82 -6.47 43.47
C LYS E 341 -24.42 -7.06 43.60
N ILE E 342 -23.53 -6.75 42.65
CA ILE E 342 -22.17 -7.27 42.72
C ILE E 342 -21.47 -6.74 43.96
N LEU E 343 -21.62 -5.45 44.25
CA LEU E 343 -21.01 -4.88 45.45
C LEU E 343 -21.59 -5.52 46.70
N GLU E 344 -22.91 -5.75 46.73
CA GLU E 344 -23.51 -6.42 47.87
C GLU E 344 -22.92 -7.80 48.07
N ILE E 345 -22.68 -8.51 46.97
CA ILE E 345 -22.13 -9.86 47.05
C ILE E 345 -20.71 -9.83 47.61
N HIS E 346 -19.88 -8.91 47.12
CA HIS E 346 -18.46 -8.95 47.44
C HIS E 346 -18.10 -8.27 48.76
N THR E 347 -19.04 -7.67 49.48
CA THR E 347 -18.72 -6.94 50.71
C THR E 347 -19.31 -7.57 51.95
N ARG E 348 -19.84 -8.79 51.87
CA ARG E 348 -20.50 -9.39 53.02
C ARG E 348 -19.54 -9.61 54.18
N ASN E 349 -18.34 -10.09 53.90
CA ASN E 349 -17.40 -10.44 54.96
C ASN E 349 -16.77 -9.22 55.60
N LYS E 350 -16.40 -8.22 54.80
CA LYS E 350 -15.58 -7.13 55.29
C LYS E 350 -16.36 -6.21 56.23
N PRO E 351 -15.69 -5.63 57.23
CA PRO E 351 -16.39 -4.79 58.22
C PRO E 351 -16.58 -3.36 57.78
N LEU E 352 -17.63 -3.08 57.02
CA LEU E 352 -17.92 -1.73 56.58
C LEU E 352 -18.31 -0.85 57.75
N ALA E 353 -18.17 0.46 57.56
CA ALA E 353 -18.57 1.44 58.57
C ALA E 353 -20.08 1.66 58.50
N GLU E 354 -20.56 2.68 59.20
CA GLU E 354 -21.99 2.94 59.29
C GLU E 354 -22.49 4.00 58.32
N ASP E 355 -21.60 4.79 57.72
CA ASP E 355 -22.01 5.85 56.81
C ASP E 355 -21.78 5.48 55.34
N VAL E 356 -21.37 4.25 55.05
CA VAL E 356 -21.09 3.85 53.67
C VAL E 356 -22.41 3.57 52.96
N ASN E 357 -22.64 4.27 51.86
CA ASN E 357 -23.82 4.08 51.03
C ASN E 357 -23.39 3.42 49.73
N LEU E 358 -23.93 2.25 49.44
CA LEU E 358 -23.54 1.51 48.25
C LEU E 358 -24.25 1.99 46.98
N GLU E 359 -25.32 2.77 47.11
CA GLU E 359 -25.99 3.28 45.92
C GLU E 359 -25.21 4.41 45.28
N ILE E 360 -24.60 5.28 46.10
CA ILE E 360 -23.77 6.36 45.57
C ILE E 360 -22.57 5.79 44.83
N ILE E 361 -21.90 4.79 45.41
CA ILE E 361 -20.76 4.18 44.75
C ILE E 361 -21.19 3.37 43.54
N ALA E 362 -22.45 2.98 43.46
CA ALA E 362 -22.94 2.24 42.30
C ALA E 362 -23.14 3.13 41.08
N LYS E 363 -23.52 4.39 41.28
CA LYS E 363 -23.79 5.30 40.18
C LYS E 363 -22.54 6.02 39.67
N ARG E 364 -21.44 5.98 40.40
CA ARG E 364 -20.22 6.65 39.98
C ARG E 364 -19.24 5.73 39.26
N THR E 365 -19.67 4.52 38.90
CA THR E 365 -18.79 3.53 38.28
C THR E 365 -19.41 2.95 37.01
N PRO E 366 -19.64 3.79 35.99
CA PRO E 366 -20.22 3.26 34.75
C PRO E 366 -19.16 2.61 33.88
N GLY E 367 -19.56 1.52 33.22
CA GLY E 367 -18.67 0.79 32.34
C GLY E 367 -17.79 -0.23 33.02
N PHE E 368 -17.82 -0.33 34.35
CA PHE E 368 -17.01 -1.32 35.04
C PHE E 368 -17.61 -2.70 34.87
N VAL E 369 -16.78 -3.66 34.48
CA VAL E 369 -17.19 -5.05 34.42
C VAL E 369 -17.13 -5.63 35.83
N GLY E 370 -17.73 -6.79 36.03
CA GLY E 370 -17.86 -7.35 37.37
C GLY E 370 -16.53 -7.66 38.04
N ALA E 371 -15.46 -7.79 37.27
CA ALA E 371 -14.16 -8.11 37.85
C ALA E 371 -13.52 -6.93 38.57
N ASP E 372 -13.78 -5.71 38.10
CA ASP E 372 -13.08 -4.53 38.64
C ASP E 372 -13.61 -4.10 40.00
N LEU E 373 -14.86 -4.42 40.32
CA LEU E 373 -15.42 -3.95 41.58
C LEU E 373 -14.77 -4.63 42.78
N GLU E 374 -14.43 -5.92 42.65
CA GLU E 374 -13.72 -6.58 43.73
C GLU E 374 -12.34 -5.98 43.93
N ASN E 375 -11.66 -5.63 42.83
CA ASN E 375 -10.38 -4.93 42.94
C ASN E 375 -10.54 -3.58 43.61
N LEU E 376 -11.63 -2.87 43.31
CA LEU E 376 -11.90 -1.61 43.97
C LEU E 376 -12.07 -1.79 45.47
N VAL E 377 -12.82 -2.83 45.87
CA VAL E 377 -13.01 -3.09 47.29
C VAL E 377 -11.67 -3.42 47.96
N ASN E 378 -10.84 -4.22 47.30
CA ASN E 378 -9.54 -4.56 47.86
C ASN E 378 -8.66 -3.33 48.00
N GLU E 379 -8.67 -2.44 47.01
CA GLU E 379 -7.88 -1.22 47.09
C GLU E 379 -8.36 -0.33 48.23
N ALA E 380 -9.67 -0.22 48.40
CA ALA E 380 -10.22 0.54 49.52
C ALA E 380 -9.77 -0.07 50.84
N ALA E 381 -9.75 -1.40 50.92
CA ALA E 381 -9.26 -2.06 52.13
C ALA E 381 -7.80 -1.74 52.38
N LEU E 382 -6.98 -1.72 51.33
CA LEU E 382 -5.57 -1.37 51.49
C LEU E 382 -5.40 0.04 52.04
N LEU E 383 -6.12 1.00 51.44
CA LEU E 383 -6.00 2.39 51.90
C LEU E 383 -6.54 2.56 53.32
N ALA E 384 -7.57 1.80 53.70
CA ALA E 384 -8.03 1.84 55.08
C ALA E 384 -6.99 1.26 56.03
N ALA E 385 -6.30 0.21 55.59
CA ALA E 385 -5.32 -0.47 56.43
C ALA E 385 -4.02 0.30 56.57
N ARG E 386 -3.69 1.17 55.62
CA ARG E 386 -2.41 1.89 55.67
C ARG E 386 -2.30 2.72 56.96
N GLU E 387 -3.36 3.46 57.29
CA GLU E 387 -3.33 4.23 58.53
C GLU E 387 -3.53 3.32 59.74
N GLY E 388 -4.39 2.32 59.61
CA GLY E 388 -4.63 1.38 60.69
C GLY E 388 -5.90 1.67 61.46
N ARG E 389 -6.97 0.94 61.13
CA ARG E 389 -8.27 1.09 61.76
C ARG E 389 -9.17 -0.04 61.28
N ASP E 390 -10.09 -0.46 62.14
CA ASP E 390 -10.85 -1.69 61.93
C ASP E 390 -12.10 -1.50 61.07
N LYS E 391 -12.32 -0.30 60.54
CA LYS E 391 -13.50 -0.05 59.70
C LYS E 391 -13.10 0.73 58.46
N ILE E 392 -13.90 0.60 57.41
CA ILE E 392 -13.69 1.28 56.14
C ILE E 392 -14.77 2.34 56.01
N THR E 393 -14.38 3.61 56.06
CA THR E 393 -15.34 4.70 55.99
C THR E 393 -15.60 5.08 54.54
N MET E 394 -16.52 6.04 54.34
CA MET E 394 -16.88 6.46 52.99
C MET E 394 -15.71 7.14 52.29
N LYS E 395 -14.94 7.94 53.02
CA LYS E 395 -13.85 8.70 52.40
C LYS E 395 -12.84 7.78 51.71
N ASP E 396 -12.67 6.56 52.20
CA ASP E 396 -11.75 5.63 51.56
C ASP E 396 -12.31 5.13 50.23
N PHE E 397 -13.62 4.84 50.18
CA PHE E 397 -14.22 4.38 48.94
C PHE E 397 -14.16 5.45 47.86
N GLU E 398 -14.58 6.67 48.19
CA GLU E 398 -14.63 7.72 47.18
C GLU E 398 -13.24 8.06 46.64
N GLU E 399 -12.25 8.11 47.52
CA GLU E 399 -10.90 8.45 47.07
C GLU E 399 -10.23 7.29 46.34
N ALA E 400 -10.66 6.05 46.60
CA ALA E 400 -10.08 4.90 45.90
C ALA E 400 -10.58 4.79 44.46
N ILE E 401 -11.77 5.33 44.17
CA ILE E 401 -12.27 5.31 42.79
C ILE E 401 -11.44 6.24 41.92
N ASP E 402 -11.06 7.40 42.46
CA ASP E 402 -10.33 8.39 41.68
C ASP E 402 -8.96 7.86 41.25
N ARG E 403 -8.28 7.14 42.14
CA ARG E 403 -6.95 6.63 41.80
C ARG E 403 -6.98 5.57 40.71
N VAL E 404 -8.15 5.03 40.39
CA VAL E 404 -8.27 4.06 39.30
C VAL E 404 -8.52 4.75 37.98
N ILE E 405 -9.33 5.82 37.97
CA ILE E 405 -9.68 6.50 36.74
C ILE E 405 -8.55 7.39 36.26
N ALA E 406 -8.11 8.32 37.12
CA ALA E 406 -7.12 9.31 36.74
C ALA E 406 -5.72 8.95 37.22
N GLY E 407 -5.53 8.79 38.53
CA GLY E 407 -4.24 8.48 39.08
C GLY E 407 -4.06 9.05 40.47
N PRO E 408 -2.91 8.77 41.09
CA PRO E 408 -2.65 9.30 42.43
C PRO E 408 -2.43 10.79 42.42
N ALA E 409 -2.76 11.43 43.55
CA ALA E 409 -2.55 12.86 43.67
C ALA E 409 -1.07 13.20 43.64
N ARG E 410 -0.74 14.38 43.11
CA ARG E 410 0.63 14.83 42.94
C ARG E 410 0.82 16.14 43.70
N LYS E 411 1.20 16.03 44.98
CA LYS E 411 1.46 17.21 45.79
C LYS E 411 2.83 17.80 45.57
N SER E 412 3.72 17.11 44.84
CA SER E 412 5.04 17.65 44.57
C SER E 412 4.99 18.76 43.52
N LYS E 413 3.98 18.75 42.66
CA LYS E 413 3.85 19.77 41.62
C LYS E 413 3.61 21.13 42.25
N LEU E 414 4.30 22.14 41.71
CA LEU E 414 4.21 23.50 42.21
C LEU E 414 3.49 24.37 41.18
N ILE E 415 2.49 25.12 41.62
CA ILE E 415 1.70 25.99 40.76
C ILE E 415 1.89 27.42 41.25
N SER E 416 2.21 28.32 40.32
CA SER E 416 2.43 29.72 40.68
C SER E 416 1.15 30.32 41.25
N PRO E 417 1.25 31.22 42.24
CA PRO E 417 0.03 31.80 42.83
C PRO E 417 -0.83 32.56 41.85
N LYS E 418 -0.24 33.19 40.84
CA LYS E 418 -0.98 33.90 39.83
C LYS E 418 -1.49 33.00 38.71
N GLU E 419 -1.15 31.71 38.75
CA GLU E 419 -1.60 30.75 37.75
C GLU E 419 -2.66 29.79 38.25
N LYS E 420 -2.77 29.61 39.57
CA LYS E 420 -3.85 28.81 40.14
C LYS E 420 -5.11 29.62 40.39
N ARG E 421 -5.05 30.95 40.22
CA ARG E 421 -6.26 31.76 40.27
C ARG E 421 -7.07 31.64 38.98
N ILE E 422 -6.40 31.36 37.87
CA ILE E 422 -7.12 31.14 36.61
C ILE E 422 -7.90 29.83 36.66
N ILE E 423 -7.28 28.78 37.22
CA ILE E 423 -7.98 27.49 37.28
C ILE E 423 -9.18 27.56 38.21
N ALA E 424 -9.09 28.35 39.29
CA ALA E 424 -10.23 28.50 40.17
C ALA E 424 -11.42 29.16 39.49
N TYR E 425 -11.17 30.03 38.51
CA TYR E 425 -12.25 30.67 37.76
C TYR E 425 -12.73 29.83 36.59
N TYR E 426 -11.86 28.98 36.03
CA TYR E 426 -12.26 28.14 34.91
C TYR E 426 -13.16 26.99 35.35
N GLU E 427 -13.00 26.52 36.59
CA GLU E 427 -13.82 25.42 37.09
C GLU E 427 -15.05 25.89 37.84
N ALA E 428 -15.01 27.05 38.47
CA ALA E 428 -16.18 27.60 39.12
C ALA E 428 -17.18 28.18 38.12
N GLY E 429 -16.81 28.30 36.85
CA GLY E 429 -17.72 28.78 35.84
C GLY E 429 -18.39 27.63 35.10
N HIS E 430 -17.67 26.51 34.97
CA HIS E 430 -18.26 25.33 34.35
C HIS E 430 -19.32 24.70 35.23
N ALA E 431 -19.31 24.98 36.52
CA ALA E 431 -20.30 24.42 37.43
C ALA E 431 -21.49 25.33 37.67
N VAL E 432 -21.32 26.64 37.58
CA VAL E 432 -22.45 27.56 37.68
C VAL E 432 -23.35 27.44 36.45
N VAL E 433 -22.74 27.36 35.27
CA VAL E 433 -23.54 27.25 34.04
C VAL E 433 -24.25 25.90 34.00
N SER E 434 -23.59 24.84 34.42
CA SER E 434 -24.17 23.51 34.36
C SER E 434 -25.31 23.30 35.35
N THR E 435 -25.52 24.24 36.27
CA THR E 435 -26.62 24.17 37.23
C THR E 435 -27.82 25.03 36.80
N VAL E 436 -27.56 26.18 36.19
CA VAL E 436 -28.65 27.09 35.86
C VAL E 436 -29.51 26.54 34.72
N VAL E 437 -28.88 25.94 33.71
CA VAL E 437 -29.61 25.42 32.55
C VAL E 437 -30.53 24.29 33.00
N PRO E 438 -31.71 24.13 32.39
CA PRO E 438 -32.68 23.14 32.89
C PRO E 438 -32.20 21.69 32.81
N ASN E 439 -31.83 21.24 31.62
CA ASN E 439 -31.48 19.84 31.40
C ASN E 439 -30.01 19.60 31.73
N GLY E 440 -29.77 18.69 32.66
CA GLY E 440 -28.41 18.35 33.04
C GLY E 440 -28.42 17.41 34.23
N GLU E 441 -27.21 17.00 34.62
CA GLU E 441 -27.08 16.17 35.80
C GLU E 441 -26.31 16.90 36.89
N PRO E 442 -26.69 16.72 38.16
CA PRO E 442 -26.12 17.54 39.23
C PRO E 442 -24.64 17.25 39.44
N VAL E 443 -23.97 18.25 40.01
CA VAL E 443 -22.55 18.13 40.32
C VAL E 443 -22.38 17.46 41.67
N HIS E 444 -21.17 16.96 41.92
CA HIS E 444 -20.85 16.27 43.16
C HIS E 444 -19.78 17.00 43.96
N ARG E 445 -18.63 17.31 43.36
CA ARG E 445 -17.60 18.09 44.04
C ARG E 445 -16.74 18.76 42.99
N ILE E 446 -16.05 19.82 43.42
CA ILE E 446 -15.12 20.58 42.59
C ILE E 446 -13.77 20.60 43.30
N SER E 447 -12.71 20.26 42.58
CA SER E 447 -11.38 20.23 43.16
C SER E 447 -10.37 20.75 42.15
N ILE E 448 -9.28 21.32 42.67
CA ILE E 448 -8.22 21.86 41.83
C ILE E 448 -6.86 21.24 42.18
N ILE E 449 -6.87 20.09 42.83
CA ILE E 449 -5.63 19.37 43.13
C ILE E 449 -5.16 18.66 41.86
N PRO E 450 -3.92 18.86 41.44
CA PRO E 450 -3.44 18.20 40.22
C PRO E 450 -3.46 16.69 40.37
N ARG E 451 -3.68 16.00 39.26
CA ARG E 451 -3.82 14.55 39.30
C ARG E 451 -3.47 13.98 37.93
N GLY E 452 -2.67 12.92 37.93
CA GLY E 452 -2.29 12.33 36.66
C GLY E 452 -1.30 13.20 35.90
N TYR E 453 -1.25 12.96 34.59
CA TYR E 453 -0.38 13.72 33.70
C TYR E 453 -1.23 14.64 32.83
N LYS E 454 -0.87 15.92 32.80
CA LYS E 454 -1.57 16.93 32.01
C LYS E 454 -3.03 17.06 32.44
N ALA E 455 -3.21 17.42 33.71
CA ALA E 455 -4.53 17.71 34.26
C ALA E 455 -4.35 18.66 35.44
N LEU E 456 -5.28 19.62 35.56
CA LEU E 456 -5.13 20.65 36.57
C LEU E 456 -6.43 20.96 37.31
N GLY E 457 -7.47 20.15 37.14
CA GLY E 457 -8.73 20.39 37.81
C GLY E 457 -9.87 19.67 37.13
N TYR E 458 -10.84 19.18 37.91
CA TYR E 458 -11.91 18.39 37.34
C TYR E 458 -13.20 18.60 38.13
N THR E 459 -14.31 18.30 37.48
CA THR E 459 -15.64 18.34 38.08
C THR E 459 -16.32 17.01 37.84
N LEU E 460 -17.05 16.52 38.84
CA LEU E 460 -17.67 15.21 38.79
C LEU E 460 -19.19 15.34 38.84
N HIS E 461 -19.88 14.52 38.06
CA HIS E 461 -21.33 14.45 38.07
C HIS E 461 -21.76 13.04 38.47
N LEU E 462 -22.95 12.93 39.05
CA LEU E 462 -23.55 11.63 39.34
C LEU E 462 -24.91 11.55 38.68
N PRO E 463 -25.15 10.56 37.82
CA PRO E 463 -26.45 10.48 37.14
C PRO E 463 -27.58 10.14 38.10
N GLU E 464 -28.79 10.54 37.72
CA GLU E 464 -29.97 10.23 38.49
C GLU E 464 -30.59 8.89 38.11
N GLU E 465 -30.44 8.47 36.86
CA GLU E 465 -30.97 7.20 36.39
C GLU E 465 -30.25 6.85 35.09
N ASP E 466 -30.76 5.84 34.39
CA ASP E 466 -30.17 5.39 33.13
C ASP E 466 -31.13 5.68 32.00
N LYS E 467 -30.62 6.34 30.95
CA LYS E 467 -31.42 6.75 29.81
C LYS E 467 -30.86 6.18 28.53
N TYR E 468 -31.73 6.04 27.52
CA TYR E 468 -31.35 5.48 26.24
C TYR E 468 -31.72 6.37 25.05
N LEU E 469 -32.56 7.38 25.22
CA LEU E 469 -32.94 8.30 24.16
C LEU E 469 -32.58 9.71 24.59
N VAL E 470 -31.95 10.46 23.68
CA VAL E 470 -31.54 11.83 23.94
C VAL E 470 -32.32 12.76 23.02
N SER E 471 -32.92 13.79 23.59
CA SER E 471 -33.72 14.74 22.83
C SER E 471 -32.80 15.75 22.16
N ARG E 472 -33.39 16.80 21.60
CA ARG E 472 -32.58 17.89 21.02
C ARG E 472 -32.25 18.95 22.06
N ASN E 473 -33.23 19.35 22.87
CA ASN E 473 -32.99 20.34 23.90
C ASN E 473 -32.02 19.83 24.97
N GLU E 474 -31.85 18.53 25.09
CA GLU E 474 -30.84 17.97 25.98
C GLU E 474 -29.45 17.94 25.36
N LEU E 475 -29.34 18.25 24.07
CA LEU E 475 -28.05 18.38 23.42
C LEU E 475 -27.60 19.82 23.25
N LEU E 476 -28.53 20.77 23.28
CA LEU E 476 -28.17 22.19 23.29
C LEU E 476 -27.80 22.69 24.67
N ASP E 477 -28.06 21.90 25.72
CA ASP E 477 -27.68 22.29 27.07
C ASP E 477 -26.45 21.53 27.57
N LYS E 478 -26.10 20.42 26.96
CA LYS E 478 -24.80 19.82 27.18
C LYS E 478 -23.70 20.56 26.41
N LEU E 479 -24.07 21.34 25.40
CA LEU E 479 -23.11 22.12 24.64
C LEU E 479 -22.87 23.49 25.25
N THR E 480 -23.86 24.06 25.93
CA THR E 480 -23.65 25.33 26.62
C THR E 480 -22.74 25.15 27.83
N ALA E 481 -22.85 24.02 28.52
CA ALA E 481 -22.01 23.77 29.69
C ALA E 481 -20.55 23.69 29.33
N LEU E 482 -20.23 23.05 28.20
CA LEU E 482 -18.83 22.91 27.81
C LEU E 482 -18.20 24.26 27.52
N LEU E 483 -18.96 25.19 26.95
CA LEU E 483 -18.48 26.53 26.65
C LEU E 483 -18.62 27.48 27.84
N GLY E 484 -18.75 26.95 29.05
CA GLY E 484 -18.88 27.78 30.22
C GLY E 484 -17.54 28.24 30.77
N GLY E 485 -16.54 27.37 30.70
CA GLY E 485 -15.23 27.75 31.18
C GLY E 485 -14.58 28.86 30.38
N ARG E 486 -14.66 28.75 29.05
CA ARG E 486 -14.08 29.79 28.19
C ARG E 486 -14.82 31.11 28.34
N ALA E 487 -16.11 31.07 28.65
CA ALA E 487 -16.88 32.29 28.83
C ALA E 487 -16.67 32.93 30.19
N ALA E 488 -15.95 32.27 31.10
CA ALA E 488 -15.66 32.86 32.40
C ALA E 488 -14.33 33.59 32.41
N GLU E 489 -13.35 33.13 31.65
CA GLU E 489 -12.09 33.86 31.53
C GLU E 489 -12.28 35.15 30.75
N GLU E 490 -13.07 35.11 29.68
CA GLU E 490 -13.24 36.28 28.83
C GLU E 490 -13.92 37.43 29.56
N VAL E 491 -14.95 37.12 30.34
CA VAL E 491 -15.68 38.17 31.06
C VAL E 491 -14.82 38.76 32.17
N VAL E 492 -14.07 37.92 32.88
CA VAL E 492 -13.32 38.37 34.04
C VAL E 492 -12.01 39.02 33.63
N PHE E 493 -11.12 38.24 32.99
CA PHE E 493 -9.79 38.71 32.66
C PHE E 493 -9.74 39.46 31.32
N GLY E 494 -10.45 38.97 30.32
CA GLY E 494 -10.40 39.55 28.99
C GLY E 494 -9.33 38.99 28.09
N ASP E 495 -8.48 38.10 28.60
CA ASP E 495 -7.39 37.51 27.83
C ASP E 495 -7.54 36.00 27.89
N VAL E 496 -7.88 35.39 26.76
CA VAL E 496 -8.16 33.97 26.70
C VAL E 496 -6.85 33.18 26.74
N THR E 497 -6.82 32.14 27.56
CA THR E 497 -5.66 31.28 27.72
C THR E 497 -5.79 30.04 26.84
N SER E 498 -4.87 29.10 27.01
CA SER E 498 -4.85 27.86 26.25
C SER E 498 -5.40 26.67 27.02
N GLY E 499 -6.02 26.91 28.18
CA GLY E 499 -6.52 25.80 28.97
C GLY E 499 -7.67 25.07 28.31
N ALA E 500 -8.60 25.81 27.70
CA ALA E 500 -9.81 25.23 27.13
C ALA E 500 -9.57 24.85 25.67
N ALA E 501 -8.70 23.86 25.48
CA ALA E 501 -8.43 23.31 24.16
C ALA E 501 -9.03 21.93 23.95
N ASN E 502 -9.45 21.24 25.01
CA ASN E 502 -10.14 19.97 24.89
C ASN E 502 -11.65 20.10 25.02
N ASP E 503 -12.14 21.18 25.63
CA ASP E 503 -13.57 21.44 25.70
C ASP E 503 -14.09 22.13 24.44
N ILE E 504 -13.22 22.43 23.49
CA ILE E 504 -13.61 23.03 22.23
C ILE E 504 -13.67 21.93 21.17
N GLU E 505 -12.77 20.95 21.29
CA GLU E 505 -12.80 19.82 20.37
C GLU E 505 -14.03 18.95 20.59
N ARG E 506 -14.40 18.71 21.85
CA ARG E 506 -15.56 17.87 22.14
C ARG E 506 -16.88 18.62 21.98
N ALA E 507 -16.85 19.94 21.91
CA ALA E 507 -18.07 20.73 21.71
C ALA E 507 -18.34 21.02 20.24
N THR E 508 -17.47 20.59 19.33
CA THR E 508 -17.69 20.81 17.91
C THR E 508 -17.97 19.53 17.15
N GLU E 509 -17.81 18.35 17.76
CA GLU E 509 -18.30 17.13 17.16
C GLU E 509 -19.69 16.76 17.66
N ILE E 510 -20.14 17.37 18.76
CA ILE E 510 -21.55 17.27 19.13
C ILE E 510 -22.41 18.03 18.13
N ALA E 511 -21.93 19.16 17.63
CA ALA E 511 -22.68 19.96 16.68
C ALA E 511 -22.53 19.48 15.24
N ARG E 512 -21.63 18.56 14.96
CA ARG E 512 -21.50 17.96 13.64
C ARG E 512 -22.31 16.68 13.50
N ASN E 513 -23.00 16.26 14.56
CA ASN E 513 -23.94 15.15 14.47
C ASN E 513 -25.38 15.61 14.40
N MET E 514 -25.70 16.74 15.04
CA MET E 514 -27.05 17.29 14.95
C MET E 514 -27.39 17.71 13.54
N VAL E 515 -26.40 17.87 12.67
CA VAL E 515 -26.59 18.39 11.32
C VAL E 515 -26.43 17.29 10.27
N CYS E 516 -25.37 16.49 10.38
CA CYS E 516 -25.09 15.50 9.36
C CYS E 516 -25.93 14.24 9.55
N GLN E 517 -25.82 13.58 10.70
CA GLN E 517 -26.38 12.24 10.85
C GLN E 517 -27.79 12.26 11.43
N LEU E 518 -27.97 12.83 12.63
CA LEU E 518 -29.25 12.76 13.30
C LEU E 518 -30.33 13.60 12.63
N GLY E 519 -29.96 14.49 11.72
CA GLY E 519 -30.94 15.25 10.97
C GLY E 519 -31.80 16.19 11.79
N MET E 520 -31.18 16.96 12.70
CA MET E 520 -31.89 17.94 13.51
C MET E 520 -31.61 19.37 13.05
N SER E 521 -31.48 19.57 11.75
CA SER E 521 -31.28 20.89 11.17
C SER E 521 -32.49 21.25 10.31
N GLU E 522 -32.96 22.49 10.44
CA GLU E 522 -34.17 22.91 9.76
C GLU E 522 -33.93 23.39 8.33
N GLU E 523 -32.68 23.46 7.89
CA GLU E 523 -32.35 23.89 6.54
C GLU E 523 -31.98 22.74 5.61
N LEU E 524 -31.20 21.78 6.09
CA LEU E 524 -30.76 20.67 5.27
C LEU E 524 -31.74 19.50 5.25
N GLY E 525 -32.78 19.53 6.07
CA GLY E 525 -33.81 18.53 6.03
C GLY E 525 -33.40 17.22 6.68
N PRO E 526 -34.29 16.23 6.65
CA PRO E 526 -34.01 14.90 7.24
C PRO E 526 -33.22 13.98 6.31
N LEU E 527 -31.94 14.26 6.16
CA LEU E 527 -31.06 13.44 5.33
C LEU E 527 -29.80 13.11 6.12
N ALA E 528 -29.03 12.16 5.61
CA ALA E 528 -27.81 11.68 6.26
C ALA E 528 -26.64 11.87 5.31
N TRP E 529 -26.04 13.07 5.33
CA TRP E 529 -24.84 13.32 4.57
C TRP E 529 -23.65 12.67 5.26
N GLY E 530 -22.85 11.93 4.49
CA GLY E 530 -21.70 11.26 5.07
C GLY E 530 -21.46 9.86 4.54
N LYS E 531 -21.39 8.89 5.44
CA LYS E 531 -21.11 7.51 5.06
C LYS E 531 -22.16 6.94 4.11
N ARG E 544 -14.55 7.58 0.54
CA ARG E 544 -15.24 7.12 1.74
C ARG E 544 -15.42 8.26 2.74
N LEU E 545 -16.49 8.17 3.54
CA LEU E 545 -16.85 9.12 4.60
C LEU E 545 -17.27 10.48 4.04
N ARG E 546 -17.23 10.69 2.73
CA ARG E 546 -17.72 11.92 2.13
C ARG E 546 -18.11 11.63 0.68
N ASN E 547 -19.40 11.74 0.38
CA ASN E 547 -19.88 11.66 -1.00
C ASN E 547 -20.97 12.71 -1.16
N TYR E 548 -20.58 13.92 -1.52
CA TYR E 548 -21.50 15.00 -1.85
C TYR E 548 -20.71 16.14 -2.48
N SER E 549 -21.43 17.12 -2.99
CA SER E 549 -20.82 18.18 -3.78
C SER E 549 -20.05 19.14 -2.89
N GLU E 550 -19.52 20.19 -3.52
CA GLU E 550 -18.88 21.29 -2.80
C GLU E 550 -19.86 22.38 -2.44
N GLU E 551 -20.96 22.51 -3.18
CA GLU E 551 -21.99 23.47 -2.82
C GLU E 551 -22.70 23.08 -1.53
N VAL E 552 -22.91 21.77 -1.33
CA VAL E 552 -23.50 21.30 -0.07
C VAL E 552 -22.50 21.44 1.06
N ALA E 553 -21.24 21.12 0.82
CA ALA E 553 -20.23 21.15 1.87
C ALA E 553 -20.01 22.56 2.41
N SER E 554 -20.44 23.59 1.70
CA SER E 554 -20.34 24.96 2.18
C SER E 554 -21.60 25.42 2.90
N LYS E 555 -22.61 24.56 3.00
CA LYS E 555 -23.80 24.87 3.78
C LYS E 555 -23.83 24.15 5.12
N ILE E 556 -23.05 23.09 5.27
CA ILE E 556 -22.93 22.44 6.57
C ILE E 556 -22.14 23.33 7.53
N ASP E 557 -21.10 24.00 7.04
CA ASP E 557 -20.30 24.87 7.88
C ASP E 557 -21.04 26.13 8.31
N GLU E 558 -21.86 26.71 7.45
CA GLU E 558 -22.65 27.87 7.83
C GLU E 558 -23.68 27.55 8.90
N GLU E 559 -24.03 26.26 9.07
CA GLU E 559 -24.92 25.81 10.13
C GLU E 559 -24.17 25.45 11.40
N VAL E 560 -23.03 24.76 11.26
CA VAL E 560 -22.22 24.42 12.42
C VAL E 560 -21.71 25.68 13.11
N LYS E 561 -21.23 26.65 12.33
CA LYS E 561 -20.74 27.89 12.90
C LYS E 561 -21.87 28.75 13.48
N LYS E 562 -23.12 28.45 13.15
CA LYS E 562 -24.24 29.19 13.70
C LYS E 562 -24.80 28.55 14.95
N ILE E 563 -24.77 27.23 15.05
CA ILE E 563 -25.22 26.56 16.27
C ILE E 563 -24.28 26.88 17.43
N VAL E 564 -22.97 26.75 17.20
CA VAL E 564 -22.00 26.90 18.28
C VAL E 564 -21.94 28.35 18.74
N THR E 565 -21.92 29.29 17.81
CA THR E 565 -21.84 30.71 18.19
C THR E 565 -23.06 31.15 18.97
N ASN E 566 -24.24 30.62 18.61
CA ASN E 566 -25.46 31.03 19.29
C ASN E 566 -25.47 30.58 20.76
N CYS E 567 -24.88 29.42 21.05
CA CYS E 567 -24.81 28.96 22.44
C CYS E 567 -23.75 29.72 23.24
N TYR E 568 -22.62 30.03 22.61
CA TYR E 568 -21.55 30.75 23.28
C TYR E 568 -21.95 32.15 23.68
N GLU E 569 -22.92 32.75 23.00
CA GLU E 569 -23.44 34.06 23.39
C GLU E 569 -24.38 34.00 24.57
N ARG E 570 -24.80 32.81 24.98
CA ARG E 570 -25.74 32.63 26.08
C ARG E 570 -25.05 32.22 27.38
N ALA E 571 -23.97 31.45 27.29
CA ALA E 571 -23.17 31.17 28.47
C ALA E 571 -22.58 32.44 29.07
N LYS E 572 -22.12 33.35 28.21
CA LYS E 572 -21.63 34.64 28.69
C LYS E 572 -22.74 35.43 29.37
N GLU E 573 -23.97 35.33 28.85
CA GLU E 573 -25.08 36.04 29.46
C GLU E 573 -25.42 35.47 30.83
N ILE E 574 -25.30 34.15 30.99
CA ILE E 574 -25.58 33.53 32.29
C ILE E 574 -24.60 34.03 33.34
N ILE E 575 -23.32 34.13 32.98
CA ILE E 575 -22.28 34.49 33.95
C ILE E 575 -22.51 35.89 34.49
N ARG E 576 -22.91 36.83 33.62
CA ARG E 576 -23.02 38.22 34.03
C ARG E 576 -24.05 38.42 35.14
N LYS E 577 -25.09 37.59 35.18
CA LYS E 577 -26.07 37.68 36.26
C LYS E 577 -25.48 37.19 37.58
N TYR E 578 -24.87 36.01 37.57
CA TYR E 578 -24.31 35.42 38.79
C TYR E 578 -22.81 35.68 38.85
N ARG E 579 -22.46 36.94 39.08
CA ARG E 579 -21.06 37.32 39.26
C ARG E 579 -20.71 37.64 40.70
N LYS E 580 -21.57 38.35 41.43
CA LYS E 580 -21.31 38.59 42.84
C LYS E 580 -21.29 37.28 43.62
N GLN E 581 -22.05 36.29 43.16
CA GLN E 581 -22.08 34.97 43.79
C GLN E 581 -21.11 33.99 43.17
N LEU E 582 -20.32 34.43 42.19
CA LEU E 582 -19.26 33.60 41.62
C LEU E 582 -17.93 33.80 42.32
N ASP E 583 -17.71 34.98 42.91
CA ASP E 583 -16.47 35.22 43.64
C ASP E 583 -16.46 34.45 44.95
N ASN E 584 -17.62 34.34 45.61
CA ASN E 584 -17.69 33.62 46.88
C ASN E 584 -17.29 32.17 46.71
N ILE E 585 -17.72 31.54 45.60
CA ILE E 585 -17.33 30.17 45.31
C ILE E 585 -15.84 30.05 45.10
N VAL E 586 -15.18 31.13 44.67
CA VAL E 586 -13.75 31.05 44.37
C VAL E 586 -12.91 31.16 45.63
N GLU E 587 -13.18 32.18 46.47
CA GLU E 587 -12.35 32.39 47.64
C GLU E 587 -12.47 31.24 48.64
N ILE E 588 -13.62 30.56 48.67
CA ILE E 588 -13.73 29.34 49.46
C ILE E 588 -12.90 28.23 48.82
N LEU E 589 -12.85 28.19 47.51
CA LEU E 589 -12.14 27.14 46.79
C LEU E 589 -10.63 27.35 46.76
N LEU E 590 -10.14 28.54 47.14
CA LEU E 590 -8.71 28.81 47.11
C LEU E 590 -7.99 28.45 48.39
N GLU E 591 -8.71 28.05 49.44
CA GLU E 591 -8.09 27.62 50.69
C GLU E 591 -8.37 26.17 51.01
N LYS E 592 -9.64 25.75 50.98
CA LYS E 592 -9.97 24.36 51.25
C LYS E 592 -9.63 23.45 50.08
N GLU E 593 -9.51 24.00 48.88
CA GLU E 593 -9.17 23.29 47.65
C GLU E 593 -10.23 22.28 47.23
N THR E 594 -11.41 22.32 47.83
CA THR E 594 -12.49 21.40 47.48
C THR E 594 -13.80 21.95 48.03
N ILE E 595 -14.85 21.92 47.21
CA ILE E 595 -16.18 22.35 47.63
C ILE E 595 -17.17 21.27 47.23
N GLU E 596 -18.22 21.12 48.04
CA GLU E 596 -19.22 20.08 47.82
C GLU E 596 -20.40 20.63 47.03
N GLY E 597 -21.19 19.71 46.47
CA GLY E 597 -22.31 20.12 45.64
C GLY E 597 -23.40 20.83 46.43
N ASP E 598 -23.70 20.34 47.63
CA ASP E 598 -24.78 20.93 48.42
C ASP E 598 -24.47 22.38 48.78
N GLU E 599 -23.22 22.67 49.15
CA GLU E 599 -22.84 24.05 49.46
C GLU E 599 -22.97 24.93 48.22
N LEU E 600 -22.57 24.41 47.06
CA LEU E 600 -22.70 25.17 45.82
C LEU E 600 -24.16 25.52 45.54
N ARG E 601 -25.04 24.52 45.58
CA ARG E 601 -26.44 24.76 45.28
C ARG E 601 -27.13 25.59 46.36
N ARG E 602 -26.59 25.60 47.58
CA ARG E 602 -27.10 26.51 48.59
C ARG E 602 -26.65 27.95 48.33
N ILE E 603 -25.42 28.11 47.86
CA ILE E 603 -24.90 29.46 47.60
C ILE E 603 -25.61 30.09 46.41
N LEU E 604 -25.81 29.34 45.34
CA LEU E 604 -26.43 29.90 44.14
C LEU E 604 -27.84 30.39 44.41
N SER E 605 -28.65 29.59 45.10
CA SER E 605 -30.01 29.98 45.44
C SER E 605 -29.98 30.69 46.79
N GLU E 606 -29.79 32.00 46.75
CA GLU E 606 -29.71 32.80 47.97
C GLU E 606 -31.02 32.77 48.74
N VAL F 161 -34.00 -43.30 -0.04
CA VAL F 161 -33.50 -41.96 -0.30
C VAL F 161 -33.67 -41.59 -1.77
N THR F 162 -34.82 -41.95 -2.34
CA THR F 162 -35.10 -41.64 -3.73
C THR F 162 -35.32 -40.14 -3.89
N PHE F 163 -35.61 -39.72 -5.13
CA PHE F 163 -35.81 -38.31 -5.42
C PHE F 163 -37.02 -37.72 -4.72
N LYS F 164 -37.94 -38.56 -4.23
CA LYS F 164 -39.09 -38.05 -3.49
C LYS F 164 -38.71 -37.49 -2.12
N ASP F 165 -37.48 -37.71 -1.67
CA ASP F 165 -37.02 -37.21 -0.38
C ASP F 165 -36.19 -35.94 -0.51
N VAL F 166 -36.09 -35.38 -1.72
CA VAL F 166 -35.37 -34.14 -1.95
C VAL F 166 -36.31 -33.17 -2.64
N GLY F 167 -36.46 -31.97 -2.08
CA GLY F 167 -37.33 -30.97 -2.64
C GLY F 167 -36.63 -29.62 -2.70
N GLY F 168 -37.13 -28.78 -3.59
CA GLY F 168 -36.63 -27.43 -3.74
C GLY F 168 -35.61 -27.22 -4.84
N ALA F 169 -35.32 -28.24 -5.65
CA ALA F 169 -34.38 -28.09 -6.76
C ALA F 169 -34.85 -29.00 -7.89
N GLU F 170 -35.63 -28.43 -8.81
CA GLU F 170 -36.16 -29.19 -9.92
C GLU F 170 -35.29 -29.12 -11.17
N GLU F 171 -34.19 -28.39 -11.14
CA GLU F 171 -33.27 -28.31 -12.26
C GLU F 171 -32.04 -29.17 -12.07
N ALA F 172 -31.74 -29.59 -10.84
CA ALA F 172 -30.69 -30.55 -10.58
C ALA F 172 -31.21 -31.98 -10.50
N ILE F 173 -32.51 -32.18 -10.71
CA ILE F 173 -33.11 -33.51 -10.73
C ILE F 173 -33.47 -33.93 -12.15
N GLU F 174 -34.21 -33.09 -12.87
CA GLU F 174 -34.57 -33.42 -14.24
C GLU F 174 -33.32 -33.51 -15.12
N GLU F 175 -32.37 -32.62 -14.92
CA GLU F 175 -31.11 -32.66 -15.66
C GLU F 175 -30.26 -33.86 -15.26
N LEU F 176 -30.45 -34.39 -14.06
CA LEU F 176 -29.61 -35.45 -13.51
C LEU F 176 -30.41 -36.75 -13.38
N LYS F 177 -31.23 -37.06 -14.38
CA LYS F 177 -31.97 -38.31 -14.41
C LYS F 177 -31.45 -39.30 -15.44
N GLU F 178 -30.90 -38.83 -16.55
CA GLU F 178 -30.33 -39.75 -17.54
C GLU F 178 -29.11 -40.48 -17.00
N VAL F 179 -28.43 -39.91 -16.00
CA VAL F 179 -27.32 -40.61 -15.37
C VAL F 179 -27.81 -41.91 -14.75
N VAL F 180 -28.99 -41.88 -14.12
CA VAL F 180 -29.61 -43.11 -13.65
C VAL F 180 -29.93 -44.01 -14.84
N GLU F 181 -30.49 -43.43 -15.90
CA GLU F 181 -30.80 -44.21 -17.10
C GLU F 181 -29.53 -44.76 -17.75
N PHE F 182 -28.46 -43.97 -17.79
CA PHE F 182 -27.21 -44.43 -18.38
C PHE F 182 -26.65 -45.64 -17.63
N LEU F 183 -26.95 -45.76 -16.35
CA LEU F 183 -26.54 -46.93 -15.57
C LEU F 183 -27.48 -48.10 -15.73
N LYS F 184 -28.52 -47.98 -16.57
CA LYS F 184 -29.45 -49.05 -16.85
C LYS F 184 -29.28 -49.64 -18.24
N ASP F 185 -29.29 -48.80 -19.28
CA ASP F 185 -29.17 -49.25 -20.67
C ASP F 185 -28.10 -48.39 -21.35
N PRO F 186 -26.82 -48.72 -21.16
CA PRO F 186 -25.76 -47.90 -21.77
C PRO F 186 -25.64 -48.11 -23.27
N SER F 187 -26.50 -48.96 -23.84
CA SER F 187 -26.43 -49.22 -25.29
C SER F 187 -26.98 -48.07 -26.10
N LYS F 188 -27.90 -47.28 -25.53
CA LYS F 188 -28.49 -46.18 -26.28
C LYS F 188 -27.48 -45.09 -26.59
N PHE F 189 -26.50 -44.89 -25.71
CA PHE F 189 -25.54 -43.80 -25.84
C PHE F 189 -24.32 -44.16 -26.66
N ASN F 190 -24.22 -45.40 -27.15
CA ASN F 190 -23.11 -45.80 -27.99
C ASN F 190 -23.50 -45.96 -29.46
N ARG F 191 -24.79 -46.06 -29.77
CA ARG F 191 -25.22 -46.15 -31.16
C ARG F 191 -25.02 -44.84 -31.91
N ILE F 192 -24.88 -43.72 -31.19
CA ILE F 192 -24.74 -42.41 -31.80
C ILE F 192 -23.34 -41.85 -31.62
N GLY F 193 -22.75 -42.03 -30.44
CA GLY F 193 -21.41 -41.53 -30.19
C GLY F 193 -21.29 -40.73 -28.92
N ALA F 194 -22.29 -40.84 -28.05
CA ALA F 194 -22.28 -40.11 -26.79
C ALA F 194 -21.12 -40.57 -25.92
N ARG F 195 -20.52 -39.63 -25.20
CA ARG F 195 -19.31 -39.86 -24.41
C ARG F 195 -19.53 -39.34 -22.98
N MET F 196 -20.63 -39.81 -22.36
CA MET F 196 -21.08 -39.41 -21.02
C MET F 196 -19.89 -39.17 -20.08
N PRO F 197 -19.82 -37.99 -19.46
CA PRO F 197 -18.59 -37.60 -18.76
C PRO F 197 -18.31 -38.49 -17.56
N LYS F 198 -17.02 -38.59 -17.25
CA LYS F 198 -16.54 -39.35 -16.11
C LYS F 198 -16.72 -38.61 -14.79
N GLY F 199 -16.67 -37.28 -14.80
CA GLY F 199 -16.76 -36.48 -13.58
C GLY F 199 -17.86 -35.46 -13.68
N ILE F 200 -18.52 -35.22 -12.54
CA ILE F 200 -19.61 -34.25 -12.43
C ILE F 200 -19.28 -33.30 -11.29
N LEU F 201 -19.35 -32.00 -11.55
CA LEU F 201 -18.96 -30.97 -10.60
C LEU F 201 -20.19 -30.21 -10.13
N LEU F 202 -20.55 -30.38 -8.85
CA LEU F 202 -21.68 -29.67 -8.26
C LEU F 202 -21.18 -28.38 -7.61
N VAL F 203 -21.77 -27.24 -8.01
CA VAL F 203 -21.34 -25.94 -7.50
C VAL F 203 -22.56 -25.19 -6.98
N GLY F 204 -22.37 -24.48 -5.87
CA GLY F 204 -23.42 -23.69 -5.27
C GLY F 204 -23.03 -23.15 -3.91
N PRO F 205 -23.88 -22.29 -3.34
CA PRO F 205 -23.60 -21.78 -2.01
C PRO F 205 -23.53 -22.90 -1.00
N PRO F 206 -22.73 -22.76 0.05
CA PRO F 206 -22.61 -23.83 1.05
C PRO F 206 -23.91 -24.06 1.79
N GLY F 207 -24.13 -25.32 2.17
CA GLY F 207 -25.34 -25.70 2.86
C GLY F 207 -26.56 -25.82 1.98
N THR F 208 -26.41 -25.72 0.66
CA THR F 208 -27.56 -25.80 -0.23
C THR F 208 -28.14 -27.22 -0.27
N GLY F 209 -27.30 -28.23 -0.10
CA GLY F 209 -27.75 -29.61 -0.18
C GLY F 209 -27.09 -30.39 -1.30
N LYS F 210 -25.85 -30.04 -1.61
CA LYS F 210 -25.13 -30.74 -2.68
C LYS F 210 -24.90 -32.19 -2.33
N THR F 211 -24.52 -32.47 -1.08
CA THR F 211 -24.18 -33.83 -0.69
C THR F 211 -25.38 -34.75 -0.76
N LEU F 212 -26.57 -34.24 -0.45
CA LEU F 212 -27.77 -35.08 -0.43
C LEU F 212 -28.10 -35.61 -1.81
N LEU F 213 -27.83 -34.83 -2.85
CA LEU F 213 -28.18 -35.26 -4.21
C LEU F 213 -27.40 -36.50 -4.63
N ALA F 214 -26.11 -36.55 -4.29
CA ALA F 214 -25.30 -37.72 -4.64
C ALA F 214 -25.83 -38.98 -3.95
N ARG F 215 -26.18 -38.87 -2.68
CA ARG F 215 -26.76 -40.01 -1.97
C ARG F 215 -28.09 -40.40 -2.60
N ALA F 216 -28.89 -39.42 -3.01
CA ALA F 216 -30.18 -39.72 -3.62
C ALA F 216 -30.01 -40.48 -4.93
N VAL F 217 -29.08 -40.03 -5.78
CA VAL F 217 -28.90 -40.71 -7.06
C VAL F 217 -28.27 -42.08 -6.84
N ALA F 218 -27.39 -42.22 -5.86
CA ALA F 218 -26.83 -43.54 -5.54
C ALA F 218 -27.92 -44.50 -5.09
N GLY F 219 -28.85 -44.03 -4.25
CA GLY F 219 -29.93 -44.87 -3.80
C GLY F 219 -31.06 -45.07 -4.79
N GLU F 220 -31.11 -44.26 -5.85
CA GLU F 220 -32.17 -44.40 -6.84
C GLU F 220 -32.13 -45.76 -7.50
N ALA F 221 -30.95 -46.17 -7.96
CA ALA F 221 -30.71 -47.53 -8.45
C ALA F 221 -29.71 -48.19 -7.53
N ASN F 222 -30.05 -49.37 -7.01
CA ASN F 222 -29.26 -50.01 -5.96
C ASN F 222 -27.82 -50.19 -6.40
N VAL F 223 -26.92 -49.40 -5.82
CA VAL F 223 -25.53 -49.31 -6.24
C VAL F 223 -24.67 -48.96 -5.03
N PRO F 224 -23.49 -49.55 -4.87
CA PRO F 224 -22.60 -49.14 -3.78
C PRO F 224 -22.25 -47.67 -3.86
N PHE F 225 -22.08 -47.04 -2.71
CA PHE F 225 -21.71 -45.63 -2.61
C PHE F 225 -20.48 -45.50 -1.72
N PHE F 226 -19.45 -44.84 -2.24
CA PHE F 226 -18.22 -44.60 -1.48
C PHE F 226 -18.01 -43.10 -1.35
N HIS F 227 -18.14 -42.59 -0.13
CA HIS F 227 -17.98 -41.17 0.15
C HIS F 227 -16.59 -40.90 0.73
N ILE F 228 -15.91 -39.91 0.18
CA ILE F 228 -14.60 -39.49 0.65
C ILE F 228 -14.59 -37.97 0.70
N SER F 229 -14.08 -37.41 1.79
CA SER F 229 -14.03 -35.96 1.97
C SER F 229 -12.62 -35.45 1.70
N GLY F 230 -12.53 -34.37 0.92
CA GLY F 230 -11.24 -33.75 0.67
C GLY F 230 -10.66 -33.04 1.87
N SER F 231 -11.49 -32.71 2.85
CA SER F 231 -10.97 -32.16 4.10
C SER F 231 -10.14 -33.18 4.86
N ASP F 232 -10.46 -34.47 4.70
CA ASP F 232 -9.64 -35.52 5.31
C ASP F 232 -8.24 -35.55 4.71
N PHE F 233 -8.11 -35.24 3.42
CA PHE F 233 -6.79 -35.19 2.80
C PHE F 233 -5.93 -34.06 3.36
N VAL F 234 -6.54 -33.08 4.03
CA VAL F 234 -5.78 -31.97 4.59
C VAL F 234 -5.04 -32.45 5.83
N GLU F 235 -3.76 -32.09 5.91
CA GLU F 235 -2.87 -32.39 7.04
C GLU F 235 -2.61 -33.88 7.20
N LEU F 236 -2.95 -34.70 6.22
CA LEU F 236 -2.60 -36.11 6.27
C LEU F 236 -1.12 -36.30 6.03
N PHE F 237 -0.60 -37.42 6.51
CA PHE F 237 0.81 -37.74 6.31
C PHE F 237 1.11 -37.95 4.83
N VAL F 238 2.37 -37.72 4.47
CA VAL F 238 2.77 -37.79 3.07
C VAL F 238 2.55 -39.20 2.54
N GLY F 239 1.79 -39.30 1.45
CA GLY F 239 1.51 -40.57 0.81
C GLY F 239 0.27 -41.28 1.29
N VAL F 240 -0.29 -40.87 2.43
CA VAL F 240 -1.50 -41.52 2.94
C VAL F 240 -2.68 -41.28 1.99
N GLY F 241 -2.82 -40.04 1.50
CA GLY F 241 -3.91 -39.74 0.59
C GLY F 241 -3.83 -40.53 -0.70
N ALA F 242 -2.62 -40.64 -1.26
CA ALA F 242 -2.45 -41.41 -2.49
C ALA F 242 -2.81 -42.88 -2.28
N ALA F 243 -2.38 -43.45 -1.15
CA ALA F 243 -2.72 -44.83 -0.84
C ALA F 243 -4.23 -45.00 -0.68
N ARG F 244 -4.88 -44.05 0.00
CA ARG F 244 -6.32 -44.12 0.16
C ARG F 244 -7.03 -44.07 -1.19
N VAL F 245 -6.58 -43.18 -2.08
CA VAL F 245 -7.19 -43.08 -3.40
C VAL F 245 -7.00 -44.37 -4.19
N ARG F 246 -5.78 -44.92 -4.16
CA ARG F 246 -5.52 -46.16 -4.90
C ARG F 246 -6.37 -47.30 -4.37
N ASP F 247 -6.49 -47.42 -3.03
CA ASP F 247 -7.34 -48.45 -2.46
C ASP F 247 -8.80 -48.22 -2.80
N LEU F 248 -9.23 -46.96 -2.88
CA LEU F 248 -10.62 -46.65 -3.23
C LEU F 248 -10.94 -47.15 -4.63
N PHE F 249 -10.11 -46.78 -5.62
CA PHE F 249 -10.38 -47.29 -6.97
C PHE F 249 -10.16 -48.79 -7.08
N ALA F 250 -9.25 -49.36 -6.29
CA ALA F 250 -9.09 -50.81 -6.29
C ALA F 250 -10.36 -51.50 -5.83
N GLN F 251 -10.98 -50.99 -4.76
CA GLN F 251 -12.26 -51.52 -4.31
C GLN F 251 -13.35 -51.29 -5.35
N ALA F 252 -13.38 -50.10 -5.96
CA ALA F 252 -14.44 -49.76 -6.89
C ALA F 252 -14.42 -50.64 -8.13
N LYS F 253 -13.23 -50.88 -8.68
CA LYS F 253 -13.12 -51.66 -9.91
C LYS F 253 -13.53 -53.12 -9.70
N ALA F 254 -13.51 -53.61 -8.46
CA ALA F 254 -13.87 -55.00 -8.21
C ALA F 254 -15.37 -55.23 -8.28
N HIS F 255 -16.17 -54.20 -8.07
CA HIS F 255 -17.61 -54.33 -7.96
C HIS F 255 -18.30 -53.96 -9.28
N ALA F 256 -19.63 -54.01 -9.24
CA ALA F 256 -20.48 -53.58 -10.33
C ALA F 256 -20.33 -52.07 -10.52
N PRO F 257 -20.97 -51.49 -11.57
CA PRO F 257 -20.94 -50.02 -11.69
C PRO F 257 -21.32 -49.30 -10.41
N CYS F 258 -20.36 -48.55 -9.86
CA CYS F 258 -20.46 -47.98 -8.53
C CYS F 258 -20.52 -46.46 -8.61
N ILE F 259 -20.73 -45.84 -7.44
CA ILE F 259 -20.78 -44.39 -7.31
C ILE F 259 -19.74 -43.97 -6.28
N VAL F 260 -18.86 -43.06 -6.66
CA VAL F 260 -17.83 -42.54 -5.78
C VAL F 260 -17.99 -41.02 -5.69
N PHE F 261 -18.07 -40.51 -4.47
CA PHE F 261 -18.22 -39.09 -4.21
C PHE F 261 -16.98 -38.55 -3.53
N ILE F 262 -16.48 -37.42 -4.03
CA ILE F 262 -15.36 -36.70 -3.43
C ILE F 262 -15.87 -35.31 -3.05
N ASP F 263 -15.69 -34.94 -1.78
CA ASP F 263 -16.22 -33.70 -1.24
C ASP F 263 -15.09 -32.72 -1.00
N GLU F 264 -15.42 -31.42 -1.10
CA GLU F 264 -14.53 -30.33 -0.71
C GLU F 264 -13.23 -30.38 -1.51
N ILE F 265 -13.36 -30.30 -2.84
CA ILE F 265 -12.20 -30.40 -3.73
C ILE F 265 -11.47 -29.09 -3.91
N ASP F 266 -12.06 -27.98 -3.46
CA ASP F 266 -11.41 -26.68 -3.62
C ASP F 266 -10.11 -26.60 -2.83
N ALA F 267 -10.10 -27.17 -1.62
CA ALA F 267 -8.91 -27.11 -0.77
C ALA F 267 -7.75 -27.90 -1.37
N VAL F 268 -8.04 -29.10 -1.89
CA VAL F 268 -6.98 -29.94 -2.45
C VAL F 268 -6.39 -29.28 -3.69
N GLY F 269 -7.24 -28.77 -4.58
CA GLY F 269 -6.78 -28.13 -5.78
C GLY F 269 -6.74 -26.61 -5.69
N GLU F 284 -0.76 -31.52 -2.82
CA GLU F 284 -0.21 -31.41 -4.16
C GLU F 284 0.15 -32.77 -4.72
N GLN F 285 0.80 -33.60 -3.90
CA GLN F 285 1.18 -34.94 -4.34
C GLN F 285 -0.04 -35.79 -4.66
N THR F 286 -1.07 -35.73 -3.82
CA THR F 286 -2.28 -36.49 -4.08
C THR F 286 -3.04 -35.95 -5.29
N LEU F 287 -2.89 -34.66 -5.58
CA LEU F 287 -3.56 -34.07 -6.74
C LEU F 287 -3.09 -34.72 -8.04
N ASN F 288 -1.77 -34.77 -8.25
CA ASN F 288 -1.25 -35.32 -9.50
C ASN F 288 -1.57 -36.81 -9.62
N GLN F 289 -1.53 -37.54 -8.51
CA GLN F 289 -1.89 -38.95 -8.54
C GLN F 289 -3.35 -39.14 -8.92
N LEU F 290 -4.23 -38.23 -8.51
CA LEU F 290 -5.64 -38.34 -8.85
C LEU F 290 -5.85 -38.19 -10.35
N LEU F 291 -5.20 -37.20 -10.96
CA LEU F 291 -5.39 -36.94 -12.39
C LEU F 291 -4.97 -38.15 -13.23
N VAL F 292 -3.82 -38.74 -12.90
CA VAL F 292 -3.32 -39.87 -13.68
C VAL F 292 -4.23 -41.09 -13.50
N GLU F 293 -4.61 -41.37 -12.25
CA GLU F 293 -5.42 -42.55 -11.99
C GLU F 293 -6.82 -42.42 -12.58
N MET F 294 -7.37 -41.20 -12.58
CA MET F 294 -8.67 -40.99 -13.21
C MET F 294 -8.62 -41.29 -14.70
N ASP F 295 -7.54 -40.85 -15.38
CA ASP F 295 -7.41 -41.11 -16.81
C ASP F 295 -7.20 -42.58 -17.11
N GLY F 296 -6.83 -43.39 -16.11
CA GLY F 296 -6.56 -44.79 -16.34
C GLY F 296 -7.75 -45.62 -16.74
N PHE F 297 -8.78 -45.65 -15.88
CA PHE F 297 -9.94 -46.49 -16.14
C PHE F 297 -10.78 -45.88 -17.26
N ASP F 298 -11.76 -46.67 -17.72
CA ASP F 298 -12.63 -46.28 -18.82
C ASP F 298 -14.01 -45.92 -18.30
N SER F 299 -14.70 -45.04 -19.03
CA SER F 299 -16.03 -44.60 -18.63
C SER F 299 -17.09 -45.67 -18.86
N LYS F 300 -16.80 -46.67 -19.69
CA LYS F 300 -17.76 -47.73 -19.96
C LYS F 300 -17.82 -48.80 -18.87
N GLU F 301 -16.85 -48.79 -17.95
CA GLU F 301 -16.86 -49.77 -16.86
C GLU F 301 -18.05 -49.53 -15.93
N GLY F 302 -18.39 -48.27 -15.68
CA GLY F 302 -19.47 -47.93 -14.79
C GLY F 302 -19.01 -47.13 -13.59
N ILE F 303 -17.92 -46.39 -13.75
CA ILE F 303 -17.35 -45.57 -12.69
C ILE F 303 -17.80 -44.13 -12.89
N ILE F 304 -18.40 -43.56 -11.85
CA ILE F 304 -18.88 -42.19 -11.87
C ILE F 304 -18.26 -41.45 -10.70
N VAL F 305 -17.72 -40.26 -10.97
CA VAL F 305 -17.06 -39.44 -9.96
C VAL F 305 -17.82 -38.12 -9.84
N MET F 306 -18.24 -37.79 -8.62
CA MET F 306 -18.97 -36.57 -8.35
C MET F 306 -18.17 -35.69 -7.41
N ALA F 307 -17.93 -34.45 -7.81
CA ALA F 307 -17.18 -33.48 -7.03
C ALA F 307 -18.09 -32.33 -6.63
N ALA F 308 -17.92 -31.85 -5.40
CA ALA F 308 -18.74 -30.77 -4.84
C ALA F 308 -17.82 -29.71 -4.25
N THR F 309 -17.77 -28.55 -4.90
CA THR F 309 -16.94 -27.44 -4.43
C THR F 309 -17.82 -26.25 -4.06
N ASN F 310 -17.37 -25.48 -3.09
CA ASN F 310 -18.06 -24.27 -2.67
C ASN F 310 -17.56 -23.03 -3.39
N ARG F 311 -16.51 -23.14 -4.21
CA ARG F 311 -15.93 -22.01 -4.91
C ARG F 311 -15.51 -22.47 -6.30
N PRO F 312 -15.95 -21.78 -7.35
CA PRO F 312 -15.60 -22.16 -8.72
C PRO F 312 -14.36 -21.49 -9.29
N ASP F 313 -13.74 -20.57 -8.55
CA ASP F 313 -12.61 -19.79 -9.06
C ASP F 313 -11.26 -20.29 -8.55
N ILE F 314 -11.17 -20.67 -7.27
CA ILE F 314 -9.90 -21.13 -6.71
C ILE F 314 -9.55 -22.55 -7.15
N LEU F 315 -10.39 -23.18 -7.97
CA LEU F 315 -10.11 -24.54 -8.41
C LEU F 315 -8.90 -24.57 -9.35
N ASP F 316 -8.26 -25.72 -9.40
CA ASP F 316 -7.10 -25.90 -10.26
C ASP F 316 -7.52 -25.82 -11.72
N PRO F 317 -6.94 -24.92 -12.53
CA PRO F 317 -7.36 -24.82 -13.93
C PRO F 317 -7.15 -26.10 -14.72
N ALA F 318 -6.15 -26.91 -14.35
CA ALA F 318 -5.88 -28.12 -15.12
C ALA F 318 -7.05 -29.09 -15.09
N LEU F 319 -7.84 -29.09 -14.01
CA LEU F 319 -8.98 -29.99 -13.92
C LEU F 319 -10.09 -29.63 -14.91
N LEU F 320 -10.06 -28.43 -15.48
CA LEU F 320 -11.09 -28.01 -16.42
C LEU F 320 -10.82 -28.48 -17.85
N ARG F 321 -9.68 -29.12 -18.10
CA ARG F 321 -9.38 -29.62 -19.42
C ARG F 321 -10.31 -30.79 -19.77
N PRO F 322 -10.56 -31.02 -21.06
CA PRO F 322 -11.44 -32.14 -21.45
C PRO F 322 -10.87 -33.47 -21.02
N GLY F 323 -11.77 -34.42 -20.77
CA GLY F 323 -11.43 -35.69 -20.17
C GLY F 323 -11.44 -35.68 -18.66
N ARG F 324 -11.16 -34.53 -18.05
CA ARG F 324 -11.27 -34.33 -16.62
C ARG F 324 -12.66 -33.79 -16.31
N PHE F 325 -12.88 -33.27 -15.11
CA PHE F 325 -14.15 -32.65 -14.76
C PHE F 325 -14.53 -31.57 -15.75
N ASP F 326 -15.61 -31.79 -16.50
CA ASP F 326 -16.05 -30.86 -17.52
C ASP F 326 -17.52 -30.52 -17.47
N LYS F 327 -18.36 -31.33 -16.83
CA LYS F 327 -19.79 -31.08 -16.72
C LYS F 327 -20.10 -30.60 -15.32
N LYS F 328 -20.74 -29.44 -15.21
CA LYS F 328 -21.04 -28.82 -13.93
C LYS F 328 -22.53 -28.58 -13.79
N ILE F 329 -23.01 -28.73 -12.56
CA ILE F 329 -24.41 -28.53 -12.20
C ILE F 329 -24.47 -27.48 -11.10
N VAL F 330 -25.29 -26.46 -11.31
CA VAL F 330 -25.40 -25.33 -10.39
C VAL F 330 -26.64 -25.51 -9.54
N VAL F 331 -26.48 -25.45 -8.22
CA VAL F 331 -27.60 -25.50 -7.29
C VAL F 331 -27.83 -24.10 -6.74
N ASP F 332 -29.08 -23.76 -6.50
CA ASP F 332 -29.47 -22.42 -6.10
C ASP F 332 -30.38 -22.46 -4.87
N PRO F 333 -30.41 -21.39 -4.09
CA PRO F 333 -31.31 -21.36 -2.94
C PRO F 333 -32.75 -21.43 -3.39
N PRO F 334 -33.62 -22.04 -2.60
CA PRO F 334 -35.01 -22.21 -3.02
C PRO F 334 -35.76 -20.87 -3.06
N ASP F 335 -36.80 -20.84 -3.88
CA ASP F 335 -37.72 -19.71 -3.92
C ASP F 335 -38.85 -19.96 -2.93
N MET F 336 -39.94 -19.19 -3.02
CA MET F 336 -41.00 -19.26 -2.02
C MET F 336 -41.61 -20.65 -1.95
N LEU F 337 -41.88 -21.28 -3.10
CA LEU F 337 -42.53 -22.58 -3.08
C LEU F 337 -41.58 -23.69 -2.65
N GLY F 338 -40.27 -23.50 -2.82
CA GLY F 338 -39.33 -24.52 -2.40
C GLY F 338 -39.28 -24.70 -0.89
N ARG F 339 -39.33 -23.59 -0.15
CA ARG F 339 -39.28 -23.67 1.31
C ARG F 339 -40.49 -24.39 1.87
N LYS F 340 -41.66 -24.22 1.23
CA LYS F 340 -42.84 -24.97 1.65
C LYS F 340 -42.59 -26.47 1.51
N LYS F 341 -42.00 -26.89 0.38
CA LYS F 341 -41.73 -28.31 0.18
C LYS F 341 -40.72 -28.84 1.19
N ILE F 342 -39.67 -28.05 1.48
CA ILE F 342 -38.67 -28.49 2.45
C ILE F 342 -39.31 -28.65 3.83
N LEU F 343 -40.16 -27.69 4.23
CA LEU F 343 -40.84 -27.81 5.51
C LEU F 343 -41.75 -29.02 5.53
N GLU F 344 -42.47 -29.28 4.44
CA GLU F 344 -43.32 -30.46 4.37
C GLU F 344 -42.50 -31.73 4.54
N ILE F 345 -41.31 -31.77 3.95
CA ILE F 345 -40.46 -32.95 4.04
C ILE F 345 -39.98 -33.15 5.48
N HIS F 346 -39.55 -32.08 6.13
CA HIS F 346 -38.89 -32.23 7.43
C HIS F 346 -39.84 -32.32 8.62
N THR F 347 -41.16 -32.21 8.42
CA THR F 347 -42.08 -32.20 9.54
C THR F 347 -43.03 -33.41 9.56
N ARG F 348 -42.76 -34.43 8.74
CA ARG F 348 -43.69 -35.55 8.64
C ARG F 348 -43.79 -36.30 9.96
N ASN F 349 -42.65 -36.53 10.64
CA ASN F 349 -42.66 -37.35 11.84
C ASN F 349 -43.23 -36.61 13.04
N LYS F 350 -42.90 -35.32 13.19
CA LYS F 350 -43.20 -34.62 14.43
C LYS F 350 -44.70 -34.35 14.57
N PRO F 351 -45.21 -34.34 15.81
CA PRO F 351 -46.65 -34.16 16.02
C PRO F 351 -47.09 -32.70 16.05
N LEU F 352 -47.32 -32.12 14.88
CA LEU F 352 -47.79 -30.74 14.81
C LEU F 352 -49.19 -30.60 15.37
N ALA F 353 -49.54 -29.38 15.77
CA ALA F 353 -50.87 -29.08 16.28
C ALA F 353 -51.83 -28.90 15.10
N GLU F 354 -53.03 -28.40 15.38
CA GLU F 354 -54.08 -28.28 14.36
C GLU F 354 -54.17 -26.89 13.76
N ASP F 355 -53.58 -25.87 14.38
CA ASP F 355 -53.65 -24.51 13.87
C ASP F 355 -52.38 -24.06 13.16
N VAL F 356 -51.40 -24.95 12.98
CA VAL F 356 -50.14 -24.57 12.36
C VAL F 356 -50.34 -24.50 10.85
N ASN F 357 -50.04 -23.33 10.28
CA ASN F 357 -50.11 -23.11 8.84
C ASN F 357 -48.70 -22.98 8.30
N LEU F 358 -48.33 -23.85 7.37
CA LEU F 358 -46.98 -23.86 6.83
C LEU F 358 -46.76 -22.83 5.74
N GLU F 359 -47.83 -22.26 5.18
CA GLU F 359 -47.66 -21.23 4.16
C GLU F 359 -47.23 -19.91 4.78
N ILE F 360 -47.79 -19.57 5.95
CA ILE F 360 -47.39 -18.34 6.63
C ILE F 360 -45.93 -18.41 7.03
N ILE F 361 -45.49 -19.54 7.58
CA ILE F 361 -44.10 -19.69 7.97
C ILE F 361 -43.19 -19.77 6.74
N ALA F 362 -43.73 -20.10 5.58
CA ALA F 362 -42.93 -20.15 4.37
C ALA F 362 -42.61 -18.77 3.82
N LYS F 363 -43.52 -17.81 4.00
CA LYS F 363 -43.32 -16.46 3.45
C LYS F 363 -42.54 -15.55 4.37
N ARG F 364 -42.35 -15.91 5.64
CA ARG F 364 -41.61 -15.09 6.57
C ARG F 364 -40.15 -15.48 6.70
N THR F 365 -39.64 -16.34 5.81
CA THR F 365 -38.28 -16.83 5.90
C THR F 365 -37.55 -16.70 4.56
N PRO F 366 -37.36 -15.48 4.08
CA PRO F 366 -36.66 -15.30 2.80
C PRO F 366 -35.15 -15.38 3.00
N GLY F 367 -34.48 -15.98 2.02
CA GLY F 367 -33.05 -16.11 2.04
C GLY F 367 -32.52 -17.31 2.81
N PHE F 368 -33.39 -18.08 3.46
CA PHE F 368 -32.96 -19.25 4.19
C PHE F 368 -32.61 -20.37 3.22
N VAL F 369 -31.42 -20.97 3.40
CA VAL F 369 -31.04 -22.15 2.64
C VAL F 369 -31.70 -23.36 3.28
N GLY F 370 -31.71 -24.49 2.56
CA GLY F 370 -32.44 -25.65 3.02
C GLY F 370 -31.96 -26.22 4.33
N ALA F 371 -30.74 -25.89 4.75
CA ALA F 371 -30.21 -26.44 5.99
C ALA F 371 -30.80 -25.76 7.22
N ASP F 372 -31.17 -24.49 7.13
CA ASP F 372 -31.61 -23.73 8.30
C ASP F 372 -33.02 -24.08 8.74
N LEU F 373 -33.86 -24.57 7.82
CA LEU F 373 -35.26 -24.83 8.18
C LEU F 373 -35.37 -26.01 9.13
N GLU F 374 -34.53 -27.02 8.96
CA GLU F 374 -34.53 -28.14 9.90
C GLU F 374 -34.10 -27.67 11.29
N ASN F 375 -33.10 -26.78 11.35
CA ASN F 375 -32.70 -26.20 12.61
C ASN F 375 -33.83 -25.40 13.25
N LEU F 376 -34.58 -24.67 12.42
CA LEU F 376 -35.73 -23.93 12.92
C LEU F 376 -36.77 -24.87 13.53
N VAL F 377 -37.04 -25.99 12.86
CA VAL F 377 -38.00 -26.96 13.39
C VAL F 377 -37.50 -27.54 14.70
N ASN F 378 -36.21 -27.85 14.78
CA ASN F 378 -35.65 -28.39 16.02
C ASN F 378 -35.74 -27.39 17.16
N GLU F 379 -35.47 -26.11 16.87
CA GLU F 379 -35.56 -25.08 17.90
C GLU F 379 -37.00 -24.92 18.38
N ALA F 380 -37.95 -24.95 17.45
CA ALA F 380 -39.36 -24.91 17.84
C ALA F 380 -39.72 -26.09 18.73
N ALA F 381 -39.20 -27.27 18.39
CA ALA F 381 -39.42 -28.44 19.22
C ALA F 381 -38.85 -28.24 20.63
N LEU F 382 -37.65 -27.66 20.73
CA LEU F 382 -37.05 -27.40 22.03
C LEU F 382 -37.93 -26.46 22.86
N LEU F 383 -38.37 -25.35 22.26
CA LEU F 383 -39.20 -24.41 23.00
C LEU F 383 -40.55 -25.01 23.37
N ALA F 384 -41.11 -25.89 22.54
CA ALA F 384 -42.33 -26.58 22.91
C ALA F 384 -42.09 -27.53 24.07
N ALA F 385 -40.92 -28.18 24.09
CA ALA F 385 -40.61 -29.17 25.12
C ALA F 385 -40.24 -28.53 26.45
N ARG F 386 -39.78 -27.29 26.46
CA ARG F 386 -39.35 -26.66 27.72
C ARG F 386 -40.49 -26.61 28.72
N GLU F 387 -41.67 -26.17 28.28
CA GLU F 387 -42.83 -26.15 29.18
C GLU F 387 -43.37 -27.56 29.40
N GLY F 388 -43.38 -28.38 28.37
CA GLY F 388 -43.85 -29.75 28.47
C GLY F 388 -45.25 -29.95 27.94
N ARG F 389 -45.36 -30.43 26.71
CA ARG F 389 -46.64 -30.67 26.06
C ARG F 389 -46.38 -31.42 24.76
N ASP F 390 -47.34 -32.26 24.37
CA ASP F 390 -47.13 -33.22 23.30
C ASP F 390 -47.39 -32.66 21.91
N LYS F 391 -47.68 -31.38 21.78
CA LYS F 391 -47.93 -30.76 20.48
C LYS F 391 -47.18 -29.44 20.36
N ILE F 392 -46.91 -29.05 19.13
CA ILE F 392 -46.23 -27.79 18.82
C ILE F 392 -47.24 -26.87 18.19
N THR F 393 -47.59 -25.79 18.89
CA THR F 393 -48.59 -24.85 18.41
C THR F 393 -47.92 -23.78 17.54
N MET F 394 -48.76 -22.89 16.98
CA MET F 394 -48.26 -21.85 16.09
C MET F 394 -47.37 -20.85 16.85
N LYS F 395 -47.73 -20.53 18.08
CA LYS F 395 -46.98 -19.52 18.84
C LYS F 395 -45.51 -19.91 19.01
N ASP F 396 -45.22 -21.21 19.05
CA ASP F 396 -43.83 -21.65 19.18
C ASP F 396 -43.06 -21.41 17.88
N PHE F 397 -43.71 -21.67 16.73
CA PHE F 397 -43.03 -21.45 15.45
C PHE F 397 -42.72 -19.97 15.23
N GLU F 398 -43.72 -19.11 15.43
CA GLU F 398 -43.53 -17.68 15.16
C GLU F 398 -42.48 -17.08 16.08
N GLU F 399 -42.49 -17.46 17.35
CA GLU F 399 -41.52 -16.89 18.28
C GLU F 399 -40.12 -17.49 18.08
N ALA F 400 -40.02 -18.69 17.52
CA ALA F 400 -38.72 -19.29 17.28
C ALA F 400 -38.01 -18.67 16.09
N ILE F 401 -38.74 -18.10 15.14
CA ILE F 401 -38.12 -17.42 14.01
C ILE F 401 -37.44 -16.14 14.48
N ASP F 402 -38.07 -15.42 15.40
CA ASP F 402 -37.52 -14.15 15.85
C ASP F 402 -36.18 -14.33 16.55
N ARG F 403 -36.05 -15.38 17.37
CA ARG F 403 -34.81 -15.60 18.09
C ARG F 403 -33.64 -15.94 17.18
N VAL F 404 -33.90 -16.27 15.92
CA VAL F 404 -32.82 -16.55 14.98
C VAL F 404 -32.38 -15.28 14.26
N ILE F 405 -33.33 -14.40 13.92
CA ILE F 405 -33.01 -13.20 13.18
C ILE F 405 -32.39 -12.14 14.09
N ALA F 406 -33.09 -11.78 15.16
CA ALA F 406 -32.66 -10.70 16.04
C ALA F 406 -31.98 -11.21 17.30
N GLY F 407 -32.67 -12.01 18.10
CA GLY F 407 -32.13 -12.52 19.34
C GLY F 407 -33.20 -12.75 20.39
N PRO F 408 -32.80 -13.26 21.55
CA PRO F 408 -33.77 -13.49 22.61
C PRO F 408 -34.27 -12.19 23.21
N ALA F 409 -35.49 -12.25 23.74
CA ALA F 409 -36.07 -11.08 24.40
C ALA F 409 -35.29 -10.73 25.65
N ARG F 410 -35.25 -9.43 25.96
CA ARG F 410 -34.49 -8.91 27.10
C ARG F 410 -35.46 -8.18 28.03
N LYS F 411 -36.03 -8.91 28.98
CA LYS F 411 -36.93 -8.31 29.96
C LYS F 411 -36.20 -7.64 31.11
N SER F 412 -34.88 -7.84 31.23
CA SER F 412 -34.13 -7.18 32.29
C SER F 412 -33.93 -5.70 32.01
N LYS F 413 -33.97 -5.29 30.74
CA LYS F 413 -33.78 -3.90 30.39
C LYS F 413 -34.93 -3.05 30.92
N LEU F 414 -34.59 -1.89 31.47
CA LEU F 414 -35.55 -0.98 32.06
C LEU F 414 -35.66 0.27 31.20
N ILE F 415 -36.90 0.64 30.85
CA ILE F 415 -37.16 1.81 30.02
C ILE F 415 -37.99 2.79 30.84
N SER F 416 -37.56 4.05 30.85
CA SER F 416 -38.27 5.06 31.63
C SER F 416 -39.69 5.24 31.09
N PRO F 417 -40.67 5.50 31.96
CA PRO F 417 -42.05 5.65 31.47
C PRO F 417 -42.23 6.79 30.48
N LYS F 418 -41.46 7.86 30.59
CA LYS F 418 -41.55 8.98 29.67
C LYS F 418 -40.72 8.76 28.41
N GLU F 419 -40.00 7.65 28.33
CA GLU F 419 -39.17 7.33 27.16
C GLU F 419 -39.75 6.21 26.31
N LYS F 420 -40.62 5.37 26.86
CA LYS F 420 -41.31 4.36 26.08
C LYS F 420 -42.59 4.88 25.45
N ARG F 421 -43.00 6.11 25.79
CA ARG F 421 -44.12 6.73 25.10
C ARG F 421 -43.69 7.26 23.73
N ILE F 422 -42.42 7.62 23.57
CA ILE F 422 -41.92 8.06 22.28
C ILE F 422 -41.86 6.89 21.30
N ILE F 423 -41.41 5.72 21.78
CA ILE F 423 -41.32 4.56 20.91
C ILE F 423 -42.70 4.09 20.46
N ALA F 424 -43.71 4.22 21.32
CA ALA F 424 -45.06 3.86 20.93
C ALA F 424 -45.60 4.74 19.82
N TYR F 425 -45.16 5.99 19.74
CA TYR F 425 -45.59 6.88 18.67
C TYR F 425 -44.73 6.77 17.42
N TYR F 426 -43.47 6.36 17.57
CA TYR F 426 -42.61 6.20 16.41
C TYR F 426 -42.95 4.95 15.61
N GLU F 427 -43.48 3.91 16.26
CA GLU F 427 -43.84 2.69 15.55
C GLU F 427 -45.28 2.66 15.10
N ALA F 428 -46.18 3.34 15.81
CA ALA F 428 -47.57 3.43 15.37
C ALA F 428 -47.75 4.41 14.22
N GLY F 429 -46.72 5.18 13.88
CA GLY F 429 -46.80 6.08 12.75
C GLY F 429 -46.22 5.45 11.50
N HIS F 430 -45.21 4.60 11.66
CA HIS F 430 -44.64 3.88 10.54
C HIS F 430 -45.60 2.85 9.97
N ALA F 431 -46.60 2.42 10.74
CA ALA F 431 -47.57 1.44 10.28
C ALA F 431 -48.84 2.05 9.72
N VAL F 432 -49.22 3.23 10.19
CA VAL F 432 -50.37 3.92 9.61
C VAL F 432 -50.04 4.43 8.22
N VAL F 433 -48.85 4.99 8.03
CA VAL F 433 -48.45 5.49 6.72
C VAL F 433 -48.29 4.34 5.74
N SER F 434 -47.70 3.23 6.18
CA SER F 434 -47.45 2.10 5.30
C SER F 434 -48.72 1.39 4.87
N THR F 435 -49.86 1.71 5.45
CA THR F 435 -51.14 1.12 5.07
C THR F 435 -51.94 2.02 4.14
N VAL F 436 -51.88 3.35 4.35
CA VAL F 436 -52.69 4.26 3.57
C VAL F 436 -52.22 4.34 2.13
N VAL F 437 -50.91 4.37 1.91
CA VAL F 437 -50.34 4.50 0.56
C VAL F 437 -50.71 3.26 -0.25
N PRO F 438 -50.95 3.40 -1.56
CA PRO F 438 -51.45 2.26 -2.35
C PRO F 438 -50.49 1.09 -2.44
N ASN F 439 -49.26 1.32 -2.90
CA ASN F 439 -48.31 0.26 -3.15
C ASN F 439 -47.55 -0.08 -1.87
N GLY F 440 -47.64 -1.33 -1.45
CA GLY F 440 -46.92 -1.77 -0.26
C GLY F 440 -47.32 -3.18 0.10
N GLU F 441 -46.68 -3.70 1.14
CA GLU F 441 -47.04 -5.01 1.63
C GLU F 441 -47.62 -4.93 3.04
N PRO F 442 -48.61 -5.75 3.35
CA PRO F 442 -49.34 -5.58 4.61
C PRO F 442 -48.48 -5.88 5.82
N VAL F 443 -48.87 -5.30 6.96
CA VAL F 443 -48.17 -5.51 8.21
C VAL F 443 -48.69 -6.78 8.88
N HIS F 444 -47.91 -7.29 9.83
CA HIS F 444 -48.24 -8.51 10.55
C HIS F 444 -48.45 -8.27 12.02
N ARG F 445 -47.49 -7.66 12.70
CA ARG F 445 -47.66 -7.30 14.11
C ARG F 445 -46.72 -6.15 14.45
N ILE F 446 -47.05 -5.44 15.52
CA ILE F 446 -46.25 -4.34 16.04
C ILE F 446 -45.92 -4.64 17.50
N SER F 447 -44.65 -4.52 17.86
CA SER F 447 -44.22 -4.81 19.22
C SER F 447 -43.14 -3.81 19.63
N ILE F 448 -43.08 -3.54 20.94
CA ILE F 448 -42.11 -2.61 21.50
C ILE F 448 -41.27 -3.28 22.58
N ILE F 449 -41.21 -4.60 22.59
CA ILE F 449 -40.36 -5.33 23.53
C ILE F 449 -38.92 -5.26 23.03
N PRO F 450 -37.97 -4.83 23.85
CA PRO F 450 -36.58 -4.76 23.38
C PRO F 450 -36.05 -6.13 23.02
N ARG F 451 -35.14 -6.15 22.05
CA ARG F 451 -34.62 -7.42 21.53
C ARG F 451 -33.25 -7.19 20.92
N GLY F 452 -32.31 -8.07 21.25
CA GLY F 452 -30.98 -7.92 20.71
C GLY F 452 -30.24 -6.74 21.34
N TYR F 453 -29.23 -6.26 20.62
CA TYR F 453 -28.43 -5.13 21.05
C TYR F 453 -28.76 -3.93 20.17
N LYS F 454 -29.06 -2.80 20.82
CA LYS F 454 -29.39 -1.55 20.14
C LYS F 454 -30.62 -1.71 19.24
N ALA F 455 -31.73 -2.07 19.89
CA ALA F 455 -33.02 -2.15 19.20
C ALA F 455 -34.11 -1.93 20.24
N LEU F 456 -35.16 -1.20 19.85
CA LEU F 456 -36.20 -0.83 20.81
C LEU F 456 -37.61 -0.99 20.25
N GLY F 457 -37.78 -1.64 19.10
CA GLY F 457 -39.10 -1.81 18.52
C GLY F 457 -39.02 -2.13 17.05
N TYR F 458 -39.92 -2.97 16.55
CA TYR F 458 -39.85 -3.40 15.16
C TYR F 458 -41.25 -3.67 14.63
N THR F 459 -41.36 -3.62 13.30
CA THR F 459 -42.58 -3.94 12.58
C THR F 459 -42.25 -4.99 11.52
N LEU F 460 -43.16 -5.94 11.33
CA LEU F 460 -42.94 -7.06 10.44
C LEU F 460 -43.95 -7.02 9.30
N HIS F 461 -43.49 -7.35 8.09
CA HIS F 461 -44.34 -7.46 6.92
C HIS F 461 -44.27 -8.89 6.38
N LEU F 462 -45.33 -9.32 5.72
CA LEU F 462 -45.34 -10.60 5.02
C LEU F 462 -45.68 -10.38 3.55
N PRO F 463 -44.82 -10.79 2.63
CA PRO F 463 -45.11 -10.55 1.20
C PRO F 463 -46.30 -11.37 0.72
N GLU F 464 -46.95 -10.87 -0.33
CA GLU F 464 -48.06 -11.59 -0.95
C GLU F 464 -47.59 -12.56 -2.03
N GLU F 465 -46.49 -12.26 -2.70
CA GLU F 465 -45.94 -13.13 -3.74
C GLU F 465 -44.49 -12.73 -3.96
N ASP F 466 -43.88 -13.25 -5.02
CA ASP F 466 -42.50 -12.98 -5.35
C ASP F 466 -42.44 -12.16 -6.64
N LYS F 467 -41.71 -11.06 -6.61
CA LYS F 467 -41.62 -10.13 -7.73
C LYS F 467 -40.16 -9.95 -8.14
N TYR F 468 -39.96 -9.58 -9.40
CA TYR F 468 -38.62 -9.37 -9.94
C TYR F 468 -38.42 -8.02 -10.60
N LEU F 469 -39.49 -7.28 -10.90
CA LEU F 469 -39.39 -5.96 -11.49
C LEU F 469 -40.07 -4.95 -10.57
N VAL F 470 -39.40 -3.82 -10.34
CA VAL F 470 -39.91 -2.77 -9.48
C VAL F 470 -40.15 -1.53 -10.33
N SER F 471 -41.35 -0.95 -10.19
CA SER F 471 -41.73 0.22 -10.96
C SER F 471 -41.15 1.47 -10.30
N ARG F 472 -41.58 2.65 -10.76
CA ARG F 472 -41.17 3.88 -10.11
C ARG F 472 -42.12 4.27 -8.99
N ASN F 473 -43.43 4.17 -9.22
CA ASN F 473 -44.40 4.49 -8.19
C ASN F 473 -44.32 3.55 -7.00
N GLU F 474 -43.73 2.36 -7.18
CA GLU F 474 -43.49 1.46 -6.06
C GLU F 474 -42.22 1.82 -5.29
N LEU F 475 -41.41 2.74 -5.81
CA LEU F 475 -40.24 3.22 -5.09
C LEU F 475 -40.48 4.56 -4.40
N LEU F 476 -41.47 5.33 -4.84
CA LEU F 476 -41.86 6.56 -4.15
C LEU F 476 -42.79 6.29 -2.98
N ASP F 477 -43.31 5.06 -2.85
CA ASP F 477 -44.15 4.70 -1.72
C ASP F 477 -43.42 3.85 -0.69
N LYS F 478 -42.32 3.21 -1.07
CA LYS F 478 -41.43 2.63 -0.08
C LYS F 478 -40.57 3.69 0.60
N LEU F 479 -40.45 4.87 -0.01
CA LEU F 479 -39.69 5.97 0.56
C LEU F 479 -40.53 6.83 1.48
N THR F 480 -41.84 6.93 1.22
CA THR F 480 -42.71 7.67 2.13
C THR F 480 -42.90 6.93 3.44
N ALA F 481 -42.94 5.60 3.39
CA ALA F 481 -43.13 4.82 4.61
C ALA F 481 -41.96 4.99 5.57
N LEU F 482 -40.73 5.02 5.04
CA LEU F 482 -39.56 5.16 5.90
C LEU F 482 -39.57 6.49 6.64
N LEU F 483 -40.04 7.55 5.99
CA LEU F 483 -40.13 8.86 6.60
C LEU F 483 -41.41 9.06 7.40
N GLY F 484 -42.07 7.97 7.79
CA GLY F 484 -43.30 8.08 8.55
C GLY F 484 -43.06 8.24 10.04
N GLY F 485 -42.03 7.56 10.55
CA GLY F 485 -41.73 7.68 11.97
C GLY F 485 -41.27 9.07 12.36
N ARG F 486 -40.38 9.66 11.57
CA ARG F 486 -39.89 11.01 11.86
C ARG F 486 -41.00 12.04 11.73
N ALA F 487 -41.97 11.80 10.87
CA ALA F 487 -43.09 12.73 10.70
C ALA F 487 -44.15 12.58 11.78
N ALA F 488 -44.05 11.56 12.64
CA ALA F 488 -45.00 11.41 13.74
C ALA F 488 -44.52 12.08 15.02
N GLU F 489 -43.20 12.11 15.25
CA GLU F 489 -42.67 12.84 16.40
C GLU F 489 -42.82 14.34 16.21
N GLU F 490 -42.57 14.83 15.00
CA GLU F 490 -42.59 16.26 14.75
C GLU F 490 -43.99 16.85 14.93
N VAL F 491 -45.01 16.15 14.44
CA VAL F 491 -46.37 16.66 14.54
C VAL F 491 -46.85 16.62 15.99
N VAL F 492 -46.50 15.55 16.72
CA VAL F 492 -47.04 15.37 18.07
C VAL F 492 -46.24 16.18 19.08
N PHE F 493 -44.95 15.87 19.21
CA PHE F 493 -44.12 16.50 20.24
C PHE F 493 -43.51 17.81 19.78
N GLY F 494 -43.06 17.90 18.54
CA GLY F 494 -42.39 19.08 18.04
C GLY F 494 -40.90 19.09 18.25
N ASP F 495 -40.34 18.10 18.94
CA ASP F 495 -38.92 18.03 19.23
C ASP F 495 -38.40 16.70 18.71
N VAL F 496 -37.58 16.75 17.66
CA VAL F 496 -37.09 15.54 17.00
C VAL F 496 -36.00 14.89 17.83
N THR F 497 -36.09 13.58 17.98
CA THR F 497 -35.12 12.81 18.75
C THR F 497 -34.08 12.21 17.82
N SER F 498 -33.24 11.33 18.36
CA SER F 498 -32.18 10.67 17.61
C SER F 498 -32.53 9.24 17.25
N GLY F 499 -33.78 8.83 17.44
CA GLY F 499 -34.14 7.44 17.14
C GLY F 499 -34.07 7.13 15.66
N ALA F 500 -34.56 8.04 14.82
CA ALA F 500 -34.65 7.79 13.38
C ALA F 500 -33.36 8.23 12.69
N ALA F 501 -32.28 7.50 12.98
CA ALA F 501 -31.00 7.72 12.35
C ALA F 501 -30.63 6.64 11.36
N ASN F 502 -31.31 5.49 11.39
CA ASN F 502 -31.09 4.43 10.40
C ASN F 502 -32.15 4.43 9.31
N ASP F 503 -33.31 5.02 9.56
CA ASP F 503 -34.34 5.17 8.54
C ASP F 503 -34.10 6.38 7.65
N ILE F 504 -33.06 7.15 7.93
CA ILE F 504 -32.71 8.31 7.11
C ILE F 504 -31.57 7.91 6.19
N GLU F 505 -30.69 7.04 6.68
CA GLU F 505 -29.60 6.54 5.84
C GLU F 505 -30.12 5.64 4.73
N ARG F 506 -31.09 4.78 5.03
CA ARG F 506 -31.62 3.88 4.02
C ARG F 506 -32.64 4.55 3.11
N ALA F 507 -33.13 5.72 3.47
CA ALA F 507 -34.07 6.45 2.63
C ALA F 507 -33.38 7.46 1.71
N THR F 508 -32.06 7.58 1.79
CA THR F 508 -31.32 8.49 0.94
C THR F 508 -30.44 7.78 -0.08
N GLU F 509 -30.24 6.47 0.04
CA GLU F 509 -29.62 5.71 -1.02
C GLU F 509 -30.64 5.08 -1.96
N ILE F 510 -31.91 5.04 -1.56
CA ILE F 510 -32.96 4.71 -2.51
C ILE F 510 -33.14 5.84 -3.52
N ALA F 511 -33.00 7.09 -3.08
CA ALA F 511 -33.15 8.25 -3.95
C ALA F 511 -31.89 8.57 -4.73
N ARG F 512 -30.77 7.95 -4.42
CA ARG F 512 -29.55 8.13 -5.20
C ARG F 512 -29.39 7.08 -6.28
N ASN F 513 -30.33 6.14 -6.40
CA ASN F 513 -30.38 5.21 -7.52
C ASN F 513 -31.40 5.59 -8.57
N MET F 514 -32.50 6.22 -8.15
CA MET F 514 -33.49 6.68 -9.11
C MET F 514 -32.93 7.78 -10.02
N VAL F 515 -31.82 8.39 -9.64
CA VAL F 515 -31.25 9.52 -10.36
C VAL F 515 -29.98 9.12 -11.11
N CYS F 516 -29.07 8.42 -10.44
CA CYS F 516 -27.79 8.10 -11.05
C CYS F 516 -27.88 6.91 -11.98
N GLN F 517 -28.31 5.75 -11.47
CA GLN F 517 -28.17 4.50 -12.22
C GLN F 517 -29.43 4.17 -13.03
N LEU F 518 -30.58 4.04 -12.37
CA LEU F 518 -31.78 3.59 -13.05
C LEU F 518 -32.34 4.61 -14.03
N GLY F 519 -31.89 5.87 -13.96
CA GLY F 519 -32.31 6.87 -14.91
C GLY F 519 -33.78 7.22 -14.89
N MET F 520 -34.33 7.44 -13.70
CA MET F 520 -35.73 7.83 -13.54
C MET F 520 -35.87 9.30 -13.14
N SER F 521 -35.00 10.15 -13.69
CA SER F 521 -35.05 11.58 -13.45
C SER F 521 -35.36 12.30 -14.77
N GLU F 522 -36.27 13.26 -14.72
CA GLU F 522 -36.72 13.95 -15.92
C GLU F 522 -35.82 15.09 -16.35
N GLU F 523 -34.80 15.43 -15.56
CA GLU F 523 -33.87 16.50 -15.91
C GLU F 523 -32.54 16.00 -16.43
N LEU F 524 -31.97 14.95 -15.83
CA LEU F 524 -30.68 14.44 -16.24
C LEU F 524 -30.76 13.43 -17.37
N GLY F 525 -31.95 13.00 -17.75
CA GLY F 525 -32.12 12.12 -18.88
C GLY F 525 -31.75 10.68 -18.59
N PRO F 526 -31.83 9.81 -19.60
CA PRO F 526 -31.50 8.39 -19.43
C PRO F 526 -30.01 8.11 -19.58
N LEU F 527 -29.24 8.46 -18.56
CA LEU F 527 -27.81 8.22 -18.53
C LEU F 527 -27.44 7.57 -17.21
N ALA F 528 -26.22 7.05 -17.14
CA ALA F 528 -25.72 6.34 -15.96
C ALA F 528 -24.45 7.04 -15.48
N TRP F 529 -24.62 8.06 -14.66
CA TRP F 529 -23.48 8.73 -14.02
C TRP F 529 -22.94 7.85 -12.90
N GLY F 530 -21.63 7.63 -12.89
CA GLY F 530 -21.04 6.80 -11.85
C GLY F 530 -19.94 5.89 -12.35
N LYS F 531 -20.08 4.59 -12.09
CA LYS F 531 -19.07 3.61 -12.47
C LYS F 531 -18.83 3.59 -13.98
N ARG F 544 -12.10 6.23 -9.64
CA ARG F 544 -13.14 5.20 -9.68
C ARG F 544 -14.40 5.66 -8.97
N LEU F 545 -15.54 5.12 -9.42
CA LEU F 545 -16.87 5.38 -8.87
C LEU F 545 -17.34 6.81 -9.11
N ARG F 546 -16.52 7.66 -9.71
CA ARG F 546 -16.94 9.02 -10.06
C ARG F 546 -16.08 9.50 -11.22
N ASN F 547 -16.71 9.70 -12.38
CA ASN F 547 -16.04 10.34 -13.52
C ASN F 547 -17.04 11.28 -14.18
N TYR F 548 -17.07 12.52 -13.70
CA TYR F 548 -17.87 13.58 -14.31
C TYR F 548 -17.46 14.90 -13.68
N SER F 549 -17.97 15.99 -14.24
CA SER F 549 -17.53 17.32 -13.87
C SER F 549 -18.07 17.71 -12.50
N GLU F 550 -17.78 18.95 -12.12
CA GLU F 550 -18.33 19.54 -10.91
C GLU F 550 -19.64 20.26 -11.17
N GLU F 551 -19.87 20.71 -12.40
CA GLU F 551 -21.14 21.31 -12.75
C GLU F 551 -22.27 20.29 -12.75
N VAL F 552 -21.98 19.06 -13.20
CA VAL F 552 -22.98 18.00 -13.13
C VAL F 552 -23.20 17.56 -11.69
N ALA F 553 -22.13 17.45 -10.91
CA ALA F 553 -22.24 16.98 -9.53
C ALA F 553 -23.06 17.90 -8.66
N SER F 554 -23.29 19.14 -9.08
CA SER F 554 -24.14 20.06 -8.35
C SER F 554 -25.58 20.06 -8.84
N LYS F 555 -25.90 19.23 -9.84
CA LYS F 555 -27.28 19.05 -10.28
C LYS F 555 -27.88 17.75 -9.80
N ILE F 556 -27.06 16.78 -9.41
CA ILE F 556 -27.59 15.56 -8.81
C ILE F 556 -28.13 15.85 -7.41
N ASP F 557 -27.45 16.72 -6.66
CA ASP F 557 -27.91 17.06 -5.32
C ASP F 557 -29.19 17.89 -5.31
N GLU F 558 -29.35 18.81 -6.26
CA GLU F 558 -30.58 19.57 -6.34
C GLU F 558 -31.79 18.70 -6.69
N GLU F 559 -31.57 17.51 -7.25
CA GLU F 559 -32.62 16.54 -7.51
C GLU F 559 -32.86 15.60 -6.35
N VAL F 560 -31.78 15.12 -5.72
CA VAL F 560 -31.93 14.26 -4.55
C VAL F 560 -32.62 15.00 -3.43
N LYS F 561 -32.22 16.25 -3.17
CA LYS F 561 -32.84 17.04 -2.12
C LYS F 561 -34.28 17.44 -2.46
N LYS F 562 -34.68 17.31 -3.72
CA LYS F 562 -36.04 17.63 -4.11
C LYS F 562 -36.96 16.41 -4.07
N ILE F 563 -36.43 15.22 -4.37
CA ILE F 563 -37.24 14.01 -4.27
C ILE F 563 -37.58 13.72 -2.82
N VAL F 564 -36.58 13.76 -1.94
CA VAL F 564 -36.79 13.37 -0.55
C VAL F 564 -37.68 14.37 0.17
N THR F 565 -37.45 15.67 -0.05
CA THR F 565 -38.25 16.69 0.63
C THR F 565 -39.71 16.62 0.20
N ASN F 566 -39.96 16.32 -1.07
CA ASN F 566 -41.33 16.27 -1.57
C ASN F 566 -42.12 15.14 -0.92
N CYS F 567 -41.47 14.02 -0.63
CA CYS F 567 -42.16 12.90 0.02
C CYS F 567 -42.38 13.18 1.51
N TYR F 568 -41.41 13.81 2.17
CA TYR F 568 -41.52 14.10 3.60
C TYR F 568 -42.63 15.09 3.89
N GLU F 569 -43.02 15.92 2.92
CA GLU F 569 -44.15 16.83 3.09
C GLU F 569 -45.50 16.13 2.96
N ARG F 570 -45.51 14.89 2.51
CA ARG F 570 -46.74 14.13 2.29
C ARG F 570 -47.03 13.14 3.40
N ALA F 571 -45.98 12.56 4.00
CA ALA F 571 -46.17 11.73 5.18
C ALA F 571 -46.75 12.54 6.34
N LYS F 572 -46.29 13.78 6.51
CA LYS F 572 -46.87 14.65 7.52
C LYS F 572 -48.34 14.93 7.23
N GLU F 573 -48.68 15.08 5.95
CA GLU F 573 -50.07 15.34 5.59
C GLU F 573 -50.95 14.12 5.89
N ILE F 574 -50.42 12.91 5.69
CA ILE F 574 -51.21 11.72 5.97
C ILE F 574 -51.53 11.63 7.47
N ILE F 575 -50.55 11.94 8.32
CA ILE F 575 -50.73 11.78 9.76
C ILE F 575 -51.83 12.70 10.28
N ARG F 576 -51.89 13.93 9.77
CA ARG F 576 -52.83 14.91 10.30
C ARG F 576 -54.28 14.48 10.12
N LYS F 577 -54.58 13.71 9.08
CA LYS F 577 -55.94 13.21 8.91
C LYS F 577 -56.27 12.12 9.94
N TYR F 578 -55.38 11.13 10.08
CA TYR F 578 -55.61 10.02 10.99
C TYR F 578 -54.85 10.26 12.30
N ARG F 579 -55.34 11.23 13.07
CA ARG F 579 -54.78 11.52 14.38
C ARG F 579 -55.67 11.06 15.52
N LYS F 580 -56.98 11.27 15.42
CA LYS F 580 -57.87 10.75 16.45
C LYS F 580 -57.82 9.23 16.50
N GLN F 581 -57.55 8.58 15.38
CA GLN F 581 -57.43 7.14 15.29
C GLN F 581 -55.99 6.66 15.45
N LEU F 582 -55.05 7.56 15.70
CA LEU F 582 -53.68 7.17 15.99
C LEU F 582 -53.43 7.03 17.48
N ASP F 583 -54.19 7.75 18.31
CA ASP F 583 -54.04 7.61 19.75
C ASP F 583 -54.58 6.28 20.24
N ASN F 584 -55.69 5.81 19.64
CA ASN F 584 -56.27 4.53 20.05
C ASN F 584 -55.28 3.40 19.86
N ILE F 585 -54.54 3.41 18.74
CA ILE F 585 -53.52 2.40 18.50
C ILE F 585 -52.42 2.45 19.54
N VAL F 586 -52.19 3.62 20.16
CA VAL F 586 -51.10 3.76 21.10
C VAL F 586 -51.49 3.23 22.48
N GLU F 587 -52.64 3.67 23.00
CA GLU F 587 -53.02 3.27 24.35
C GLU F 587 -53.28 1.77 24.45
N ILE F 588 -53.70 1.14 23.35
CA ILE F 588 -53.78 -0.32 23.33
C ILE F 588 -52.37 -0.92 23.35
N LEU F 589 -51.43 -0.27 22.66
CA LEU F 589 -50.07 -0.78 22.54
C LEU F 589 -49.23 -0.54 23.79
N LEU F 590 -49.70 0.30 24.72
CA LEU F 590 -48.93 0.61 25.92
C LEU F 590 -49.20 -0.34 27.07
N GLU F 591 -50.17 -1.25 26.95
CA GLU F 591 -50.46 -2.23 27.98
C GLU F 591 -50.21 -3.65 27.50
N LYS F 592 -50.79 -4.05 26.37
CA LYS F 592 -50.57 -5.39 25.85
C LYS F 592 -49.19 -5.55 25.23
N GLU F 593 -48.54 -4.45 24.83
CA GLU F 593 -47.20 -4.42 24.25
C GLU F 593 -47.14 -5.11 22.89
N THR F 594 -48.27 -5.42 22.28
CA THR F 594 -48.30 -6.07 20.97
C THR F 594 -49.69 -5.92 20.39
N ILE F 595 -49.77 -5.56 19.11
CA ILE F 595 -51.03 -5.45 18.39
C ILE F 595 -50.91 -6.20 17.07
N GLU F 596 -52.02 -6.79 16.63
CA GLU F 596 -52.03 -7.59 15.43
C GLU F 596 -52.45 -6.76 14.22
N GLY F 597 -52.15 -7.29 13.03
CA GLY F 597 -52.45 -6.55 11.81
C GLY F 597 -53.94 -6.39 11.56
N ASP F 598 -54.72 -7.43 11.83
CA ASP F 598 -56.16 -7.37 11.57
C ASP F 598 -56.83 -6.30 12.42
N GLU F 599 -56.45 -6.21 13.69
CA GLU F 599 -57.01 -5.16 14.55
C GLU F 599 -56.64 -3.78 14.05
N LEU F 600 -55.40 -3.61 13.60
CA LEU F 600 -54.97 -2.32 13.05
C LEU F 600 -55.81 -1.93 11.84
N ARG F 601 -55.94 -2.83 10.87
CA ARG F 601 -56.70 -2.52 9.67
C ARG F 601 -58.19 -2.39 9.94
N ARG F 602 -58.68 -2.98 11.02
CA ARG F 602 -60.07 -2.75 11.42
C ARG F 602 -60.23 -1.37 12.05
N ILE F 603 -59.24 -0.94 12.83
CA ILE F 603 -59.32 0.36 13.50
C ILE F 603 -59.23 1.49 12.48
N LEU F 604 -58.31 1.38 11.52
CA LEU F 604 -58.12 2.46 10.56
C LEU F 604 -59.37 2.70 9.73
N SER F 605 -59.98 1.63 9.23
CA SER F 605 -61.19 1.74 8.42
C SER F 605 -62.39 1.65 9.37
N GLU F 606 -62.81 2.80 9.88
CA GLU F 606 -63.91 2.87 10.82
C GLU F 606 -65.22 2.40 10.18
#